data_4JHN
#
_entry.id   4JHN
#
_cell.length_a   57.490
_cell.length_b   118.730
_cell.length_c   92.630
_cell.angle_alpha   90.00
_cell.angle_beta   101.54
_cell.angle_gamma   90.00
#
_symmetry.space_group_name_H-M   'P 1 21 1'
#
loop_
_entity.id
_entity.type
_entity.pdbx_description
1 polymer 'X-linked retinitis pigmentosa GTPase regulator'
2 water water
#
_entity_poly.entity_id   1
_entity_poly.type   'polypeptide(L)'
_entity_poly.pdbx_seq_one_letter_code
;MREPEELMPDSGAVFTFGKSKFAENNPGKFWFKNDVPVHLSCGDEHSAVVTGNNKLYMFGSNNWGQLGLGSKSAISKPTC
VKALKPEKVKLAACGRNHTLVSTEGGNVYATGGNNEGQLGLGDTEERNTFHVISFFTSEHKIKQLSAGSNTSAALTEDGR
LFMWGDNSEGQIGLKNVSNVCVPQQVTIGKPVSWISCGYYHSAFVTTDGELYVFGEPENGKLGLPNQLLGNHRTPQLVSE
IPEKVIQVACGGEHTVVLTENAVYTFGLGQFGQLGLGTFLFETSEPKVIENIRDQTISYISCGENHTALITDIGLMYTFG
DGRHGKLGLGLENFTNHFIPTLCSNFLRFIVKLVACGGCHMVVFAAPHRGVAKEIEFDEINDTCLSVATFLPPRRPPAYV
EQKLISEEDLNSAVDHHHHHH
;
_entity_poly.pdbx_strand_id   A,B,C,D
#
# COMPACT_ATOMS: atom_id res chain seq x y z
N MET A 8 5.44 8.30 11.94
CA MET A 8 5.31 7.53 13.20
C MET A 8 3.86 7.42 13.68
N PRO A 9 3.19 8.56 13.97
CA PRO A 9 1.78 8.44 14.30
C PRO A 9 0.99 8.07 13.05
N ASP A 10 -0.18 7.48 13.24
CA ASP A 10 -1.05 7.10 12.12
C ASP A 10 -1.51 8.29 11.30
N SER A 11 -1.58 9.47 11.93
CA SER A 11 -1.98 10.71 11.26
C SER A 11 -0.89 11.24 10.31
N GLY A 12 0.31 10.68 10.41
CA GLY A 12 1.37 10.94 9.45
C GLY A 12 2.47 11.86 9.94
N ALA A 13 3.19 12.45 8.99
CA ALA A 13 4.34 13.30 9.28
C ALA A 13 4.55 14.34 8.18
N VAL A 14 5.29 15.39 8.53
CA VAL A 14 5.76 16.36 7.56
C VAL A 14 7.14 15.91 7.09
N PHE A 15 7.31 15.82 5.77
CA PHE A 15 8.57 15.42 5.16
C PHE A 15 9.20 16.60 4.45
N THR A 16 10.49 16.83 4.72
CA THR A 16 11.20 17.94 4.11
C THR A 16 12.24 17.42 3.11
N PHE A 17 12.37 18.13 1.99
CA PHE A 17 13.35 17.81 0.96
C PHE A 17 14.08 19.06 0.51
N GLY A 18 15.37 18.90 0.18
CA GLY A 18 16.16 20.03 -0.29
C GLY A 18 16.74 20.87 0.84
N LYS A 19 17.05 22.13 0.53
CA LYS A 19 17.61 23.05 1.51
C LYS A 19 16.52 23.80 2.29
N SER A 20 15.91 23.10 3.25
CA SER A 20 14.89 23.70 4.11
C SER A 20 15.49 24.10 5.46
N LYS A 21 16.75 23.72 5.65
CA LYS A 21 17.52 23.93 6.90
C LYS A 21 17.15 22.98 8.04
N PHE A 22 16.10 22.17 7.84
CA PHE A 22 15.73 21.15 8.82
C PHE A 22 16.59 19.90 8.66
N GLU A 24 19.78 19.22 8.66
CA GLU A 24 21.02 19.46 7.91
C GLU A 24 20.83 19.33 6.41
N ASN A 25 19.62 19.66 5.93
CA ASN A 25 19.24 19.61 4.51
C ASN A 25 19.12 18.20 3.91
N ASN A 26 19.31 17.18 4.75
CA ASN A 26 19.03 15.80 4.38
C ASN A 26 17.53 15.54 4.48
N PRO A 27 16.99 14.58 3.70
CA PRO A 27 15.55 14.28 3.80
C PRO A 27 15.08 14.13 5.25
N GLY A 28 14.25 15.06 5.70
CA GLY A 28 13.84 15.12 7.10
C GLY A 28 12.38 14.76 7.35
N LYS A 29 12.06 14.58 8.62
CA LYS A 29 10.75 14.12 9.03
C LYS A 29 10.42 14.66 10.42
N PHE A 30 9.23 15.24 10.57
CA PHE A 30 8.75 15.67 11.89
C PHE A 30 7.23 15.62 12.01
N TRP A 31 6.74 15.55 13.24
CA TRP A 31 5.31 15.61 13.52
C TRP A 31 5.09 16.33 14.83
N PHE A 32 3.81 16.58 15.14
CA PHE A 32 3.44 17.32 16.34
C PHE A 32 2.73 16.44 17.35
N LYS A 33 2.88 16.77 18.63
CA LYS A 33 2.16 16.08 19.69
C LYS A 33 0.70 16.52 19.72
N ASN A 34 -0.19 15.56 19.49
CA ASN A 34 -1.66 15.77 19.49
C ASN A 34 -2.11 16.93 18.61
N ASP A 35 -1.46 17.05 17.46
CA ASP A 35 -1.75 18.11 16.50
C ASP A 35 -1.37 17.63 15.11
N VAL A 36 -1.99 18.20 14.09
CA VAL A 36 -1.79 17.77 12.71
C VAL A 36 -1.68 19.00 11.79
N PRO A 37 -0.80 18.94 10.77
CA PRO A 37 -0.76 20.03 9.80
C PRO A 37 -2.07 20.12 9.03
N VAL A 38 -2.52 21.33 8.73
CA VAL A 38 -3.68 21.55 7.86
C VAL A 38 -3.35 22.42 6.65
N HIS A 39 -2.20 23.09 6.71
CA HIS A 39 -1.78 24.00 5.65
C HIS A 39 -0.26 24.14 5.61
N LEU A 40 0.29 24.07 4.41
CA LEU A 40 1.73 24.24 4.17
C LEU A 40 1.97 25.39 3.21
N SER A 41 3.04 26.15 3.48
CA SER A 41 3.49 27.18 2.56
C SER A 41 5.02 27.22 2.56
N CYS A 42 5.59 27.43 1.39
CA CYS A 42 7.04 27.56 1.24
C CYS A 42 7.38 28.81 0.46
N GLY A 43 8.35 29.56 0.98
CA GLY A 43 8.86 30.75 0.29
C GLY A 43 10.20 30.40 -0.34
N ASP A 44 10.97 31.42 -0.70
CA ASP A 44 12.24 31.17 -1.36
C ASP A 44 13.19 30.32 -0.50
N GLU A 45 13.33 30.68 0.78
CA GLU A 45 14.24 29.97 1.67
C GLU A 45 13.63 29.70 3.06
N HIS A 46 12.32 29.78 3.17
CA HIS A 46 11.65 29.48 4.43
C HIS A 46 10.34 28.71 4.25
N SER A 47 9.78 28.25 5.37
CA SER A 47 8.57 27.43 5.35
C SER A 47 7.65 27.73 6.51
N ALA A 48 6.35 27.53 6.29
CA ALA A 48 5.32 27.73 7.30
C ALA A 48 4.41 26.52 7.39
N VAL A 49 4.06 26.13 8.61
CA VAL A 49 3.09 25.07 8.84
C VAL A 49 1.98 25.58 9.76
N VAL A 50 0.75 25.49 9.30
CA VAL A 50 -0.42 25.79 10.13
C VAL A 50 -1.03 24.48 10.58
N THR A 51 -1.33 24.37 11.87
CA THR A 51 -1.84 23.13 12.44
C THR A 51 -3.34 23.18 12.72
N GLY A 52 -3.93 22.02 12.99
CA GLY A 52 -5.36 21.90 13.30
C GLY A 52 -5.76 22.56 14.61
N ASN A 53 -4.81 22.65 15.54
CA ASN A 53 -5.00 23.39 16.78
C ASN A 53 -4.76 24.90 16.59
N ASN A 54 -4.65 25.32 15.33
CA ASN A 54 -4.56 26.73 14.94
C ASN A 54 -3.28 27.42 15.42
N LYS A 55 -2.18 26.66 15.42
CA LYS A 55 -0.87 27.22 15.71
C LYS A 55 -0.02 27.32 14.45
N LEU A 56 0.94 28.23 14.47
CA LEU A 56 1.84 28.46 13.34
C LEU A 56 3.25 28.06 13.71
N TYR A 57 3.88 27.26 12.85
CA TYR A 57 5.28 26.87 13.02
C TYR A 57 6.09 27.37 11.83
N MET A 58 7.20 28.03 12.12
CA MET A 58 8.07 28.59 11.10
C MET A 58 9.46 28.00 11.18
N PHE A 59 10.12 27.86 10.03
CA PHE A 59 11.52 27.44 9.98
C PHE A 59 12.19 27.80 8.66
N GLY A 60 13.52 27.90 8.69
CA GLY A 60 14.30 28.27 7.51
C GLY A 60 15.09 29.56 7.70
N SER A 61 15.38 30.23 6.59
CA SER A 61 16.11 31.50 6.62
C SER A 61 15.30 32.61 7.26
N ASN A 62 15.99 33.48 8.00
CA ASN A 62 15.34 34.58 8.72
C ASN A 62 16.12 35.88 8.53
N ASN A 63 16.90 35.95 7.44
CA ASN A 63 17.74 37.12 7.19
C ASN A 63 16.96 38.44 7.13
N TRP A 64 15.72 38.37 6.66
CA TRP A 64 14.86 39.55 6.57
C TRP A 64 13.79 39.61 7.66
N GLY A 65 13.82 38.64 8.57
CA GLY A 65 12.83 38.56 9.65
C GLY A 65 11.53 37.90 9.19
N GLN A 66 11.62 37.11 8.12
CA GLN A 66 10.44 36.47 7.52
C GLN A 66 9.82 35.36 8.38
N LEU A 67 10.53 34.89 9.40
CA LEU A 67 9.98 33.87 10.29
C LEU A 67 9.12 34.49 11.39
N GLY A 68 9.26 35.80 11.59
CA GLY A 68 8.50 36.51 12.62
C GLY A 68 8.91 36.12 14.03
N LEU A 69 10.14 35.67 14.18
CA LEU A 69 10.66 35.17 15.45
C LEU A 69 11.91 35.92 15.94
N GLY A 70 12.06 37.17 15.52
CA GLY A 70 13.20 37.98 15.96
C GLY A 70 14.35 38.07 14.98
N SER A 71 15.55 38.33 15.50
CA SER A 71 16.69 38.73 14.67
C SER A 71 17.73 37.64 14.32
N LYS A 72 17.50 36.39 14.72
CA LYS A 72 18.42 35.31 14.37
C LYS A 72 18.50 35.12 12.85
N SER A 73 19.68 34.75 12.37
CA SER A 73 19.92 34.58 10.94
C SER A 73 19.06 33.48 10.32
N ALA A 74 18.91 32.37 11.05
CA ALA A 74 18.13 31.23 10.60
C ALA A 74 17.67 30.38 11.79
N ILE A 75 16.54 29.70 11.61
CA ILE A 75 16.04 28.76 12.60
C ILE A 75 15.80 27.42 11.89
N SER A 76 16.54 26.40 12.31
CA SER A 76 16.54 25.12 11.62
C SER A 76 15.31 24.27 11.91
N LYS A 77 14.85 24.28 13.15
CA LYS A 77 13.73 23.45 13.61
C LYS A 77 12.40 24.19 13.52
N PRO A 78 11.31 23.49 13.17
CA PRO A 78 9.97 24.08 13.19
C PRO A 78 9.64 24.66 14.57
N THR A 79 9.43 25.97 14.61
CA THR A 79 9.30 26.71 15.85
C THR A 79 7.95 27.42 15.92
N CYS A 80 7.23 27.19 17.02
CA CYS A 80 5.93 27.82 17.22
C CYS A 80 6.06 29.33 17.42
N VAL A 81 5.28 30.09 16.64
CA VAL A 81 5.17 31.52 16.85
C VAL A 81 4.20 31.73 18.00
N LYS A 82 4.73 31.75 19.22
CA LYS A 82 3.91 31.83 20.43
C LYS A 82 3.21 33.18 20.62
N ALA A 83 3.69 34.21 19.92
CA ALA A 83 3.08 35.54 19.97
C ALA A 83 1.66 35.53 19.38
N LEU A 84 1.40 34.57 18.50
CA LEU A 84 0.11 34.43 17.84
C LEU A 84 -0.83 33.42 18.51
N LYS A 85 -0.39 32.86 19.64
CA LYS A 85 -1.19 31.86 20.36
C LYS A 85 -2.55 32.34 20.89
N PRO A 86 -2.71 33.65 21.20
CA PRO A 86 -4.05 34.14 21.51
C PRO A 86 -5.04 34.06 20.33
N GLU A 87 -4.50 34.02 19.11
CA GLU A 87 -5.31 34.00 17.89
C GLU A 87 -5.39 32.59 17.28
N LYS A 88 -6.43 32.35 16.50
CA LYS A 88 -6.61 31.09 15.78
C LYS A 88 -6.05 31.20 14.36
N VAL A 89 -4.80 30.79 14.16
CA VAL A 89 -4.16 30.87 12.84
C VAL A 89 -4.80 29.87 11.88
N LYS A 90 -5.19 30.34 10.70
CA LYS A 90 -5.87 29.48 9.72
C LYS A 90 -5.04 29.28 8.45
N LEU A 91 -4.38 30.34 8.00
CA LEU A 91 -3.63 30.30 6.75
C LEU A 91 -2.30 31.04 6.87
N ALA A 92 -1.36 30.68 6.00
CA ALA A 92 -0.10 31.39 5.89
C ALA A 92 0.37 31.36 4.43
N ALA A 93 1.11 32.38 4.03
CA ALA A 93 1.76 32.39 2.72
C ALA A 93 3.15 32.95 2.86
N CYS A 94 4.10 32.27 2.22
CA CYS A 94 5.50 32.67 2.26
C CYS A 94 5.94 33.22 0.91
N GLY A 95 6.58 34.38 0.94
CA GLY A 95 7.14 34.99 -0.27
C GLY A 95 8.65 34.85 -0.29
N ARG A 96 9.32 35.68 -1.09
CA ARG A 96 10.78 35.63 -1.15
C ARG A 96 11.42 35.99 0.19
N ASN A 97 10.93 37.06 0.82
CA ASN A 97 11.52 37.50 2.09
C ASN A 97 10.48 37.93 3.13
N HIS A 98 9.24 37.50 2.95
CA HIS A 98 8.18 37.87 3.87
C HIS A 98 7.13 36.76 4.06
N THR A 99 6.31 36.92 5.08
CA THR A 99 5.26 35.95 5.40
C THR A 99 3.96 36.65 5.79
N LEU A 100 2.86 36.13 5.25
CA LEU A 100 1.51 36.58 5.60
C LEU A 100 0.79 35.49 6.38
N VAL A 101 -0.02 35.90 7.36
CA VAL A 101 -0.79 34.96 8.16
C VAL A 101 -2.19 35.52 8.40
N SER A 102 -3.21 34.66 8.32
CA SER A 102 -4.58 35.07 8.62
C SER A 102 -5.14 34.28 9.79
N THR A 103 -5.97 34.96 10.59
CA THR A 103 -6.56 34.36 11.79
C THR A 103 -8.09 34.39 11.72
N GLU A 104 -8.72 33.46 12.43
CA GLU A 104 -10.18 33.30 12.44
C GLU A 104 -10.92 34.56 12.90
N GLY A 105 -10.32 35.30 13.83
CA GLY A 105 -10.91 36.51 14.40
C GLY A 105 -10.97 37.71 13.47
N GLY A 106 -10.37 37.60 12.29
CA GLY A 106 -10.42 38.64 11.27
C GLY A 106 -9.13 39.43 11.09
N ASN A 107 -8.11 39.08 11.88
CA ASN A 107 -6.81 39.72 11.77
C ASN A 107 -5.91 39.04 10.74
N VAL A 108 -5.24 39.85 9.93
CA VAL A 108 -4.20 39.40 9.01
C VAL A 108 -2.88 40.04 9.45
N TYR A 109 -1.82 39.23 9.48
CA TYR A 109 -0.51 39.67 9.98
C TYR A 109 0.57 39.52 8.92
N ALA A 110 1.63 40.30 9.06
CA ALA A 110 2.78 40.19 8.15
C ALA A 110 4.11 40.44 8.88
N THR A 111 5.17 39.83 8.37
CA THR A 111 6.52 40.00 8.88
C THR A 111 7.53 39.81 7.75
N GLY A 112 8.72 40.38 7.90
CA GLY A 112 9.81 40.18 6.95
C GLY A 112 10.22 41.44 6.22
N GLY A 113 10.76 41.24 5.02
CA GLY A 113 11.15 42.34 4.14
C GLY A 113 9.96 43.19 3.73
N ASN A 114 10.21 44.47 3.45
CA ASN A 114 9.15 45.42 3.17
C ASN A 114 9.58 46.53 2.20
N ASN A 115 10.68 46.29 1.48
CA ASN A 115 11.24 47.28 0.55
CA ASN A 115 11.24 47.28 0.57
C ASN A 115 10.25 47.80 -0.49
N GLU A 116 9.32 46.93 -0.91
CA GLU A 116 8.31 47.31 -1.89
C GLU A 116 6.91 47.47 -1.28
N GLY A 117 6.85 47.44 0.05
CA GLY A 117 5.57 47.58 0.76
C GLY A 117 4.79 46.29 0.89
N GLN A 118 5.47 45.16 0.69
CA GLN A 118 4.81 43.83 0.69
C GLN A 118 4.17 43.40 2.00
N LEU A 119 4.53 44.05 3.10
CA LEU A 119 3.91 43.74 4.39
C LEU A 119 2.52 44.35 4.52
N GLY A 120 2.22 45.34 3.66
CA GLY A 120 0.90 45.98 3.67
C GLY A 120 0.62 46.80 4.91
N LEU A 121 1.70 47.30 5.51
CA LEU A 121 1.62 48.02 6.78
C LEU A 121 1.64 49.54 6.62
N GLY A 122 1.70 49.99 5.38
CA GLY A 122 1.67 51.42 5.08
C GLY A 122 3.03 52.09 4.95
N ASP A 123 4.10 51.37 5.29
CA ASP A 123 5.45 51.87 5.11
C ASP A 123 6.33 50.89 4.33
N THR A 124 7.64 51.14 4.32
CA THR A 124 8.58 50.21 3.69
C THR A 124 9.63 49.71 4.70
N GLU A 125 9.26 49.72 5.97
CA GLU A 125 10.14 49.29 7.05
C GLU A 125 10.01 47.79 7.31
N GLU A 126 11.14 47.09 7.32
CA GLU A 126 11.18 45.68 7.63
C GLU A 126 10.75 45.40 9.07
N ARG A 127 10.11 44.26 9.28
CA ARG A 127 9.72 43.81 10.63
C ARG A 127 10.25 42.40 10.84
N ASN A 128 10.55 42.04 12.09
CA ASN A 128 10.93 40.66 12.40
C ASN A 128 10.01 39.94 13.39
N THR A 129 8.85 40.54 13.64
CA THR A 129 7.74 39.88 14.35
C THR A 129 6.47 40.22 13.59
N PHE A 130 5.43 39.40 13.75
CA PHE A 130 4.17 39.62 13.04
C PHE A 130 3.43 40.88 13.51
N HIS A 131 3.04 41.70 12.54
CA HIS A 131 2.30 42.94 12.77
C HIS A 131 0.95 42.90 12.06
N VAL A 132 -0.09 43.42 12.72
CA VAL A 132 -1.44 43.45 12.15
CA VAL A 132 -1.44 43.45 12.16
C VAL A 132 -1.54 44.37 10.95
N ILE A 133 -2.16 43.88 9.87
CA ILE A 133 -2.48 44.70 8.73
C ILE A 133 -3.86 45.28 9.03
N SER A 134 -3.89 46.52 9.50
CA SER A 134 -5.13 47.11 10.02
C SER A 134 -6.21 47.32 8.95
N PHE A 135 -5.82 47.23 7.68
CA PHE A 135 -6.77 47.28 6.57
C PHE A 135 -7.81 46.15 6.65
N PHE A 136 -7.37 44.95 7.04
CA PHE A 136 -8.25 43.78 7.12
C PHE A 136 -8.95 43.66 8.46
N THR A 137 -10.24 43.35 8.41
CA THR A 137 -11.08 43.22 9.60
C THR A 137 -11.93 41.95 9.47
N SER A 138 -12.79 41.70 10.46
CA SER A 138 -13.70 40.56 10.44
C SER A 138 -14.67 40.59 9.25
N GLU A 139 -14.81 41.76 8.64
CA GLU A 139 -15.57 41.94 7.40
C GLU A 139 -14.98 41.12 6.26
N HIS A 140 -13.65 40.99 6.28
CA HIS A 140 -12.92 40.19 5.29
C HIS A 140 -12.68 38.78 5.83
N LYS A 141 -13.42 37.82 5.32
CA LYS A 141 -13.21 36.42 5.65
C LYS A 141 -12.23 35.84 4.65
N ILE A 142 -11.01 35.55 5.10
CA ILE A 142 -9.93 35.15 4.19
C ILE A 142 -10.02 33.68 3.76
N LYS A 143 -10.09 33.47 2.46
CA LYS A 143 -10.12 32.13 1.86
C LYS A 143 -8.71 31.66 1.51
N GLN A 144 -7.89 32.59 1.03
CA GLN A 144 -6.56 32.25 0.52
C GLN A 144 -5.59 33.41 0.67
N LEU A 145 -4.35 33.08 0.99
CA LEU A 145 -3.24 34.03 0.96
C LEU A 145 -2.23 33.55 -0.08
N SER A 146 -1.54 34.49 -0.71
CA SER A 146 -0.42 34.14 -1.58
C SER A 146 0.66 35.22 -1.47
N ALA A 147 1.90 34.84 -1.74
CA ALA A 147 3.01 35.76 -1.62
C ALA A 147 4.12 35.38 -2.59
N GLY A 148 4.60 36.37 -3.35
CA GLY A 148 5.67 36.17 -4.33
C GLY A 148 6.90 36.94 -3.94
N SER A 149 7.66 37.38 -4.94
CA SER A 149 8.85 38.19 -4.65
C SER A 149 8.43 39.63 -4.40
N ASN A 150 8.35 39.98 -3.12
CA ASN A 150 7.93 41.31 -2.67
C ASN A 150 6.50 41.65 -3.09
N THR A 151 5.67 40.61 -3.21
CA THR A 151 4.26 40.77 -3.57
C THR A 151 3.40 39.97 -2.61
N SER A 152 2.15 40.39 -2.46
CA SER A 152 1.23 39.79 -1.49
C SER A 152 -0.19 39.80 -2.03
N ALA A 153 -0.96 38.78 -1.65
CA ALA A 153 -2.37 38.71 -2.01
C ALA A 153 -3.20 38.08 -0.90
N ALA A 154 -4.43 38.59 -0.75
CA ALA A 154 -5.42 37.99 0.13
C ALA A 154 -6.74 37.92 -0.62
N LEU A 155 -7.34 36.73 -0.63
CA LEU A 155 -8.62 36.50 -1.29
C LEU A 155 -9.69 36.18 -0.26
N THR A 156 -10.81 36.90 -0.33
CA THR A 156 -11.91 36.69 0.62
C THR A 156 -12.87 35.60 0.15
N GLU A 157 -13.67 35.09 1.08
CA GLU A 157 -14.66 34.06 0.78
C GLU A 157 -15.72 34.52 -0.21
N ASP A 158 -16.05 35.81 -0.19
CA ASP A 158 -17.03 36.35 -1.15
C ASP A 158 -16.42 36.78 -2.49
N GLY A 159 -15.12 36.49 -2.67
CA GLY A 159 -14.47 36.61 -3.97
C GLY A 159 -13.76 37.90 -4.29
N ARG A 160 -13.47 38.70 -3.26
CA ARG A 160 -12.72 39.94 -3.41
C ARG A 160 -11.22 39.65 -3.30
N LEU A 161 -10.47 40.10 -4.30
CA LEU A 161 -9.02 39.92 -4.29
C LEU A 161 -8.32 41.22 -3.96
N PHE A 162 -7.42 41.15 -2.98
CA PHE A 162 -6.60 42.29 -2.60
C PHE A 162 -5.13 41.95 -2.80
N MET A 163 -4.38 42.87 -3.39
CA MET A 163 -2.95 42.68 -3.61
C MET A 163 -2.17 43.93 -3.20
N TRP A 164 -0.90 43.72 -2.84
CA TRP A 164 -0.03 44.84 -2.47
C TRP A 164 1.44 44.45 -2.65
N GLY A 165 2.34 45.42 -2.47
CA GLY A 165 3.77 45.21 -2.74
C GLY A 165 4.19 45.71 -4.11
N ASP A 166 5.14 45.01 -4.72
CA ASP A 166 5.75 45.43 -5.98
C ASP A 166 4.82 45.28 -7.20
N ASN A 167 4.74 46.33 -8.01
CA ASN A 167 4.00 46.32 -9.27
C ASN A 167 4.82 46.85 -10.43
N SER A 168 6.14 46.91 -10.26
CA SER A 168 7.03 47.50 -11.26
C SER A 168 6.94 46.81 -12.62
N GLU A 169 6.60 45.53 -12.60
CA GLU A 169 6.38 44.76 -13.84
C GLU A 169 4.91 44.38 -14.03
N GLY A 170 4.03 44.97 -13.23
CA GLY A 170 2.59 44.71 -13.31
C GLY A 170 2.13 43.46 -12.58
N GLN A 171 3.00 42.92 -11.72
CA GLN A 171 2.75 41.63 -11.07
C GLN A 171 1.65 41.63 -10.00
N ILE A 172 1.15 42.80 -9.61
CA ILE A 172 -0.06 42.84 -8.77
C ILE A 172 -1.26 43.47 -9.49
N GLY A 173 -1.14 43.61 -10.81
CA GLY A 173 -2.25 44.00 -11.68
C GLY A 173 -2.81 45.39 -11.49
N LEU A 174 -1.95 46.29 -10.99
CA LEU A 174 -2.38 47.65 -10.66
C LEU A 174 -1.91 48.69 -11.67
N LYS A 175 -1.76 48.25 -12.92
CA LYS A 175 -1.45 49.13 -14.05
C LYS A 175 -0.13 49.89 -13.86
N ASN A 176 -0.17 51.22 -13.93
CA ASN A 176 1.07 52.00 -13.95
C ASN A 176 1.64 52.43 -12.59
N VAL A 177 0.98 52.06 -11.49
CA VAL A 177 1.54 52.34 -10.16
C VAL A 177 2.75 51.43 -9.91
N SER A 178 3.80 52.00 -9.34
CA SER A 178 5.08 51.27 -9.15
C SER A 178 4.97 50.19 -8.08
N ASN A 179 4.28 50.53 -6.99
CA ASN A 179 4.08 49.63 -5.86
C ASN A 179 3.07 50.24 -4.90
N VAL A 180 2.51 49.41 -4.02
CA VAL A 180 1.63 49.91 -2.95
C VAL A 180 1.97 49.25 -1.63
N CYS A 181 1.85 50.01 -0.55
CA CYS A 181 2.18 49.50 0.79
CA CYS A 181 2.17 49.55 0.80
C CYS A 181 0.92 49.28 1.62
N VAL A 182 -0.24 49.36 0.98
CA VAL A 182 -1.53 49.13 1.61
C VAL A 182 -2.34 48.24 0.65
N PRO A 183 -3.04 47.22 1.19
CA PRO A 183 -3.84 46.35 0.32
C PRO A 183 -4.81 47.12 -0.57
N GLN A 184 -4.89 46.73 -1.84
CA GLN A 184 -5.75 47.37 -2.80
C GLN A 184 -6.48 46.31 -3.61
N GLN A 185 -7.76 46.53 -3.87
CA GLN A 185 -8.55 45.55 -4.61
C GLN A 185 -8.11 45.44 -6.06
N VAL A 186 -7.99 44.20 -6.53
CA VAL A 186 -7.70 43.89 -7.91
C VAL A 186 -8.90 43.13 -8.46
N THR A 187 -9.53 43.68 -9.49
CA THR A 187 -10.70 43.06 -10.09
C THR A 187 -10.84 43.35 -11.59
N ILE A 188 -11.48 42.43 -12.28
CA ILE A 188 -11.92 42.64 -13.66
C ILE A 188 -13.44 42.57 -13.77
N GLY A 189 -14.10 42.61 -12.61
CA GLY A 189 -15.57 42.65 -12.53
C GLY A 189 -16.24 41.34 -12.23
N LYS A 190 -15.46 40.35 -11.76
CA LYS A 190 -15.96 39.02 -11.47
C LYS A 190 -15.41 38.51 -10.14
N PRO A 191 -16.19 37.68 -9.41
CA PRO A 191 -15.68 37.08 -8.17
C PRO A 191 -14.52 36.14 -8.46
N VAL A 192 -13.52 36.16 -7.59
CA VAL A 192 -12.30 35.37 -7.74
C VAL A 192 -12.32 34.15 -6.81
N SER A 193 -11.88 33.01 -7.32
CA SER A 193 -11.90 31.75 -6.55
C SER A 193 -10.51 31.21 -6.20
N TRP A 194 -9.48 31.67 -6.89
CA TRP A 194 -8.11 31.18 -6.67
C TRP A 194 -7.10 32.23 -7.06
N ILE A 195 -6.02 32.35 -6.28
CA ILE A 195 -4.94 33.29 -6.60
C ILE A 195 -3.58 32.68 -6.33
N SER A 196 -2.62 32.97 -7.21
CA SER A 196 -1.24 32.55 -7.00
C SER A 196 -0.26 33.65 -7.39
N CYS A 197 0.62 34.01 -6.46
CA CYS A 197 1.69 34.96 -6.74
C CYS A 197 2.97 34.20 -7.00
N GLY A 198 3.45 34.26 -8.23
CA GLY A 198 4.76 33.73 -8.57
C GLY A 198 5.84 34.75 -8.23
N TYR A 199 7.04 34.51 -8.71
CA TYR A 199 8.14 35.42 -8.39
C TYR A 199 7.91 36.82 -8.98
N TYR A 200 7.67 36.90 -10.28
CA TYR A 200 7.52 38.19 -10.98
C TYR A 200 6.25 38.27 -11.83
N HIS A 201 5.34 37.33 -11.60
CA HIS A 201 4.03 37.34 -12.23
C HIS A 201 3.03 36.70 -11.30
N SER A 202 1.75 36.97 -11.52
CA SER A 202 0.67 36.42 -10.70
C SER A 202 -0.50 36.05 -11.58
N ALA A 203 -1.44 35.30 -11.01
CA ALA A 203 -2.62 34.87 -11.74
C ALA A 203 -3.79 34.64 -10.80
N PHE A 204 -5.00 34.84 -11.31
CA PHE A 204 -6.18 34.45 -10.57
C PHE A 204 -7.21 33.74 -11.44
N VAL A 205 -8.09 32.98 -10.78
CA VAL A 205 -9.14 32.23 -11.45
C VAL A 205 -10.47 32.79 -10.95
N THR A 206 -11.37 33.09 -11.87
CA THR A 206 -12.70 33.57 -11.49
C THR A 206 -13.61 32.39 -11.16
N THR A 207 -14.72 32.66 -10.47
CA THR A 207 -15.65 31.60 -10.10
C THR A 207 -16.24 30.86 -11.30
N ASP A 208 -16.31 31.52 -12.47
CA ASP A 208 -16.77 30.86 -13.69
C ASP A 208 -15.66 30.12 -14.47
N GLY A 209 -14.47 30.04 -13.87
CA GLY A 209 -13.37 29.23 -14.43
C GLY A 209 -12.47 29.91 -15.44
N GLU A 210 -12.48 31.23 -15.48
CA GLU A 210 -11.59 31.97 -16.37
C GLU A 210 -10.27 32.25 -15.68
N LEU A 211 -9.18 32.15 -16.43
CA LEU A 211 -7.84 32.42 -15.90
C LEU A 211 -7.32 33.77 -16.37
N TYR A 212 -6.89 34.59 -15.42
CA TYR A 212 -6.30 35.90 -15.71
C TYR A 212 -4.88 35.94 -15.20
N VAL A 213 -3.96 36.41 -16.06
CA VAL A 213 -2.54 36.48 -15.72
CA VAL A 213 -2.54 36.48 -15.71
C VAL A 213 -2.02 37.90 -15.95
N PHE A 214 -0.98 38.27 -15.20
CA PHE A 214 -0.40 39.60 -15.27
C PHE A 214 1.00 39.58 -14.67
N GLY A 215 1.82 40.54 -15.06
CA GLY A 215 3.19 40.61 -14.56
C GLY A 215 4.22 40.64 -15.66
N GLU A 216 5.43 40.24 -15.32
CA GLU A 216 6.58 40.29 -16.24
C GLU A 216 6.30 39.51 -17.53
N PRO A 217 6.30 40.20 -18.69
CA PRO A 217 5.98 39.55 -19.97
C PRO A 217 7.18 38.82 -20.57
N GLU A 218 7.77 37.92 -19.78
CA GLU A 218 9.01 37.26 -20.14
C GLU A 218 8.86 35.74 -20.14
N ASN A 219 9.57 35.10 -21.06
CA ASN A 219 9.71 33.64 -21.09
C ASN A 219 8.43 32.86 -21.40
N GLY A 220 7.38 33.58 -21.78
CA GLY A 220 6.10 32.96 -22.13
C GLY A 220 5.24 32.57 -20.94
N LYS A 221 5.65 32.99 -19.74
CA LYS A 221 4.98 32.55 -18.50
C LYS A 221 3.59 33.14 -18.28
N LEU A 222 3.25 34.19 -19.02
CA LEU A 222 1.89 34.74 -18.95
C LEU A 222 0.91 33.90 -19.77
N GLY A 223 1.43 33.15 -20.74
CA GLY A 223 0.60 32.29 -21.58
C GLY A 223 -0.27 33.06 -22.55
N LEU A 224 0.09 34.32 -22.79
CA LEU A 224 -0.64 35.20 -23.68
C LEU A 224 0.07 35.36 -25.02
N PRO A 225 -0.70 35.50 -26.11
CA PRO A 225 -0.09 35.74 -27.42
C PRO A 225 0.58 37.13 -27.50
N ASN A 226 1.48 37.30 -28.47
CA ASN A 226 2.31 38.49 -28.56
C ASN A 226 1.54 39.83 -28.53
N GLN A 227 0.38 39.87 -29.17
CA GLN A 227 -0.39 41.11 -29.30
C GLN A 227 -0.97 41.60 -27.96
N LEU A 228 -0.94 40.74 -26.96
CA LEU A 228 -1.50 41.09 -25.65
C LEU A 228 -0.43 41.40 -24.61
N LEU A 229 0.83 41.12 -24.92
CA LEU A 229 1.91 41.27 -23.93
C LEU A 229 2.19 42.71 -23.50
N GLY A 230 1.82 43.67 -24.33
CA GLY A 230 1.99 45.09 -24.01
C GLY A 230 1.16 45.55 -22.83
N ASN A 231 0.04 44.85 -22.60
CA ASN A 231 -0.90 45.21 -21.54
C ASN A 231 -0.74 44.32 -20.30
N HIS A 232 0.50 43.92 -20.04
CA HIS A 232 0.82 42.96 -18.99
C HIS A 232 0.63 43.49 -17.55
N ARG A 233 0.38 44.79 -17.41
CA ARG A 233 0.18 45.39 -16.09
C ARG A 233 -1.28 45.35 -15.64
N THR A 234 -2.13 44.83 -16.52
CA THR A 234 -3.57 44.64 -16.25
C THR A 234 -3.88 43.14 -16.38
N PRO A 235 -4.71 42.59 -15.48
CA PRO A 235 -5.04 41.17 -15.62
C PRO A 235 -5.77 40.90 -16.94
N GLN A 236 -5.30 39.88 -17.65
CA GLN A 236 -5.83 39.54 -18.96
C GLN A 236 -6.16 38.06 -19.06
N LEU A 237 -7.22 37.76 -19.80
CA LEU A 237 -7.72 36.39 -19.97
C LEU A 237 -6.79 35.51 -20.80
N VAL A 238 -6.50 34.32 -20.29
CA VAL A 238 -5.79 33.29 -21.05
C VAL A 238 -6.83 32.53 -21.85
N SER A 239 -7.10 32.99 -23.06
CA SER A 239 -8.16 32.44 -23.89
C SER A 239 -7.76 31.12 -24.54
N GLU A 240 -6.46 30.81 -24.53
CA GLU A 240 -5.96 29.58 -25.15
C GLU A 240 -6.18 28.32 -24.31
N ILE A 241 -6.75 28.49 -23.11
CA ILE A 241 -7.28 27.38 -22.34
C ILE A 241 -8.81 27.49 -22.38
N PRO A 242 -9.47 26.66 -23.20
CA PRO A 242 -10.92 26.75 -23.38
C PRO A 242 -11.72 26.11 -22.24
N GLU A 243 -11.10 25.18 -21.51
CA GLU A 243 -11.77 24.48 -20.41
C GLU A 243 -11.81 25.35 -19.16
N LYS A 244 -12.78 25.09 -18.28
CA LYS A 244 -12.85 25.76 -17.00
C LYS A 244 -11.60 25.48 -16.17
N VAL A 245 -10.97 26.54 -15.68
CA VAL A 245 -9.80 26.43 -14.82
C VAL A 245 -10.25 26.33 -13.36
N ILE A 246 -9.55 25.48 -12.59
CA ILE A 246 -9.86 25.24 -11.18
C ILE A 246 -8.78 25.84 -10.28
N GLN A 247 -7.51 25.63 -10.65
CA GLN A 247 -6.39 26.12 -9.86
C GLN A 247 -5.31 26.68 -10.77
N VAL A 248 -4.52 27.60 -10.24
CA VAL A 248 -3.31 28.07 -10.90
C VAL A 248 -2.18 28.18 -9.89
N ALA A 249 -0.98 27.84 -10.32
CA ALA A 249 0.20 27.98 -9.48
C ALA A 249 1.29 28.63 -10.32
N CYS A 250 1.84 29.72 -9.80
CA CYS A 250 2.89 30.47 -10.51
C CYS A 250 4.24 30.26 -9.86
N GLY A 251 5.24 29.94 -10.68
CA GLY A 251 6.59 29.68 -10.19
C GLY A 251 7.57 30.79 -10.49
N GLY A 252 8.84 30.42 -10.70
CA GLY A 252 9.89 31.39 -11.04
C GLY A 252 9.74 31.93 -12.44
N GLU A 253 9.79 31.04 -13.43
CA GLU A 253 9.62 31.45 -14.82
C GLU A 253 8.59 30.60 -15.54
N HIS A 254 7.78 29.88 -14.77
CA HIS A 254 6.74 29.01 -15.34
C HIS A 254 5.41 29.13 -14.61
N THR A 255 4.36 28.61 -15.24
CA THR A 255 3.02 28.66 -14.69
C THR A 255 2.39 27.29 -14.89
N VAL A 256 1.64 26.82 -13.89
CA VAL A 256 0.95 25.54 -13.96
C VAL A 256 -0.55 25.77 -13.74
N VAL A 257 -1.38 25.15 -14.57
CA VAL A 257 -2.82 25.38 -14.54
C VAL A 257 -3.59 24.06 -14.48
N LEU A 258 -4.51 23.96 -13.54
CA LEU A 258 -5.35 22.76 -13.41
C LEU A 258 -6.75 22.98 -13.98
N THR A 259 -7.13 22.11 -14.91
CA THR A 259 -8.52 22.02 -15.38
C THR A 259 -9.04 20.65 -14.95
N GLU A 260 -10.33 20.39 -15.15
CA GLU A 260 -10.93 19.12 -14.71
C GLU A 260 -10.16 17.88 -15.16
N ASN A 261 -9.80 17.83 -16.44
CA ASN A 261 -9.20 16.64 -17.03
C ASN A 261 -7.81 16.86 -17.64
N ALA A 262 -7.20 18.01 -17.36
CA ALA A 262 -5.90 18.33 -17.93
C ALA A 262 -5.10 19.30 -17.08
N VAL A 263 -3.79 19.11 -17.05
CA VAL A 263 -2.87 20.09 -16.48
C VAL A 263 -2.14 20.78 -17.63
N TYR A 264 -2.19 22.10 -17.62
CA TYR A 264 -1.48 22.93 -18.60
C TYR A 264 -0.24 23.54 -17.97
N THR A 265 0.82 23.68 -18.75
CA THR A 265 1.99 24.43 -18.32
C THR A 265 2.46 25.37 -19.41
N PHE A 266 3.13 26.45 -19.00
CA PHE A 266 3.74 27.39 -19.95
C PHE A 266 4.82 28.22 -19.27
N GLY A 267 5.69 28.80 -20.10
CA GLY A 267 6.86 29.52 -19.60
C GLY A 267 8.14 28.75 -19.89
N LEU A 268 9.12 28.91 -18.99
CA LEU A 268 10.41 28.24 -19.13
C LEU A 268 10.40 26.82 -18.59
N GLY A 269 11.15 25.94 -19.25
CA GLY A 269 11.28 24.56 -18.82
C GLY A 269 12.68 24.00 -19.00
N GLN A 270 13.69 24.83 -18.77
CA GLN A 270 15.08 24.42 -18.96
C GLN A 270 15.53 23.36 -17.94
N PHE A 271 14.85 23.30 -16.80
CA PHE A 271 15.11 22.29 -15.77
C PHE A 271 14.11 21.13 -15.83
N GLY A 272 13.12 21.23 -16.72
CA GLY A 272 12.07 20.22 -16.83
C GLY A 272 10.78 20.59 -16.12
N GLN A 273 10.71 21.83 -15.63
CA GLN A 273 9.59 22.26 -14.79
C GLN A 273 8.24 22.41 -15.52
N LEU A 274 8.27 22.36 -16.85
CA LEU A 274 7.03 22.33 -17.65
C LEU A 274 6.44 20.92 -17.74
N GLY A 275 7.29 19.91 -17.59
CA GLY A 275 6.85 18.50 -17.64
C GLY A 275 6.36 18.04 -19.00
N LEU A 276 6.83 18.71 -20.05
CA LEU A 276 6.37 18.46 -21.40
C LEU A 276 7.36 17.62 -22.22
N GLY A 277 8.31 16.99 -21.52
CA GLY A 277 9.30 16.13 -22.17
C GLY A 277 10.65 16.76 -22.35
N THR A 278 11.60 15.95 -22.79
CA THR A 278 13.00 16.33 -22.88
C THR A 278 13.35 17.22 -24.08
N PHE A 279 12.36 17.51 -24.93
CA PHE A 279 12.60 18.29 -26.15
C PHE A 279 12.06 19.72 -26.11
N LEU A 280 11.07 19.96 -25.26
CA LEU A 280 10.42 21.26 -25.18
C LEU A 280 10.91 22.03 -23.95
N PHE A 281 11.72 23.06 -24.19
CA PHE A 281 12.38 23.80 -23.11
C PHE A 281 11.71 25.13 -22.77
N GLU A 282 10.71 25.50 -23.57
CA GLU A 282 9.91 26.71 -23.33
C GLU A 282 8.66 26.70 -24.20
N THR A 283 7.59 27.34 -23.71
CA THR A 283 6.41 27.58 -24.54
C THR A 283 5.65 28.81 -24.07
N SER A 284 5.30 29.66 -25.04
CA SER A 284 4.50 30.86 -24.77
CA SER A 284 4.51 30.86 -24.76
C SER A 284 3.01 30.54 -24.81
N GLU A 285 2.69 29.38 -25.40
CA GLU A 285 1.32 28.89 -25.50
C GLU A 285 1.11 27.81 -24.45
N PRO A 286 -0.03 27.83 -23.74
CA PRO A 286 -0.32 26.74 -22.79
C PRO A 286 -0.36 25.37 -23.47
N LYS A 287 0.33 24.40 -22.88
CA LYS A 287 0.41 23.04 -23.41
C LYS A 287 0.00 22.04 -22.35
N VAL A 288 -0.73 21.01 -22.76
CA VAL A 288 -1.18 19.95 -21.86
C VAL A 288 -0.08 18.92 -21.60
N ILE A 289 0.08 18.54 -20.34
CA ILE A 289 0.97 17.44 -19.96
C ILE A 289 0.27 16.11 -20.28
N GLU A 290 0.88 15.34 -21.18
CA GLU A 290 0.23 14.15 -21.73
C GLU A 290 0.47 12.84 -20.97
N ASN A 291 1.58 12.75 -20.23
CA ASN A 291 1.96 11.48 -19.60
C ASN A 291 1.07 11.05 -18.42
N ILE A 292 0.35 12.01 -17.84
CA ILE A 292 -0.52 11.74 -16.69
C ILE A 292 -2.02 11.96 -16.99
N ARG A 293 -2.39 11.79 -18.26
CA ARG A 293 -3.79 11.92 -18.71
C ARG A 293 -4.74 10.95 -18.03
N ASP A 294 -4.23 9.76 -17.71
CA ASP A 294 -5.01 8.68 -17.10
C ASP A 294 -5.43 8.95 -15.65
N GLN A 295 -4.78 9.90 -15.01
CA GLN A 295 -5.05 10.22 -13.60
C GLN A 295 -5.68 11.60 -13.42
N THR A 296 -6.46 11.75 -12.35
CA THR A 296 -7.12 13.01 -12.02
C THR A 296 -6.29 13.75 -10.97
N ILE A 297 -5.92 14.99 -11.28
CA ILE A 297 -5.10 15.80 -10.39
C ILE A 297 -5.98 16.68 -9.50
N SER A 298 -5.71 16.65 -8.21
CA SER A 298 -6.51 17.38 -7.22
C SER A 298 -5.82 18.64 -6.70
N TYR A 299 -4.50 18.71 -6.82
CA TYR A 299 -3.76 19.87 -6.33
C TYR A 299 -2.46 20.08 -7.10
N ILE A 300 -2.15 21.34 -7.38
CA ILE A 300 -0.91 21.71 -8.06
C ILE A 300 -0.10 22.69 -7.20
N SER A 301 1.22 22.60 -7.30
CA SER A 301 2.13 23.46 -6.54
C SER A 301 3.36 23.78 -7.38
N CYS A 302 3.86 25.00 -7.24
CA CYS A 302 5.05 25.43 -7.97
C CYS A 302 6.13 25.94 -7.03
N GLY A 303 7.36 25.49 -7.25
CA GLY A 303 8.52 26.11 -6.65
C GLY A 303 9.13 27.06 -7.66
N GLU A 304 10.29 27.62 -7.34
CA GLU A 304 10.96 28.50 -8.28
C GLU A 304 11.24 27.78 -9.60
N ASN A 305 11.70 26.53 -9.50
CA ASN A 305 12.15 25.78 -10.66
C ASN A 305 11.69 24.33 -10.70
N HIS A 306 10.66 24.01 -9.92
CA HIS A 306 10.07 22.67 -9.96
C HIS A 306 8.57 22.70 -9.70
N THR A 307 7.91 21.56 -9.90
CA THR A 307 6.46 21.47 -9.82
C THR A 307 6.07 20.19 -9.10
N ALA A 308 4.97 20.25 -8.34
CA ALA A 308 4.41 19.05 -7.70
C ALA A 308 2.91 18.94 -8.00
N LEU A 309 2.47 17.70 -8.25
CA LEU A 309 1.06 17.41 -8.47
C LEU A 309 0.61 16.36 -7.45
N ILE A 310 -0.57 16.55 -6.86
CA ILE A 310 -1.18 15.51 -6.03
C ILE A 310 -2.41 15.00 -6.78
N THR A 311 -2.55 13.67 -6.84
CA THR A 311 -3.71 13.05 -7.49
C THR A 311 -4.86 12.86 -6.50
N ASP A 312 -6.05 12.60 -7.04
CA ASP A 312 -7.25 12.41 -6.23
C ASP A 312 -7.13 11.30 -5.19
N ILE A 313 -6.32 10.29 -5.50
CA ILE A 313 -6.11 9.15 -4.61
C ILE A 313 -4.86 9.29 -3.72
N GLY A 314 -4.18 10.44 -3.83
CA GLY A 314 -3.06 10.76 -2.94
C GLY A 314 -1.66 10.37 -3.37
N LEU A 315 -1.49 10.11 -4.66
CA LEU A 315 -0.15 9.94 -5.23
C LEU A 315 0.43 11.32 -5.51
N MET A 316 1.75 11.42 -5.51
CA MET A 316 2.40 12.68 -5.88
C MET A 316 3.39 12.50 -7.02
N TYR A 317 3.36 13.44 -7.95
CA TYR A 317 4.28 13.51 -9.07
C TYR A 317 5.06 14.81 -9.01
N THR A 318 6.36 14.74 -9.22
CA THR A 318 7.18 15.94 -9.27
C THR A 318 7.99 16.00 -10.55
N PHE A 319 8.40 17.22 -10.92
CA PHE A 319 9.24 17.43 -12.10
C PHE A 319 9.95 18.77 -12.02
N GLY A 320 11.05 18.89 -12.76
CA GLY A 320 11.85 20.09 -12.78
C GLY A 320 13.24 19.90 -12.21
N ASP A 321 13.77 21.00 -11.67
CA ASP A 321 15.12 21.08 -11.11
C ASP A 321 15.33 20.12 -9.94
N GLY A 322 16.32 19.22 -10.09
CA GLY A 322 16.58 18.19 -9.10
C GLY A 322 17.60 18.54 -8.03
N ARG A 323 18.22 19.71 -8.13
CA ARG A 323 19.25 20.14 -7.17
C ARG A 323 18.79 20.04 -5.72
N HIS A 324 19.73 19.63 -4.85
CA HIS A 324 19.51 19.50 -3.40
C HIS A 324 18.52 18.38 -3.00
N GLY A 325 17.99 17.67 -3.99
CA GLY A 325 17.03 16.59 -3.75
C GLY A 325 15.60 17.06 -3.53
N LYS A 326 15.30 18.28 -3.99
CA LYS A 326 14.00 18.93 -3.71
C LYS A 326 12.80 18.31 -4.44
N LEU A 327 13.04 17.40 -5.37
CA LEU A 327 11.93 16.72 -6.05
C LEU A 327 11.30 15.61 -5.20
N GLY A 328 11.99 15.23 -4.13
CA GLY A 328 11.50 14.21 -3.20
C GLY A 328 11.34 12.83 -3.82
N LEU A 329 12.28 12.45 -4.68
CA LEU A 329 12.22 11.18 -5.41
C LEU A 329 13.17 10.12 -4.86
N GLY A 330 14.47 10.43 -4.83
CA GLY A 330 15.50 9.50 -4.38
C GLY A 330 16.69 10.19 -3.71
N LEU A 331 17.33 9.47 -2.80
CA LEU A 331 18.44 10.00 -2.01
C LEU A 331 19.67 10.39 -2.85
N GLU A 332 19.97 9.60 -3.87
CA GLU A 332 21.08 9.88 -4.79
C GLU A 332 20.62 10.57 -6.07
N ASN A 333 19.33 10.47 -6.36
CA ASN A 333 18.75 11.03 -7.58
C ASN A 333 18.60 12.54 -7.50
N PHE A 334 19.54 13.26 -8.13
CA PHE A 334 19.56 14.72 -8.10
C PHE A 334 19.44 15.33 -9.49
N THR A 335 19.11 14.50 -10.49
CA THR A 335 19.04 14.93 -11.88
C THR A 335 17.71 15.66 -12.16
N ASN A 336 17.69 16.44 -13.23
CA ASN A 336 16.47 17.13 -13.66
C ASN A 336 15.47 16.13 -14.24
N HIS A 337 14.18 16.39 -14.01
CA HIS A 337 13.13 15.54 -14.55
C HIS A 337 12.17 16.34 -15.44
N PHE A 338 12.07 15.90 -16.70
CA PHE A 338 11.35 16.63 -17.73
C PHE A 338 9.93 16.13 -17.96
N ILE A 339 9.57 15.06 -17.28
CA ILE A 339 8.19 14.57 -17.24
C ILE A 339 7.77 14.36 -15.78
N PRO A 340 6.47 14.50 -15.48
CA PRO A 340 6.00 14.19 -14.12
C PRO A 340 6.43 12.80 -13.70
N THR A 341 7.09 12.72 -12.54
CA THR A 341 7.69 11.48 -12.08
C THR A 341 7.11 11.07 -10.73
N LEU A 342 6.70 9.82 -10.65
CA LEU A 342 6.02 9.30 -9.46
C LEU A 342 6.94 9.31 -8.24
N CYS A 343 6.45 9.88 -7.14
CA CYS A 343 7.19 9.84 -5.89
C CYS A 343 6.93 8.48 -5.25
N SER A 344 7.66 7.47 -5.73
CA SER A 344 7.45 6.08 -5.35
C SER A 344 7.73 5.81 -3.86
N ASN A 345 8.51 6.67 -3.23
CA ASN A 345 8.78 6.56 -1.79
C ASN A 345 7.56 6.87 -0.92
N PHE A 346 6.54 7.48 -1.51
CA PHE A 346 5.29 7.76 -0.82
C PHE A 346 4.15 6.80 -1.19
N LEU A 347 4.50 5.70 -1.86
CA LEU A 347 3.50 4.75 -2.34
C LEU A 347 2.57 4.17 -1.28
N ARG A 348 3.10 3.92 -0.08
CA ARG A 348 2.27 3.40 1.02
C ARG A 348 1.69 4.51 1.89
N PHE A 349 1.62 5.70 1.33
CA PHE A 349 1.08 6.89 1.99
C PHE A 349 0.04 7.56 1.10
N ILE A 350 -0.87 8.30 1.73
CA ILE A 350 -1.68 9.30 1.04
C ILE A 350 -0.98 10.64 1.24
N VAL A 351 -0.50 11.23 0.15
CA VAL A 351 0.03 12.59 0.20
C VAL A 351 -1.15 13.55 0.28
N LYS A 352 -1.14 14.39 1.31
CA LYS A 352 -2.28 15.26 1.62
C LYS A 352 -2.02 16.72 1.32
N LEU A 353 -0.81 17.18 1.63
CA LEU A 353 -0.41 18.56 1.37
C LEU A 353 0.99 18.61 0.78
N VAL A 354 1.23 19.63 -0.04
CA VAL A 354 2.57 19.89 -0.55
C VAL A 354 2.77 21.39 -0.76
N ALA A 355 3.97 21.87 -0.46
CA ALA A 355 4.38 23.23 -0.82
C ALA A 355 5.80 23.20 -1.34
N CYS A 356 6.07 24.05 -2.32
CA CYS A 356 7.37 24.08 -2.99
C CYS A 356 7.98 25.46 -2.90
N GLY A 357 9.25 25.51 -2.52
CA GLY A 357 9.96 26.78 -2.41
C GLY A 357 11.07 26.95 -3.43
N GLY A 358 12.07 27.75 -3.08
CA GLY A 358 13.21 28.01 -3.96
C GLY A 358 14.10 26.80 -4.15
N CYS A 359 14.58 26.24 -3.04
CA CYS A 359 15.47 25.08 -3.09
C CYS A 359 15.00 23.92 -2.21
N HIS A 360 13.71 23.92 -1.88
CA HIS A 360 13.16 22.94 -0.96
C HIS A 360 11.69 22.65 -1.22
N MET A 361 11.20 21.56 -0.63
CA MET A 361 9.80 21.16 -0.73
C MET A 361 9.37 20.53 0.60
N VAL A 362 8.13 20.79 1.00
CA VAL A 362 7.58 20.24 2.23
C VAL A 362 6.31 19.44 1.89
N VAL A 363 6.17 18.27 2.50
CA VAL A 363 5.08 17.34 2.17
C VAL A 363 4.44 16.82 3.45
N PHE A 364 3.11 16.85 3.50
CA PHE A 364 2.38 16.15 4.56
C PHE A 364 1.73 14.89 4.00
N ALA A 365 2.06 13.76 4.61
CA ALA A 365 1.57 12.46 4.15
C ALA A 365 1.28 11.51 5.33
N ALA A 366 0.21 10.74 5.19
CA ALA A 366 -0.21 9.78 6.22
C ALA A 366 -0.20 8.36 5.64
N PRO A 367 0.24 7.37 6.46
CA PRO A 367 0.39 6.01 5.93
C PRO A 367 -0.94 5.28 5.74
N HIS A 368 -1.01 4.43 4.70
CA HIS A 368 -2.09 3.46 4.56
C HIS A 368 -1.92 2.42 5.66
N ARG A 369 -3.04 1.92 6.17
CA ARG A 369 -3.01 0.91 7.23
C ARG A 369 -3.83 -0.32 6.86
N MET B 8 -12.42 -13.03 0.16
CA MET B 8 -11.05 -13.15 -0.42
C MET B 8 -10.02 -13.42 0.67
N PRO B 9 -9.17 -14.46 0.48
CA PRO B 9 -8.12 -14.80 1.44
C PRO B 9 -7.00 -13.76 1.49
N ASP B 10 -6.22 -13.80 2.56
CA ASP B 10 -5.10 -12.88 2.77
C ASP B 10 -4.00 -13.05 1.72
N SER B 11 -3.86 -14.28 1.21
CA SER B 11 -2.85 -14.60 0.20
C SER B 11 -3.13 -13.93 -1.15
N GLY B 12 -4.36 -13.47 -1.35
CA GLY B 12 -4.72 -12.69 -2.53
C GLY B 12 -5.63 -13.42 -3.51
N ALA B 13 -5.62 -12.97 -4.76
CA ALA B 13 -6.52 -13.49 -5.78
C ALA B 13 -5.91 -13.40 -7.17
N VAL B 14 -6.41 -14.23 -8.08
CA VAL B 14 -6.06 -14.15 -9.49
C VAL B 14 -7.06 -13.23 -10.18
N PHE B 15 -6.53 -12.24 -10.91
CA PHE B 15 -7.32 -11.26 -11.63
C PHE B 15 -7.18 -11.47 -13.12
N THR B 16 -8.30 -11.47 -13.83
CA THR B 16 -8.31 -11.66 -15.28
C THR B 16 -8.78 -10.41 -16.01
N PHE B 17 -8.12 -10.11 -17.13
CA PHE B 17 -8.46 -8.94 -17.95
C PHE B 17 -8.50 -9.35 -19.42
N GLY B 18 -9.37 -8.71 -20.18
CA GLY B 18 -9.48 -8.99 -21.62
C GLY B 18 -10.40 -10.15 -21.93
N LYS B 19 -10.14 -10.81 -23.07
CA LYS B 19 -10.91 -12.00 -23.46
C LYS B 19 -10.21 -13.29 -23.01
N SER B 20 -10.35 -13.60 -21.73
CA SER B 20 -9.76 -14.82 -21.15
C SER B 20 -10.77 -15.96 -21.08
N LYS B 21 -12.00 -15.67 -21.48
CA LYS B 21 -13.18 -16.56 -21.36
C LYS B 21 -13.81 -16.52 -19.95
N PHE B 22 -13.04 -16.06 -18.96
CA PHE B 22 -13.54 -15.91 -17.60
C PHE B 22 -14.28 -14.59 -17.43
N GLU B 24 -17.45 -13.62 -18.28
CA GLU B 24 -17.95 -13.17 -19.58
C GLU B 24 -17.06 -12.07 -20.16
N ASN B 25 -15.74 -12.29 -20.08
CA ASN B 25 -14.72 -11.35 -20.58
C ASN B 25 -14.72 -9.97 -19.90
N ASN B 26 -15.50 -9.83 -18.84
CA ASN B 26 -15.42 -8.69 -17.94
C ASN B 26 -14.27 -8.93 -16.95
N PRO B 27 -13.70 -7.86 -16.36
CA PRO B 27 -12.64 -8.04 -15.36
C PRO B 27 -13.07 -9.04 -14.28
N GLY B 28 -12.33 -10.13 -14.17
CA GLY B 28 -12.70 -11.24 -13.28
C GLY B 28 -11.76 -11.47 -12.12
N LYS B 29 -12.22 -12.27 -11.15
CA LYS B 29 -11.49 -12.51 -9.91
C LYS B 29 -11.79 -13.91 -9.39
N PHE B 30 -10.75 -14.67 -9.09
CA PHE B 30 -10.92 -15.99 -8.47
C PHE B 30 -9.78 -16.38 -7.54
N TRP B 31 -10.04 -17.34 -6.67
CA TRP B 31 -9.03 -17.88 -5.76
C TRP B 31 -9.33 -19.35 -5.44
N PHE B 32 -8.39 -19.99 -4.74
CA PHE B 32 -8.51 -21.40 -4.40
C PHE B 32 -8.66 -21.59 -2.90
N LYS B 33 -9.24 -22.74 -2.52
CA LYS B 33 -9.42 -23.10 -1.12
C LYS B 33 -8.15 -23.72 -0.57
N ASN B 34 -7.56 -23.08 0.44
CA ASN B 34 -6.32 -23.53 1.09
C ASN B 34 -5.21 -23.87 0.09
N ASP B 35 -5.07 -23.01 -0.92
CA ASP B 35 -4.08 -23.17 -1.99
C ASP B 35 -3.76 -21.80 -2.56
N VAL B 36 -2.55 -21.64 -3.09
CA VAL B 36 -2.07 -20.35 -3.59
C VAL B 36 -1.44 -20.51 -4.98
N PRO B 37 -1.71 -19.57 -5.91
CA PRO B 37 -1.03 -19.61 -7.21
C PRO B 37 0.47 -19.38 -7.05
N VAL B 38 1.27 -20.18 -7.74
CA VAL B 38 2.73 -20.04 -7.72
C VAL B 38 3.32 -19.75 -9.10
N HIS B 39 2.56 -20.06 -10.14
CA HIS B 39 2.99 -19.81 -11.52
C HIS B 39 1.82 -19.51 -12.45
N LEU B 40 2.02 -18.53 -13.33
CA LEU B 40 1.04 -18.16 -14.35
C LEU B 40 1.62 -18.21 -15.74
N SER B 41 0.80 -18.65 -16.70
CA SER B 41 1.17 -18.60 -18.11
C SER B 41 -0.04 -18.29 -18.97
N CYS B 42 0.18 -17.51 -20.02
CA CYS B 42 -0.87 -17.16 -20.97
C CYS B 42 -0.44 -17.41 -22.41
N GLY B 43 -1.31 -18.08 -23.16
CA GLY B 43 -1.10 -18.32 -24.57
C GLY B 43 -1.94 -17.35 -25.38
N ASP B 44 -2.10 -17.64 -26.66
CA ASP B 44 -2.85 -16.76 -27.55
C ASP B 44 -4.29 -16.55 -27.07
N GLU B 45 -4.95 -17.65 -26.69
CA GLU B 45 -6.34 -17.59 -26.24
C GLU B 45 -6.64 -18.48 -25.03
N HIS B 46 -5.61 -18.95 -24.34
CA HIS B 46 -5.82 -19.77 -23.14
C HIS B 46 -4.84 -19.42 -22.02
N SER B 47 -5.11 -19.93 -20.82
CA SER B 47 -4.30 -19.62 -19.65
C SER B 47 -4.08 -20.84 -18.75
N ALA B 48 -2.97 -20.82 -18.02
CA ALA B 48 -2.62 -21.87 -17.07
C ALA B 48 -2.26 -21.28 -15.72
N VAL B 49 -2.72 -21.93 -14.66
CA VAL B 49 -2.38 -21.57 -13.29
C VAL B 49 -1.84 -22.79 -12.56
N VAL B 50 -0.61 -22.70 -12.07
CA VAL B 50 -0.04 -23.74 -11.22
C VAL B 50 -0.11 -23.27 -9.77
N THR B 51 -0.53 -24.16 -8.88
CA THR B 51 -0.73 -23.82 -7.48
C THR B 51 0.34 -24.42 -6.56
N GLY B 52 0.43 -23.90 -5.35
CA GLY B 52 1.35 -24.40 -4.32
C GLY B 52 1.13 -25.86 -3.96
N ASN B 53 -0.12 -26.31 -4.01
CA ASN B 53 -0.43 -27.71 -3.79
C ASN B 53 -0.12 -28.59 -5.01
N ASN B 54 0.58 -28.01 -5.97
CA ASN B 54 1.08 -28.71 -7.17
C ASN B 54 -0.03 -29.17 -8.12
N LYS B 55 -1.11 -28.41 -8.18
CA LYS B 55 -2.22 -28.68 -9.09
C LYS B 55 -2.17 -27.73 -10.29
N LEU B 56 -2.76 -28.17 -11.40
CA LEU B 56 -2.82 -27.35 -12.61
C LEU B 56 -4.25 -27.00 -12.96
N TYR B 57 -4.51 -25.71 -13.16
CA TYR B 57 -5.80 -25.21 -13.57
C TYR B 57 -5.69 -24.55 -14.94
N MET B 58 -6.59 -24.95 -15.85
CA MET B 58 -6.60 -24.42 -17.22
C MET B 58 -7.93 -23.76 -17.52
N PHE B 59 -7.89 -22.74 -18.37
CA PHE B 59 -9.12 -22.14 -18.92
C PHE B 59 -8.84 -21.36 -20.20
N GLY B 60 -9.89 -21.11 -20.97
CA GLY B 60 -9.78 -20.38 -22.24
C GLY B 60 -10.23 -21.22 -23.42
N SER B 61 -9.73 -20.86 -24.61
CA SER B 61 -10.05 -21.58 -25.84
CA SER B 61 -10.05 -21.58 -25.84
C SER B 61 -9.47 -22.99 -25.82
N ASN B 62 -10.18 -23.92 -26.47
CA ASN B 62 -9.80 -25.32 -26.47
C ASN B 62 -10.03 -25.99 -27.82
N ASN B 63 -10.06 -25.18 -28.88
CA ASN B 63 -10.29 -25.68 -30.24
C ASN B 63 -9.24 -26.70 -30.70
N TRP B 64 -8.03 -26.59 -30.17
CA TRP B 64 -6.94 -27.50 -30.50
C TRP B 64 -6.68 -28.52 -29.40
N GLY B 65 -7.46 -28.48 -28.32
CA GLY B 65 -7.24 -29.33 -27.16
C GLY B 65 -6.09 -28.86 -26.29
N GLN B 66 -5.81 -27.56 -26.34
CA GLN B 66 -4.69 -26.97 -25.59
C GLN B 66 -4.87 -26.96 -24.07
N LEU B 67 -6.10 -27.19 -23.60
CA LEU B 67 -6.36 -27.21 -22.15
C LEU B 67 -6.07 -28.56 -21.51
N GLY B 68 -5.94 -29.60 -22.34
CA GLY B 68 -5.66 -30.95 -21.87
C GLY B 68 -6.82 -31.57 -21.11
N LEU B 69 -8.02 -31.08 -21.39
CA LEU B 69 -9.24 -31.50 -20.69
C LEU B 69 -10.25 -32.16 -21.63
N GLY B 70 -9.76 -32.75 -22.71
CA GLY B 70 -10.60 -33.44 -23.68
C GLY B 70 -11.22 -32.50 -24.68
N SER B 71 -12.27 -32.95 -25.34
N SER B 71 -12.28 -32.95 -25.33
CA SER B 71 -12.96 -32.18 -26.36
CA SER B 71 -12.95 -32.18 -26.37
C SER B 71 -13.98 -31.21 -25.78
C SER B 71 -13.99 -31.22 -25.80
N LYS B 72 -13.94 -29.98 -26.29
CA LYS B 72 -14.97 -28.93 -26.08
C LYS B 72 -14.38 -27.62 -26.60
N SER B 73 -15.22 -26.71 -27.08
CA SER B 73 -14.75 -25.51 -27.77
C SER B 73 -13.96 -24.57 -26.88
N ALA B 74 -14.39 -24.45 -25.63
CA ALA B 74 -13.78 -23.53 -24.66
C ALA B 74 -14.20 -23.91 -23.26
N ILE B 75 -13.40 -23.50 -22.27
CA ILE B 75 -13.73 -23.66 -20.86
C ILE B 75 -13.59 -22.30 -20.20
N SER B 76 -14.68 -21.79 -19.63
CA SER B 76 -14.74 -20.43 -19.10
C SER B 76 -14.08 -20.27 -17.73
N LYS B 77 -14.24 -21.28 -16.88
CA LYS B 77 -13.74 -21.21 -15.52
C LYS B 77 -12.49 -22.06 -15.32
N PRO B 78 -11.58 -21.63 -14.43
CA PRO B 78 -10.36 -22.39 -14.15
C PRO B 78 -10.68 -23.81 -13.68
N THR B 79 -10.20 -24.80 -14.44
CA THR B 79 -10.56 -26.19 -14.22
C THR B 79 -9.32 -27.03 -13.97
N CYS B 80 -9.34 -27.78 -12.87
CA CYS B 80 -8.23 -28.64 -12.49
C CYS B 80 -8.07 -29.80 -13.45
N VAL B 81 -6.82 -30.04 -13.86
CA VAL B 81 -6.50 -31.20 -14.70
C VAL B 81 -6.26 -32.38 -13.77
N LYS B 82 -7.34 -33.12 -13.51
CA LYS B 82 -7.32 -34.23 -12.55
C LYS B 82 -6.38 -35.37 -12.95
N ALA B 83 -6.22 -35.57 -14.26
CA ALA B 83 -5.35 -36.62 -14.80
C ALA B 83 -3.90 -36.47 -14.30
N LEU B 84 -3.51 -35.25 -13.97
CA LEU B 84 -2.15 -34.95 -13.51
C LEU B 84 -2.00 -34.92 -11.99
N LYS B 85 -3.08 -35.24 -11.26
CA LYS B 85 -3.05 -35.20 -9.79
C LYS B 85 -2.08 -36.18 -9.10
N PRO B 86 -1.82 -37.36 -9.70
CA PRO B 86 -0.77 -38.21 -9.12
C PRO B 86 0.60 -37.53 -9.17
N GLU B 87 0.80 -36.65 -10.13
CA GLU B 87 2.06 -35.92 -10.30
C GLU B 87 2.02 -34.58 -9.59
N LYS B 88 3.20 -34.03 -9.30
CA LYS B 88 3.31 -32.71 -8.69
C LYS B 88 3.69 -31.67 -9.75
N VAL B 89 2.70 -30.93 -10.24
CA VAL B 89 2.92 -29.93 -11.28
C VAL B 89 3.68 -28.72 -10.72
N LYS B 90 4.72 -28.31 -11.44
CA LYS B 90 5.59 -27.21 -10.99
C LYS B 90 5.54 -26.01 -11.93
N LEU B 91 5.54 -26.25 -13.24
CA LEU B 91 5.56 -25.20 -14.24
C LEU B 91 4.63 -25.50 -15.41
N ALA B 92 4.21 -24.45 -16.10
CA ALA B 92 3.45 -24.58 -17.33
C ALA B 92 3.78 -23.45 -18.30
N ALA B 93 3.70 -23.72 -19.59
CA ALA B 93 3.85 -22.69 -20.60
C ALA B 93 2.77 -22.86 -21.64
N CYS B 94 2.16 -21.74 -22.05
CA CYS B 94 1.11 -21.76 -23.04
C CYS B 94 1.58 -21.10 -24.33
N GLY B 95 1.37 -21.79 -25.44
CA GLY B 95 1.70 -21.25 -26.76
C GLY B 95 0.45 -20.84 -27.51
N ARG B 96 0.55 -20.72 -28.83
CA ARG B 96 -0.60 -20.33 -29.64
C ARG B 96 -1.73 -21.35 -29.53
N ASN B 97 -1.38 -22.63 -29.65
CA ASN B 97 -2.39 -23.69 -29.63
C ASN B 97 -1.98 -24.93 -28.84
N HIS B 98 -0.98 -24.79 -27.97
CA HIS B 98 -0.49 -25.92 -27.19
C HIS B 98 -0.04 -25.50 -25.78
N THR B 99 0.13 -26.49 -24.91
CA THR B 99 0.55 -26.25 -23.53
C THR B 99 1.59 -27.29 -23.12
N LEU B 100 2.61 -26.82 -22.39
CA LEU B 100 3.64 -27.67 -21.83
C LEU B 100 3.56 -27.62 -20.31
N VAL B 101 3.84 -28.75 -19.67
CA VAL B 101 3.79 -28.83 -18.21
C VAL B 101 4.97 -29.66 -17.70
N SER B 102 5.61 -29.20 -16.63
CA SER B 102 6.66 -29.98 -15.99
C SER B 102 6.28 -30.39 -14.58
N THR B 103 6.72 -31.58 -14.17
CA THR B 103 6.40 -32.12 -12.85
C THR B 103 7.67 -32.43 -12.05
N GLU B 104 7.53 -32.41 -10.74
CA GLU B 104 8.65 -32.62 -9.82
C GLU B 104 9.37 -33.96 -10.03
N GLY B 105 8.60 -34.99 -10.41
CA GLY B 105 9.12 -36.34 -10.59
C GLY B 105 10.02 -36.56 -11.80
N GLY B 106 10.08 -35.56 -12.69
CA GLY B 106 10.94 -35.63 -13.87
C GLY B 106 10.19 -35.76 -15.19
N ASN B 107 8.87 -35.83 -15.11
CA ASN B 107 8.04 -35.92 -16.31
C ASN B 107 7.64 -34.55 -16.86
N VAL B 108 7.76 -34.40 -18.18
CA VAL B 108 7.28 -33.21 -18.88
C VAL B 108 6.17 -33.65 -19.85
N TYR B 109 5.06 -32.92 -19.82
CA TYR B 109 3.86 -33.26 -20.58
C TYR B 109 3.49 -32.18 -21.58
N ALA B 110 2.79 -32.57 -22.64
CA ALA B 110 2.28 -31.61 -23.63
C ALA B 110 0.90 -31.99 -24.15
N THR B 111 0.16 -30.99 -24.59
CA THR B 111 -1.18 -31.18 -25.18
C THR B 111 -1.49 -30.07 -26.18
N GLY B 112 -2.34 -30.38 -27.15
CA GLY B 112 -2.81 -29.36 -28.09
C GLY B 112 -2.41 -29.61 -29.52
N GLY B 113 -2.24 -28.52 -30.26
CA GLY B 113 -1.81 -28.57 -31.66
C GLY B 113 -0.43 -29.15 -31.82
N ASN B 114 -0.18 -29.79 -32.96
CA ASN B 114 1.06 -30.51 -33.18
C ASN B 114 1.51 -30.51 -34.65
N ASN B 115 0.95 -29.60 -35.45
CA ASN B 115 1.24 -29.56 -36.89
C ASN B 115 2.73 -29.43 -37.20
N GLU B 116 3.43 -28.71 -36.33
CA GLU B 116 4.86 -28.45 -36.50
C GLU B 116 5.73 -29.26 -35.53
N GLY B 117 5.10 -30.16 -34.77
CA GLY B 117 5.81 -31.03 -33.84
C GLY B 117 6.07 -30.39 -32.49
N GLN B 118 5.32 -29.32 -32.19
CA GLN B 118 5.51 -28.54 -30.95
C GLN B 118 5.21 -29.31 -29.66
N LEU B 119 4.54 -30.45 -29.77
CA LEU B 119 4.29 -31.26 -28.58
C LEU B 119 5.50 -32.08 -28.14
N GLY B 120 6.45 -32.26 -29.06
CA GLY B 120 7.69 -32.98 -28.77
C GLY B 120 7.52 -34.49 -28.57
N LEU B 121 6.44 -35.02 -29.15
CA LEU B 121 6.06 -36.41 -28.96
C LEU B 121 6.52 -37.34 -30.09
N GLY B 122 7.16 -36.77 -31.10
CA GLY B 122 7.71 -37.57 -32.18
C GLY B 122 6.79 -37.78 -33.37
N ASP B 123 5.60 -37.18 -33.31
CA ASP B 123 4.69 -37.16 -34.45
C ASP B 123 4.10 -35.76 -34.64
N THR B 124 3.14 -35.64 -35.54
CA THR B 124 2.47 -34.36 -35.76
C THR B 124 0.96 -34.44 -35.55
N GLU B 125 0.53 -35.43 -34.78
CA GLU B 125 -0.89 -35.60 -34.44
C GLU B 125 -1.26 -34.78 -33.21
N GLU B 126 -2.38 -34.07 -33.28
CA GLU B 126 -2.86 -33.29 -32.14
C GLU B 126 -3.24 -34.18 -30.94
N ARG B 127 -3.18 -33.61 -29.75
CA ARG B 127 -3.64 -34.28 -28.54
C ARG B 127 -4.58 -33.34 -27.79
N ASN B 128 -5.54 -33.89 -27.07
CA ASN B 128 -6.40 -33.09 -26.20
C ASN B 128 -6.34 -33.51 -24.73
N THR B 129 -5.37 -34.36 -24.40
CA THR B 129 -5.00 -34.66 -23.02
C THR B 129 -3.48 -34.61 -22.94
N PHE B 130 -2.95 -34.42 -21.73
CA PHE B 130 -1.50 -34.34 -21.54
C PHE B 130 -0.80 -35.68 -21.77
N HIS B 131 0.19 -35.67 -22.64
CA HIS B 131 1.01 -36.84 -22.95
C HIS B 131 2.46 -36.56 -22.55
N VAL B 132 3.12 -37.59 -22.01
CA VAL B 132 4.50 -37.45 -21.56
C VAL B 132 5.48 -37.30 -22.74
N ILE B 133 6.38 -36.34 -22.64
CA ILE B 133 7.49 -36.21 -23.56
C ILE B 133 8.61 -37.07 -23.01
N SER B 134 8.85 -38.22 -23.64
CA SER B 134 9.76 -39.23 -23.10
C SER B 134 11.22 -38.78 -23.01
N PHE B 135 11.58 -37.75 -23.79
CA PHE B 135 12.92 -37.18 -23.77
C PHE B 135 13.36 -36.73 -22.37
N PHE B 136 12.43 -36.16 -21.62
CA PHE B 136 12.73 -35.61 -20.30
C PHE B 136 12.60 -36.63 -19.17
N THR B 137 13.64 -36.69 -18.34
CA THR B 137 13.70 -37.60 -17.20
C THR B 137 14.03 -36.81 -15.93
N SER B 138 14.16 -37.51 -14.80
CA SER B 138 14.56 -36.89 -13.54
C SER B 138 15.96 -36.26 -13.62
N GLU B 139 16.70 -36.62 -14.66
CA GLU B 139 18.01 -36.03 -14.95
C GLU B 139 17.89 -34.57 -15.37
N HIS B 140 16.73 -34.20 -15.94
CA HIS B 140 16.45 -32.83 -16.33
C HIS B 140 15.60 -32.14 -15.25
N LYS B 141 16.25 -31.27 -14.46
CA LYS B 141 15.53 -30.45 -13.49
C LYS B 141 15.08 -29.19 -14.20
N ILE B 142 13.78 -29.08 -14.45
CA ILE B 142 13.25 -27.98 -15.27
C ILE B 142 13.13 -26.68 -14.49
N LYS B 143 13.83 -25.66 -14.98
CA LYS B 143 13.84 -24.32 -14.36
C LYS B 143 12.79 -23.43 -15.01
N GLN B 144 12.65 -23.55 -16.33
CA GLN B 144 11.73 -22.72 -17.09
C GLN B 144 11.16 -23.45 -18.30
N LEU B 145 9.89 -23.18 -18.58
CA LEU B 145 9.25 -23.59 -19.83
C LEU B 145 8.81 -22.34 -20.59
N SER B 146 8.84 -22.43 -21.91
CA SER B 146 8.31 -21.36 -22.75
C SER B 146 7.69 -21.96 -24.00
N ALA B 147 6.75 -21.22 -24.59
CA ALA B 147 6.00 -21.72 -25.75
C ALA B 147 5.50 -20.55 -26.57
N GLY B 148 5.77 -20.58 -27.86
CA GLY B 148 5.33 -19.53 -28.80
C GLY B 148 4.34 -20.10 -29.79
N SER B 149 4.36 -19.58 -31.02
CA SER B 149 3.47 -20.09 -32.07
CA SER B 149 3.47 -20.09 -32.07
C SER B 149 4.06 -21.36 -32.68
N ASN B 150 3.55 -22.50 -32.21
CA ASN B 150 4.01 -23.83 -32.63
C ASN B 150 5.49 -24.05 -32.31
N THR B 151 5.94 -23.42 -31.22
CA THR B 151 7.31 -23.59 -30.73
C THR B 151 7.30 -23.89 -29.24
N SER B 152 8.34 -24.56 -28.78
CA SER B 152 8.43 -25.02 -27.40
C SER B 152 9.86 -24.93 -26.90
N ALA B 153 10.00 -24.69 -25.61
CA ALA B 153 11.31 -24.60 -24.96
C ALA B 153 11.28 -25.11 -23.52
N ALA B 154 12.35 -25.79 -23.14
CA ALA B 154 12.55 -26.21 -21.75
C ALA B 154 13.99 -25.92 -21.36
N LEU B 155 14.14 -25.22 -20.23
CA LEU B 155 15.46 -24.87 -19.70
C LEU B 155 15.69 -25.58 -18.37
N THR B 156 16.84 -26.24 -18.24
CA THR B 156 17.17 -26.99 -17.03
C THR B 156 17.91 -26.14 -16.01
N GLU B 157 17.96 -26.62 -14.78
CA GLU B 157 18.65 -25.93 -13.69
C GLU B 157 20.15 -25.78 -13.95
N ASP B 158 20.76 -26.75 -14.62
CA ASP B 158 22.19 -26.64 -14.94
C ASP B 158 22.48 -25.88 -16.24
N GLY B 159 21.45 -25.29 -16.84
CA GLY B 159 21.62 -24.35 -17.94
C GLY B 159 21.55 -24.89 -19.36
N ARG B 160 21.02 -26.11 -19.50
CA ARG B 160 20.81 -26.70 -20.82
C ARG B 160 19.45 -26.28 -21.35
N LEU B 161 19.46 -25.79 -22.58
CA LEU B 161 18.23 -25.35 -23.25
C LEU B 161 17.85 -26.32 -24.38
N PHE B 162 16.61 -26.77 -24.35
CA PHE B 162 16.07 -27.64 -25.39
C PHE B 162 14.87 -26.97 -26.04
N MET B 163 14.79 -27.06 -27.36
CA MET B 163 13.70 -26.46 -28.12
C MET B 163 13.17 -27.42 -29.17
N TRP B 164 11.91 -27.21 -29.55
CA TRP B 164 11.28 -28.04 -30.59
C TRP B 164 10.09 -27.31 -31.21
N GLY B 165 9.54 -27.89 -32.27
CA GLY B 165 8.45 -27.26 -33.02
C GLY B 165 8.93 -26.64 -34.31
N ASP B 166 8.32 -25.51 -34.68
CA ASP B 166 8.59 -24.86 -35.96
C ASP B 166 9.92 -24.11 -35.98
N ASN B 167 10.73 -24.38 -36.99
CA ASN B 167 11.98 -23.64 -37.21
C ASN B 167 12.04 -23.01 -38.61
N SER B 168 10.91 -22.92 -39.29
CA SER B 168 10.88 -22.47 -40.69
C SER B 168 11.46 -21.07 -40.90
N GLU B 169 11.42 -20.24 -39.86
CA GLU B 169 12.04 -18.92 -39.91
C GLU B 169 13.18 -18.78 -38.90
N GLY B 170 13.67 -19.90 -38.40
CA GLY B 170 14.79 -19.93 -37.45
C GLY B 170 14.43 -19.68 -36.00
N GLN B 171 13.14 -19.75 -35.68
CA GLN B 171 12.65 -19.34 -34.36
C GLN B 171 13.01 -20.27 -33.19
N ILE B 172 13.56 -21.45 -33.49
CA ILE B 172 14.12 -22.31 -32.43
C ILE B 172 15.64 -22.54 -32.60
N GLY B 173 16.25 -21.72 -33.44
CA GLY B 173 17.71 -21.61 -33.55
C GLY B 173 18.43 -22.85 -34.05
N LEU B 174 17.75 -23.64 -34.86
CA LEU B 174 18.29 -24.91 -35.35
C LEU B 174 18.67 -24.89 -36.84
N LYS B 175 19.09 -23.72 -37.30
CA LYS B 175 19.63 -23.54 -38.66
C LYS B 175 18.61 -23.85 -39.76
N ASN B 176 19.02 -24.66 -40.74
CA ASN B 176 18.19 -24.92 -41.92
C ASN B 176 17.14 -26.02 -41.76
N VAL B 177 17.08 -26.64 -40.59
CA VAL B 177 16.05 -27.64 -40.28
C VAL B 177 14.68 -26.94 -40.25
N SER B 178 13.72 -27.49 -40.97
CA SER B 178 12.39 -26.87 -41.09
C SER B 178 11.58 -26.94 -39.80
N ASN B 179 11.58 -28.12 -39.17
CA ASN B 179 10.89 -28.31 -37.90
C ASN B 179 11.43 -29.54 -37.17
N VAL B 180 11.09 -29.65 -35.89
CA VAL B 180 11.61 -30.68 -35.02
C VAL B 180 10.48 -31.17 -34.10
N CYS B 181 10.26 -32.49 -34.07
CA CYS B 181 9.17 -33.02 -33.24
CA CYS B 181 9.18 -33.11 -33.29
C CYS B 181 9.67 -33.78 -32.02
N VAL B 182 10.95 -33.64 -31.71
CA VAL B 182 11.57 -34.23 -30.52
C VAL B 182 12.51 -33.16 -29.95
N PRO B 183 12.50 -32.94 -28.62
CA PRO B 183 13.36 -31.88 -28.08
C PRO B 183 14.80 -32.01 -28.54
N GLN B 184 15.42 -30.88 -28.87
CA GLN B 184 16.81 -30.85 -29.31
C GLN B 184 17.51 -29.71 -28.60
N GLN B 185 18.78 -29.92 -28.26
CA GLN B 185 19.53 -28.89 -27.55
C GLN B 185 19.87 -27.70 -28.43
N VAL B 186 19.64 -26.51 -27.90
CA VAL B 186 20.04 -25.26 -28.55
C VAL B 186 21.10 -24.63 -27.66
N THR B 187 22.31 -24.49 -28.21
CA THR B 187 23.43 -23.95 -27.45
C THR B 187 24.42 -23.16 -28.32
N ILE B 188 25.04 -22.15 -27.70
CA ILE B 188 26.19 -21.47 -28.30
C ILE B 188 27.46 -21.75 -27.48
N GLY B 189 27.34 -22.68 -26.53
CA GLY B 189 28.48 -23.14 -25.72
C GLY B 189 28.52 -22.58 -24.30
N LYS B 190 27.44 -21.93 -23.88
CA LYS B 190 27.36 -21.28 -22.58
C LYS B 190 26.09 -21.70 -21.84
N PRO B 191 26.16 -21.81 -20.50
CA PRO B 191 24.95 -22.12 -19.73
C PRO B 191 23.89 -21.02 -19.89
N VAL B 192 22.63 -21.44 -19.99
CA VAL B 192 21.52 -20.51 -20.22
C VAL B 192 20.75 -20.28 -18.92
N SER B 193 20.37 -19.02 -18.68
CA SER B 193 19.67 -18.63 -17.45
C SER B 193 18.20 -18.24 -17.65
N TRP B 194 17.83 -17.89 -18.88
CA TRP B 194 16.48 -17.41 -19.19
C TRP B 194 16.14 -17.68 -20.64
N ILE B 195 14.90 -18.07 -20.91
CA ILE B 195 14.43 -18.20 -22.29
C ILE B 195 13.00 -17.68 -22.47
N SER B 196 12.72 -17.11 -23.64
CA SER B 196 11.38 -16.70 -24.01
C SER B 196 11.07 -16.98 -25.48
N CYS B 197 9.96 -17.68 -25.71
CA CYS B 197 9.47 -17.93 -27.06
C CYS B 197 8.37 -16.94 -27.43
N GLY B 198 8.66 -16.09 -28.41
CA GLY B 198 7.67 -15.17 -28.97
C GLY B 198 6.89 -15.86 -30.07
N TYR B 199 6.14 -15.08 -30.85
CA TYR B 199 5.30 -15.66 -31.89
C TYR B 199 6.14 -16.29 -33.00
N TYR B 200 7.03 -15.48 -33.60
CA TYR B 200 7.88 -15.95 -34.69
C TYR B 200 9.37 -15.72 -34.43
N HIS B 201 9.71 -15.43 -33.18
CA HIS B 201 11.11 -15.28 -32.77
C HIS B 201 11.26 -15.72 -31.31
N SER B 202 12.49 -16.03 -30.92
CA SER B 202 12.76 -16.43 -29.54
C SER B 202 14.07 -15.82 -29.08
N ALA B 203 14.33 -15.89 -27.79
CA ALA B 203 15.57 -15.36 -27.23
C ALA B 203 15.97 -16.11 -25.99
N PHE B 204 17.27 -16.13 -25.72
CA PHE B 204 17.75 -16.63 -24.44
C PHE B 204 18.85 -15.75 -23.87
N VAL B 205 19.01 -15.82 -22.55
CA VAL B 205 20.03 -15.08 -21.82
C VAL B 205 21.00 -16.09 -21.21
N THR B 206 22.29 -15.85 -21.40
CA THR B 206 23.30 -16.72 -20.80
C THR B 206 23.60 -16.28 -19.37
N THR B 207 24.23 -17.16 -18.60
CA THR B 207 24.55 -16.89 -17.20
C THR B 207 25.47 -15.69 -17.01
N ASP B 208 26.31 -15.40 -18.02
CA ASP B 208 27.18 -14.23 -17.97
C ASP B 208 26.53 -12.94 -18.47
N GLY B 209 25.21 -13.00 -18.71
CA GLY B 209 24.42 -11.81 -19.02
C GLY B 209 24.34 -11.41 -20.48
N GLU B 210 24.64 -12.35 -21.38
CA GLU B 210 24.56 -12.08 -22.81
C GLU B 210 23.20 -12.49 -23.35
N LEU B 211 22.65 -11.66 -24.23
CA LEU B 211 21.36 -11.92 -24.87
C LEU B 211 21.53 -12.42 -26.31
N TYR B 212 20.91 -13.56 -26.60
CA TYR B 212 20.90 -14.13 -27.94
C TYR B 212 19.50 -14.19 -28.48
N VAL B 213 19.33 -13.74 -29.73
CA VAL B 213 18.02 -13.72 -30.39
C VAL B 213 18.12 -14.44 -31.74
N PHE B 214 16.98 -14.96 -32.20
CA PHE B 214 16.89 -15.75 -33.44
C PHE B 214 15.42 -15.86 -33.86
N GLY B 215 15.19 -16.03 -35.15
CA GLY B 215 13.84 -16.16 -35.68
C GLY B 215 13.59 -15.20 -36.82
N GLU B 216 12.32 -14.89 -37.05
CA GLU B 216 11.92 -14.05 -38.19
C GLU B 216 12.60 -12.68 -38.15
N PRO B 217 13.39 -12.35 -39.19
CA PRO B 217 14.16 -11.10 -39.17
C PRO B 217 13.34 -9.89 -39.64
N GLU B 218 12.16 -9.71 -39.02
CA GLU B 218 11.24 -8.66 -39.44
C GLU B 218 10.88 -7.71 -38.29
N ASN B 219 10.49 -6.49 -38.66
CA ASN B 219 10.00 -5.48 -37.72
C ASN B 219 11.00 -4.99 -36.68
N GLY B 220 12.25 -5.41 -36.80
CA GLY B 220 13.30 -5.00 -35.86
C GLY B 220 13.31 -5.74 -34.53
N LYS B 221 12.47 -6.77 -34.43
CA LYS B 221 12.28 -7.50 -33.17
C LYS B 221 13.48 -8.34 -32.70
N LEU B 222 14.44 -8.58 -33.60
CA LEU B 222 15.65 -9.29 -33.21
C LEU B 222 16.67 -8.36 -32.55
N GLY B 223 16.55 -7.06 -32.82
CA GLY B 223 17.42 -6.05 -32.22
C GLY B 223 18.85 -6.09 -32.73
N LEU B 224 19.04 -6.67 -33.90
CA LEU B 224 20.36 -6.80 -34.53
C LEU B 224 20.50 -5.80 -35.67
N PRO B 225 21.74 -5.33 -35.93
CA PRO B 225 21.97 -4.46 -37.09
C PRO B 225 21.77 -5.20 -38.41
N ASN B 226 21.52 -4.45 -39.48
CA ASN B 226 21.20 -5.01 -40.80
C ASN B 226 22.12 -6.13 -41.28
N GLN B 227 23.42 -6.03 -40.94
CA GLN B 227 24.42 -7.01 -41.36
C GLN B 227 24.22 -8.41 -40.84
N LEU B 228 23.61 -8.53 -39.67
CA LEU B 228 23.47 -9.81 -38.97
C LEU B 228 22.14 -10.50 -39.22
N LEU B 229 21.21 -9.81 -39.89
CA LEU B 229 19.87 -10.34 -40.08
C LEU B 229 19.82 -11.59 -40.96
N GLY B 230 20.79 -11.72 -41.86
CA GLY B 230 20.86 -12.89 -42.74
C GLY B 230 21.10 -14.22 -42.04
N ASN B 231 21.76 -14.16 -40.88
CA ASN B 231 22.07 -15.35 -40.10
C ASN B 231 21.06 -15.59 -38.98
N HIS B 232 19.79 -15.32 -39.28
CA HIS B 232 18.73 -15.30 -38.27
C HIS B 232 18.27 -16.69 -37.78
N ARG B 233 18.79 -17.75 -38.39
CA ARG B 233 18.41 -19.13 -38.02
C ARG B 233 19.32 -19.74 -36.94
N THR B 234 20.33 -18.95 -36.53
CA THR B 234 21.22 -19.34 -35.44
CA THR B 234 21.24 -19.34 -35.46
C THR B 234 21.17 -18.27 -34.35
N PRO B 235 21.26 -18.68 -33.07
CA PRO B 235 21.28 -17.64 -32.04
C PRO B 235 22.45 -16.67 -32.22
N GLN B 236 22.15 -15.38 -32.19
CA GLN B 236 23.16 -14.33 -32.36
C GLN B 236 23.11 -13.32 -31.22
N LEU B 237 24.29 -12.79 -30.88
CA LEU B 237 24.44 -11.87 -29.76
C LEU B 237 23.89 -10.49 -30.08
N VAL B 238 23.06 -9.97 -29.17
CA VAL B 238 22.60 -8.58 -29.22
C VAL B 238 23.64 -7.74 -28.48
N SER B 239 24.58 -7.19 -29.23
CA SER B 239 25.70 -6.45 -28.65
C SER B 239 25.34 -5.00 -28.32
N GLU B 240 24.24 -4.51 -28.86
CA GLU B 240 23.85 -3.11 -28.71
C GLU B 240 23.20 -2.76 -27.37
N ILE B 241 23.12 -3.76 -26.48
CA ILE B 241 22.79 -3.53 -25.08
C ILE B 241 24.09 -3.63 -24.27
N PRO B 242 24.53 -2.51 -23.68
CA PRO B 242 25.82 -2.46 -22.99
C PRO B 242 25.84 -3.28 -21.69
N GLU B 243 24.78 -3.17 -20.91
CA GLU B 243 24.71 -3.82 -19.60
C GLU B 243 24.39 -5.31 -19.73
N LYS B 244 24.72 -6.07 -18.68
CA LYS B 244 24.34 -7.47 -18.59
C LYS B 244 22.82 -7.60 -18.59
N VAL B 245 22.33 -8.60 -19.32
CA VAL B 245 20.90 -8.86 -19.41
C VAL B 245 20.49 -9.90 -18.36
N ILE B 246 19.30 -9.72 -17.78
CA ILE B 246 18.78 -10.61 -16.75
C ILE B 246 17.59 -11.41 -17.27
N GLN B 247 16.62 -10.71 -17.87
CA GLN B 247 15.42 -11.34 -18.40
C GLN B 247 15.15 -10.90 -19.82
N VAL B 248 14.44 -11.74 -20.57
CA VAL B 248 13.93 -11.37 -21.87
C VAL B 248 12.51 -11.91 -22.02
N ALA B 249 11.66 -11.13 -22.66
CA ALA B 249 10.31 -11.56 -22.97
C ALA B 249 10.02 -11.20 -24.42
N CYS B 250 9.58 -12.19 -25.19
CA CYS B 250 9.32 -12.02 -26.61
C CYS B 250 7.83 -12.03 -26.89
N GLY B 251 7.36 -11.06 -27.65
CA GLY B 251 5.93 -10.93 -27.99
C GLY B 251 5.60 -11.28 -29.42
N GLY B 252 4.55 -10.65 -29.95
CA GLY B 252 4.11 -10.86 -31.33
C GLY B 252 5.12 -10.31 -32.33
N GLU B 253 5.42 -9.02 -32.21
CA GLU B 253 6.37 -8.35 -33.10
C GLU B 253 7.33 -7.45 -32.32
N HIS B 254 7.42 -7.67 -31.01
CA HIS B 254 8.32 -6.89 -30.18
C HIS B 254 9.05 -7.75 -29.15
N THR B 255 10.09 -7.17 -28.56
CA THR B 255 10.92 -7.84 -27.56
C THR B 255 11.18 -6.89 -26.41
N VAL B 256 11.15 -7.42 -25.20
CA VAL B 256 11.41 -6.61 -24.00
C VAL B 256 12.56 -7.25 -23.24
N VAL B 257 13.46 -6.42 -22.72
CA VAL B 257 14.67 -6.90 -22.06
C VAL B 257 14.88 -6.18 -20.72
N LEU B 258 15.19 -6.97 -19.69
CA LEU B 258 15.47 -6.41 -18.37
C LEU B 258 16.96 -6.50 -18.03
N THR B 259 17.51 -5.37 -17.60
CA THR B 259 18.88 -5.32 -17.05
C THR B 259 18.79 -4.89 -15.58
N GLU B 260 19.93 -4.74 -14.92
CA GLU B 260 19.97 -4.36 -13.50
C GLU B 260 19.32 -3.00 -13.22
N ASN B 261 19.45 -2.07 -14.18
CA ASN B 261 19.01 -0.69 -13.96
C ASN B 261 18.07 -0.14 -15.04
N ALA B 262 17.69 -0.96 -16.02
CA ALA B 262 16.89 -0.47 -17.14
C ALA B 262 16.02 -1.53 -17.80
N VAL B 263 14.98 -1.07 -18.48
CA VAL B 263 14.20 -1.91 -19.39
C VAL B 263 14.42 -1.42 -20.82
N TYR B 264 14.75 -2.36 -21.71
CA TYR B 264 14.92 -2.07 -23.13
C TYR B 264 13.78 -2.71 -23.94
N THR B 265 13.36 -2.03 -25.01
CA THR B 265 12.43 -2.63 -25.97
C THR B 265 12.92 -2.43 -27.41
N PHE B 266 12.47 -3.32 -28.29
CA PHE B 266 12.73 -3.19 -29.71
C PHE B 266 11.71 -3.98 -30.52
N GLY B 267 11.56 -3.65 -31.79
CA GLY B 267 10.56 -4.27 -32.65
C GLY B 267 9.50 -3.28 -33.08
N LEU B 268 8.29 -3.80 -33.32
CA LEU B 268 7.17 -2.99 -33.75
C LEU B 268 6.38 -2.49 -32.54
N GLY B 269 5.89 -1.26 -32.64
CA GLY B 269 5.13 -0.65 -31.54
C GLY B 269 3.96 0.20 -32.01
N GLN B 270 3.24 -0.30 -33.01
CA GLN B 270 2.12 0.44 -33.59
C GLN B 270 0.94 0.60 -32.62
N PHE B 271 0.89 -0.27 -31.60
CA PHE B 271 -0.15 -0.22 -30.57
C PHE B 271 0.35 0.41 -29.27
N GLY B 272 1.65 0.75 -29.23
CA GLY B 272 2.26 1.30 -28.02
C GLY B 272 3.06 0.30 -27.21
N GLN B 273 3.23 -0.90 -27.73
CA GLN B 273 3.84 -2.00 -26.97
C GLN B 273 5.33 -1.84 -26.65
N LEU B 274 5.99 -0.90 -27.32
CA LEU B 274 7.39 -0.59 -27.02
C LEU B 274 7.53 0.35 -25.80
N GLY B 275 6.47 1.11 -25.52
CA GLY B 275 6.46 2.05 -24.40
C GLY B 275 7.43 3.22 -24.54
N LEU B 276 7.74 3.57 -25.79
CA LEU B 276 8.75 4.59 -26.07
C LEU B 276 8.14 5.91 -26.54
N GLY B 277 6.84 6.08 -26.30
CA GLY B 277 6.17 7.33 -26.63
C GLY B 277 5.26 7.27 -27.84
N THR B 278 4.52 8.34 -28.06
CA THR B 278 3.47 8.42 -29.08
C THR B 278 3.96 8.71 -30.49
N PHE B 279 5.26 8.97 -30.64
CA PHE B 279 5.85 9.29 -31.93
C PHE B 279 6.72 8.17 -32.51
N LEU B 280 7.16 7.27 -31.64
CA LEU B 280 8.04 6.17 -32.04
C LEU B 280 7.26 4.86 -32.16
N PHE B 281 7.04 4.43 -33.40
CA PHE B 281 6.19 3.26 -33.67
C PHE B 281 6.97 1.98 -33.99
N GLU B 282 8.31 2.09 -33.99
CA GLU B 282 9.19 0.99 -34.38
C GLU B 282 10.66 1.35 -34.11
N THR B 283 11.44 0.35 -33.68
CA THR B 283 12.89 0.49 -33.60
C THR B 283 13.57 -0.85 -33.87
N SER B 284 14.62 -0.84 -34.69
CA SER B 284 15.43 -2.03 -34.92
C SER B 284 16.58 -2.13 -33.91
N GLU B 285 16.86 -1.01 -33.23
CA GLU B 285 17.88 -0.95 -32.18
C GLU B 285 17.21 -0.97 -30.82
N PRO B 286 17.80 -1.70 -29.85
CA PRO B 286 17.27 -1.66 -28.48
C PRO B 286 17.27 -0.23 -27.92
N LYS B 287 16.16 0.16 -27.29
CA LYS B 287 16.01 1.48 -26.69
C LYS B 287 15.53 1.39 -25.26
N VAL B 288 16.06 2.25 -24.39
CA VAL B 288 15.66 2.28 -22.98
C VAL B 288 14.30 2.96 -22.83
N ILE B 289 13.44 2.35 -22.02
CA ILE B 289 12.20 3.00 -21.60
C ILE B 289 12.54 4.03 -20.52
N GLU B 290 12.63 5.30 -20.92
CA GLU B 290 13.08 6.36 -20.03
C GLU B 290 12.06 6.78 -18.98
N ASN B 291 10.78 6.59 -19.29
CA ASN B 291 9.68 6.99 -18.40
C ASN B 291 9.76 6.41 -16.98
N ILE B 292 10.28 5.20 -16.88
CA ILE B 292 10.31 4.46 -15.62
C ILE B 292 11.71 4.25 -15.07
N ARG B 293 12.67 5.04 -15.56
CA ARG B 293 14.08 4.92 -15.16
C ARG B 293 14.32 5.06 -13.66
N ASP B 294 13.43 5.77 -12.97
CA ASP B 294 13.56 6.01 -11.53
C ASP B 294 13.03 4.87 -10.66
N GLN B 295 12.34 3.92 -11.30
CA GLN B 295 11.81 2.77 -10.60
C GLN B 295 12.61 1.53 -10.94
N THR B 296 12.57 0.56 -10.03
CA THR B 296 13.29 -0.69 -10.22
C THR B 296 12.32 -1.77 -10.68
N ILE B 297 12.51 -2.24 -11.90
CA ILE B 297 11.68 -3.29 -12.47
C ILE B 297 12.23 -4.66 -12.07
N SER B 298 11.34 -5.50 -11.53
CA SER B 298 11.70 -6.82 -11.04
CA SER B 298 11.69 -6.82 -11.03
C SER B 298 11.36 -7.92 -12.03
N TYR B 299 10.27 -7.74 -12.78
CA TYR B 299 9.79 -8.75 -13.73
C TYR B 299 9.20 -8.12 -14.98
N ILE B 300 9.42 -8.78 -16.13
CA ILE B 300 8.86 -8.34 -17.40
C ILE B 300 8.00 -9.44 -18.03
N SER B 301 6.98 -9.03 -18.77
CA SER B 301 6.07 -9.96 -19.45
C SER B 301 5.58 -9.34 -20.76
N CYS B 302 5.42 -10.19 -21.78
CA CYS B 302 4.97 -9.75 -23.11
C CYS B 302 3.76 -10.54 -23.56
N GLY B 303 2.77 -9.84 -24.09
CA GLY B 303 1.68 -10.47 -24.83
C GLY B 303 1.95 -10.31 -26.31
N GLU B 304 0.97 -10.68 -27.15
CA GLU B 304 1.12 -10.48 -28.59
C GLU B 304 1.36 -9.01 -28.92
N ASN B 305 0.55 -8.14 -28.33
CA ASN B 305 0.57 -6.71 -28.64
C ASN B 305 0.57 -5.81 -27.41
N HIS B 306 0.92 -6.36 -26.24
CA HIS B 306 1.09 -5.52 -25.05
C HIS B 306 2.20 -6.02 -24.12
N THR B 307 2.53 -5.19 -23.13
CA THR B 307 3.66 -5.45 -22.23
C THR B 307 3.25 -5.14 -20.80
N ALA B 308 3.79 -5.89 -19.84
CA ALA B 308 3.57 -5.65 -18.43
C ALA B 308 4.89 -5.65 -17.66
N LEU B 309 5.01 -4.74 -16.70
CA LEU B 309 6.20 -4.67 -15.86
C LEU B 309 5.78 -4.67 -14.40
N ILE B 310 6.48 -5.46 -13.58
CA ILE B 310 6.27 -5.46 -12.13
C ILE B 310 7.49 -4.81 -11.48
N THR B 311 7.25 -3.88 -10.55
CA THR B 311 8.35 -3.20 -9.86
C THR B 311 8.74 -3.95 -8.60
N ASP B 312 9.87 -3.56 -8.00
CA ASP B 312 10.38 -4.22 -6.80
C ASP B 312 9.51 -4.01 -5.55
N ILE B 313 8.62 -3.03 -5.61
CA ILE B 313 7.66 -2.81 -4.51
C ILE B 313 6.25 -3.31 -4.86
N GLY B 314 6.14 -4.00 -5.99
CA GLY B 314 4.90 -4.68 -6.37
C GLY B 314 3.88 -3.86 -7.15
N LEU B 315 4.32 -2.74 -7.72
CA LEU B 315 3.48 -1.99 -8.65
C LEU B 315 3.49 -2.65 -10.02
N MET B 316 2.42 -2.48 -10.78
CA MET B 316 2.40 -2.95 -12.16
C MET B 316 2.16 -1.82 -13.16
N TYR B 317 2.95 -1.83 -14.22
CA TYR B 317 2.80 -0.93 -15.35
C TYR B 317 2.49 -1.72 -16.62
N THR B 318 1.52 -1.25 -17.39
CA THR B 318 1.22 -1.90 -18.67
C THR B 318 1.21 -0.89 -19.80
N PHE B 319 1.42 -1.38 -21.02
CA PHE B 319 1.38 -0.54 -22.21
C PHE B 319 1.15 -1.38 -23.46
N GLY B 320 0.63 -0.74 -24.50
CA GLY B 320 0.33 -1.40 -25.76
C GLY B 320 -1.16 -1.38 -26.08
N ASP B 321 -1.58 -2.39 -26.83
CA ASP B 321 -2.95 -2.52 -27.31
C ASP B 321 -3.96 -2.62 -26.17
N GLY B 322 -4.95 -1.73 -26.18
CA GLY B 322 -5.93 -1.63 -25.11
C GLY B 322 -7.22 -2.42 -25.33
N ARG B 323 -7.35 -3.04 -26.50
CA ARG B 323 -8.57 -3.77 -26.86
C ARG B 323 -8.95 -4.85 -25.84
N HIS B 324 -10.26 -4.95 -25.60
CA HIS B 324 -10.87 -5.91 -24.66
C HIS B 324 -10.58 -5.60 -23.17
N GLY B 325 -9.82 -4.53 -22.92
CA GLY B 325 -9.45 -4.14 -21.57
C GLY B 325 -8.28 -4.93 -21.00
N LYS B 326 -7.48 -5.51 -21.90
CA LYS B 326 -6.39 -6.41 -21.49
C LYS B 326 -5.22 -5.74 -20.75
N LEU B 327 -5.13 -4.41 -20.81
CA LEU B 327 -4.08 -3.68 -20.10
C LEU B 327 -4.34 -3.59 -18.59
N GLY B 328 -5.58 -3.89 -18.19
CA GLY B 328 -5.95 -3.90 -16.78
C GLY B 328 -5.88 -2.53 -16.13
N LEU B 329 -6.30 -1.51 -16.88
CA LEU B 329 -6.27 -0.14 -16.39
C LEU B 329 -7.66 0.32 -15.95
N GLY B 330 -8.41 0.91 -16.87
CA GLY B 330 -9.78 1.33 -16.58
C GLY B 330 -10.81 0.40 -17.19
N LEU B 331 -11.98 0.33 -16.56
CA LEU B 331 -13.08 -0.53 -17.01
C LEU B 331 -13.61 -0.13 -18.40
N GLU B 332 -13.58 1.16 -18.68
CA GLU B 332 -14.06 1.70 -19.96
C GLU B 332 -12.90 2.22 -20.81
N ASN B 333 -11.69 2.12 -20.27
CA ASN B 333 -10.49 2.61 -20.94
C ASN B 333 -9.87 1.53 -21.82
N PHE B 334 -10.27 1.53 -23.09
CA PHE B 334 -9.83 0.53 -24.06
C PHE B 334 -8.83 1.10 -25.07
N THR B 335 -8.32 2.28 -24.76
CA THR B 335 -7.38 2.99 -25.64
C THR B 335 -5.96 2.42 -25.58
N ASN B 336 -5.21 2.59 -26.66
CA ASN B 336 -3.81 2.17 -26.70
C ASN B 336 -2.94 3.10 -25.85
N HIS B 337 -1.97 2.51 -25.15
CA HIS B 337 -1.05 3.29 -24.32
C HIS B 337 0.40 3.14 -24.80
N PHE B 338 1.02 4.27 -25.11
CA PHE B 338 2.34 4.30 -25.73
C PHE B 338 3.47 4.54 -24.75
N ILE B 339 3.12 4.72 -23.48
CA ILE B 339 4.09 4.81 -22.39
C ILE B 339 3.64 3.91 -21.24
N PRO B 340 4.58 3.42 -20.41
CA PRO B 340 4.16 2.59 -19.28
C PRO B 340 3.18 3.30 -18.36
N THR B 341 2.03 2.68 -18.14
CA THR B 341 0.94 3.28 -17.39
C THR B 341 0.66 2.49 -16.12
N LEU B 342 0.61 3.22 -15.01
CA LEU B 342 0.42 2.63 -13.69
C LEU B 342 -0.96 2.01 -13.56
N CYS B 343 -1.00 0.73 -13.18
CA CYS B 343 -2.25 0.04 -12.88
C CYS B 343 -2.70 0.45 -11.49
N SER B 344 -3.35 1.61 -11.42
CA SER B 344 -3.73 2.22 -10.14
C SER B 344 -4.79 1.41 -9.39
N ASN B 345 -5.52 0.56 -10.11
CA ASN B 345 -6.49 -0.35 -9.49
C ASN B 345 -5.85 -1.36 -8.51
N PHE B 346 -4.53 -1.54 -8.63
CA PHE B 346 -3.79 -2.46 -7.76
C PHE B 346 -2.94 -1.75 -6.70
N LEU B 347 -3.18 -0.46 -6.47
CA LEU B 347 -2.35 0.34 -5.57
C LEU B 347 -2.26 -0.14 -4.12
N ARG B 348 -3.33 -0.77 -3.64
CA ARG B 348 -3.35 -1.33 -2.28
C ARG B 348 -2.90 -2.80 -2.28
N PHE B 349 -2.33 -3.24 -3.40
CA PHE B 349 -1.90 -4.62 -3.59
C PHE B 349 -0.42 -4.71 -3.94
N ILE B 350 0.15 -5.89 -3.68
CA ILE B 350 1.45 -6.28 -4.20
C ILE B 350 1.17 -7.23 -5.38
N VAL B 351 1.54 -6.80 -6.58
CA VAL B 351 1.43 -7.66 -7.76
C VAL B 351 2.61 -8.64 -7.72
N LYS B 352 2.28 -9.93 -7.71
CA LYS B 352 3.28 -10.97 -7.49
C LYS B 352 3.60 -11.75 -8.77
N LEU B 353 2.59 -12.03 -9.56
CA LEU B 353 2.76 -12.74 -10.82
C LEU B 353 1.92 -12.10 -11.91
N VAL B 354 2.42 -12.12 -13.14
CA VAL B 354 1.68 -11.65 -14.29
C VAL B 354 2.03 -12.45 -15.53
N ALA B 355 1.03 -12.73 -16.36
CA ALA B 355 1.25 -13.34 -17.66
C ALA B 355 0.35 -12.66 -18.69
N CYS B 356 0.88 -12.48 -19.89
CA CYS B 356 0.18 -11.77 -20.96
C CYS B 356 -0.01 -12.66 -22.19
N GLY B 357 -1.24 -12.71 -22.70
CA GLY B 357 -1.56 -13.51 -23.86
C GLY B 357 -1.90 -12.69 -25.08
N GLY B 358 -2.67 -13.29 -26.00
CA GLY B 358 -3.06 -12.63 -27.24
C GLY B 358 -4.08 -11.51 -27.02
N CYS B 359 -5.15 -11.83 -26.30
CA CYS B 359 -6.25 -10.88 -26.10
C CYS B 359 -6.56 -10.70 -24.61
N HIS B 360 -5.66 -11.15 -23.76
CA HIS B 360 -5.92 -11.19 -22.32
C HIS B 360 -4.67 -11.11 -21.47
N MET B 361 -4.88 -10.93 -20.17
CA MET B 361 -3.82 -10.86 -19.18
C MET B 361 -4.31 -11.44 -17.86
N VAL B 362 -3.42 -12.14 -17.17
CA VAL B 362 -3.76 -12.75 -15.89
C VAL B 362 -2.72 -12.31 -14.85
N VAL B 363 -3.21 -11.87 -13.70
CA VAL B 363 -2.33 -11.35 -12.65
C VAL B 363 -2.68 -11.93 -11.28
N PHE B 364 -1.67 -12.32 -10.53
CA PHE B 364 -1.84 -12.71 -9.15
C PHE B 364 -1.34 -11.57 -8.26
N ALA B 365 -2.22 -11.11 -7.36
CA ALA B 365 -1.91 -9.99 -6.48
C ALA B 365 -2.45 -10.22 -5.07
N ALA B 366 -1.67 -9.79 -4.08
CA ALA B 366 -2.05 -9.90 -2.67
C ALA B 366 -2.19 -8.51 -2.05
N PRO B 367 -3.20 -8.31 -1.18
CA PRO B 367 -3.37 -7.01 -0.54
C PRO B 367 -2.16 -6.65 0.32
N HIS B 368 -1.75 -5.39 0.25
CA HIS B 368 -0.63 -4.92 1.08
C HIS B 368 -1.08 -4.76 2.52
N ARG B 369 -0.22 -5.15 3.45
CA ARG B 369 -0.57 -5.26 4.86
C ARG B 369 0.15 -4.22 5.71
N LEU C 7 -50.22 6.52 35.15
CA LEU C 7 -49.38 7.73 34.90
C LEU C 7 -48.10 7.37 34.16
N MET C 8 -47.46 8.37 33.54
CA MET C 8 -46.17 8.18 32.90
C MET C 8 -45.14 7.77 33.95
N PRO C 9 -44.45 6.63 33.71
CA PRO C 9 -43.44 6.16 34.66
C PRO C 9 -42.29 7.16 34.81
N ASP C 10 -41.55 7.04 35.90
CA ASP C 10 -40.42 7.93 36.20
C ASP C 10 -39.32 7.83 35.14
N SER C 11 -39.26 6.68 34.48
CA SER C 11 -38.26 6.42 33.44
C SER C 11 -38.54 7.20 32.15
N GLY C 12 -39.75 7.73 32.02
CA GLY C 12 -40.09 8.60 30.89
C GLY C 12 -41.03 7.99 29.87
N ALA C 13 -41.00 8.54 28.66
CA ALA C 13 -41.91 8.12 27.60
C ALA C 13 -41.32 8.31 26.20
N VAL C 14 -41.92 7.64 25.23
CA VAL C 14 -41.61 7.86 23.83
C VAL C 14 -42.59 8.87 23.28
N PHE C 15 -42.07 9.91 22.66
CA PHE C 15 -42.86 10.97 22.06
C PHE C 15 -42.73 10.90 20.54
N THR C 16 -43.86 10.93 19.86
CA THR C 16 -43.87 10.90 18.40
C THR C 16 -44.31 12.23 17.80
N PHE C 17 -43.69 12.60 16.69
CA PHE C 17 -44.04 13.82 15.97
C PHE C 17 -44.15 13.53 14.48
N GLY C 18 -44.98 14.28 13.78
CA GLY C 18 -45.15 14.13 12.34
C GLY C 18 -46.12 13.04 11.93
N LYS C 19 -45.97 12.55 10.70
CA LYS C 19 -46.78 11.43 10.19
C LYS C 19 -46.15 10.09 10.57
N SER C 20 -46.25 9.73 11.84
CA SER C 20 -45.71 8.46 12.34
C SER C 20 -46.80 7.39 12.39
N LYS C 21 -48.03 7.79 12.05
CA LYS C 21 -49.24 6.96 12.11
C LYS C 21 -49.73 6.68 13.54
N PHE C 22 -49.00 7.17 14.54
CA PHE C 22 -49.43 7.07 15.93
C PHE C 22 -50.29 8.27 16.33
N ALA C 23 -51.39 7.99 17.04
CA ALA C 23 -52.34 9.00 17.51
C ALA C 23 -52.94 9.85 16.39
N ASN C 25 -48.27 15.09 12.94
CA ASN C 25 -49.33 15.26 13.92
C ASN C 25 -50.35 14.12 13.89
N ASN C 26 -51.05 13.87 14.99
CA ASN C 26 -50.92 14.63 16.24
C ASN C 26 -49.81 14.08 17.14
N PRO C 27 -49.09 14.98 17.86
CA PRO C 27 -48.03 14.55 18.78
C PRO C 27 -48.50 13.49 19.76
N GLY C 28 -47.87 12.32 19.71
CA GLY C 28 -48.28 11.18 20.51
C GLY C 28 -47.29 10.83 21.60
N LYS C 29 -47.71 9.95 22.50
CA LYS C 29 -46.92 9.58 23.67
C LYS C 29 -47.26 8.15 24.06
N PHE C 30 -46.23 7.33 24.28
CA PHE C 30 -46.41 5.98 24.80
C PHE C 30 -45.25 5.52 25.68
N TRP C 31 -45.49 4.47 26.45
CA TRP C 31 -44.47 3.86 27.29
C TRP C 31 -44.78 2.38 27.50
N PHE C 32 -43.80 1.65 28.04
CA PHE C 32 -43.94 0.22 28.26
C PHE C 32 -44.00 -0.12 29.74
N LYS C 33 -44.61 -1.26 30.05
CA LYS C 33 -44.70 -1.74 31.42
C LYS C 33 -43.39 -2.42 31.84
N ASN C 34 -42.75 -1.88 32.88
CA ASN C 34 -41.49 -2.39 33.42
C ASN C 34 -40.42 -2.60 32.35
N ASP C 35 -40.39 -1.70 31.37
CA ASP C 35 -39.47 -1.79 30.24
C ASP C 35 -39.19 -0.38 29.74
N VAL C 36 -37.99 -0.15 29.23
CA VAL C 36 -37.62 1.15 28.68
C VAL C 36 -36.96 1.02 27.30
N PRO C 37 -37.19 2.00 26.42
CA PRO C 37 -36.50 2.01 25.13
C PRO C 37 -34.99 2.14 25.33
N VAL C 38 -34.22 1.46 24.49
CA VAL C 38 -32.76 1.58 24.50
C VAL C 38 -32.22 1.96 23.11
N HIS C 39 -33.04 1.78 22.08
CA HIS C 39 -32.65 2.12 20.71
C HIS C 39 -33.87 2.52 19.88
N LEU C 40 -33.74 3.63 19.15
CA LEU C 40 -34.78 4.09 18.23
C LEU C 40 -34.25 4.16 16.82
N SER C 41 -35.10 3.79 15.87
CA SER C 41 -34.80 3.94 14.46
C SER C 41 -36.04 4.37 13.70
N CYS C 42 -35.85 5.24 12.71
CA CYS C 42 -36.95 5.71 11.88
C CYS C 42 -36.57 5.60 10.42
N GLY C 43 -37.49 5.07 9.63
CA GLY C 43 -37.31 4.96 8.18
C GLY C 43 -38.15 6.01 7.48
N ASP C 44 -38.36 5.83 6.18
CA ASP C 44 -39.14 6.80 5.43
C ASP C 44 -40.55 6.95 6.01
N GLU C 45 -41.21 5.84 6.29
CA GLU C 45 -42.60 5.85 6.76
C GLU C 45 -42.87 4.87 7.90
N HIS C 46 -41.82 4.37 8.54
CA HIS C 46 -41.98 3.47 9.67
C HIS C 46 -40.97 3.72 10.78
N SER C 47 -41.18 3.05 11.92
CA SER C 47 -40.36 3.25 13.11
C SER C 47 -40.13 1.95 13.87
N ALA C 48 -39.00 1.87 14.54
CA ALA C 48 -38.66 0.72 15.39
C ALA C 48 -38.22 1.19 16.78
N VAL C 49 -38.65 0.45 17.80
CA VAL C 49 -38.19 0.67 19.17
C VAL C 49 -37.67 -0.65 19.72
N VAL C 50 -36.41 -0.65 20.15
CA VAL C 50 -35.82 -1.79 20.86
C VAL C 50 -35.83 -1.44 22.34
N THR C 51 -36.29 -2.38 23.17
CA THR C 51 -36.39 -2.13 24.61
C THR C 51 -35.30 -2.85 25.41
N GLY C 52 -35.13 -2.42 26.66
CA GLY C 52 -34.13 -2.99 27.58
C GLY C 52 -34.34 -4.47 27.87
N ASN C 53 -35.59 -4.92 27.78
CA ASN C 53 -35.93 -6.34 27.92
C ASN C 53 -35.71 -7.10 26.61
N ASN C 54 -35.04 -6.43 25.65
CA ASN C 54 -34.65 -7.03 24.38
C ASN C 54 -35.82 -7.40 23.46
N LYS C 55 -36.86 -6.58 23.48
CA LYS C 55 -38.03 -6.78 22.63
C LYS C 55 -38.06 -5.72 21.52
N LEU C 56 -38.66 -6.07 20.38
CA LEU C 56 -38.78 -5.15 19.25
C LEU C 56 -40.24 -4.74 19.02
N TYR C 57 -40.46 -3.42 18.96
CA TYR C 57 -41.78 -2.87 18.64
C TYR C 57 -41.70 -2.08 17.35
N MET C 58 -42.64 -2.35 16.44
CA MET C 58 -42.68 -1.67 15.14
C MET C 58 -44.00 -0.94 14.97
N PHE C 59 -43.96 0.16 14.22
CA PHE C 59 -45.18 0.85 13.81
C PHE C 59 -44.96 1.73 12.58
N GLY C 60 -46.07 2.11 11.95
CA GLY C 60 -46.02 2.91 10.72
C GLY C 60 -46.47 2.10 9.53
N SER C 61 -45.94 2.44 8.35
CA SER C 61 -46.32 1.76 7.11
C SER C 61 -45.75 0.34 7.05
N ASN C 62 -46.55 -0.59 6.53
CA ASN C 62 -46.12 -1.96 6.30
C ASN C 62 -46.39 -2.38 4.86
N ASN C 63 -46.50 -1.40 3.97
CA ASN C 63 -46.85 -1.65 2.57
C ASN C 63 -45.90 -2.63 1.87
N TRP C 64 -44.62 -2.56 2.24
CA TRP C 64 -43.60 -3.45 1.69
C TRP C 64 -43.22 -4.61 2.62
N GLY C 65 -43.89 -4.69 3.78
CA GLY C 65 -43.59 -5.71 4.76
C GLY C 65 -42.47 -5.30 5.70
N GLN C 66 -42.18 -4.00 5.74
CA GLN C 66 -41.06 -3.49 6.54
C GLN C 66 -41.24 -3.58 8.07
N LEU C 67 -42.46 -3.83 8.54
CA LEU C 67 -42.68 -4.03 9.97
C LEU C 67 -42.48 -5.48 10.40
N GLY C 68 -42.43 -6.38 9.43
CA GLY C 68 -42.30 -7.81 9.70
C GLY C 68 -43.58 -8.41 10.25
N LEU C 69 -44.69 -7.73 10.01
CA LEU C 69 -45.98 -8.13 10.56
C LEU C 69 -46.95 -8.64 9.49
N GLY C 70 -46.40 -9.29 8.47
CA GLY C 70 -47.22 -9.94 7.44
C GLY C 70 -47.87 -8.98 6.47
N SER C 71 -49.08 -9.32 6.03
CA SER C 71 -49.76 -8.60 4.95
C SER C 71 -50.52 -7.35 5.37
N LYS C 72 -50.45 -6.99 6.65
CA LYS C 72 -51.13 -5.79 7.17
C LYS C 72 -50.59 -4.53 6.46
N SER C 73 -51.49 -3.60 6.15
CA SER C 73 -51.13 -2.39 5.40
C SER C 73 -50.32 -1.40 6.23
N ALA C 74 -50.80 -1.13 7.45
CA ALA C 74 -50.17 -0.16 8.34
C ALA C 74 -50.56 -0.41 9.79
N ILE C 75 -49.66 -0.08 10.71
CA ILE C 75 -49.87 -0.31 12.13
C ILE C 75 -49.75 1.01 12.87
N SER C 76 -50.82 1.39 13.56
CA SER C 76 -50.88 2.70 14.23
C SER C 76 -50.14 2.71 15.56
N LYS C 77 -50.24 1.62 16.31
CA LYS C 77 -49.66 1.54 17.65
C LYS C 77 -48.46 0.60 17.68
N PRO C 78 -47.45 0.93 18.53
CA PRO C 78 -46.25 0.09 18.63
C PRO C 78 -46.64 -1.36 18.93
N THR C 79 -46.17 -2.26 18.08
CA THR C 79 -46.58 -3.66 18.13
C THR C 79 -45.33 -4.52 18.26
N CYS C 80 -45.34 -5.39 19.27
CA CYS C 80 -44.24 -6.30 19.50
C CYS C 80 -44.16 -7.34 18.39
N VAL C 81 -42.96 -7.56 17.88
CA VAL C 81 -42.73 -8.62 16.91
C VAL C 81 -42.49 -9.90 17.70
N LYS C 82 -43.58 -10.63 17.93
CA LYS C 82 -43.59 -11.82 18.78
C LYS C 82 -42.72 -12.95 18.21
N ALA C 83 -42.59 -12.99 16.90
CA ALA C 83 -41.76 -13.98 16.22
C ALA C 83 -40.29 -13.93 16.67
N LEU C 84 -39.87 -12.76 17.17
CA LEU C 84 -38.49 -12.55 17.61
C LEU C 84 -38.30 -12.66 19.13
N LYS C 85 -39.36 -13.02 19.86
CA LYS C 85 -39.32 -13.12 21.33
C LYS C 85 -38.31 -14.14 21.90
N PRO C 86 -38.09 -15.29 21.20
CA PRO C 86 -37.04 -16.19 21.68
C PRO C 86 -35.63 -15.61 21.57
N GLU C 87 -35.46 -14.59 20.74
CA GLU C 87 -34.18 -13.90 20.57
C GLU C 87 -34.10 -12.66 21.44
N LYS C 88 -32.89 -12.26 21.80
CA LYS C 88 -32.66 -11.00 22.51
C LYS C 88 -32.29 -9.89 21.52
N VAL C 89 -33.28 -9.11 21.11
CA VAL C 89 -33.07 -8.02 20.14
C VAL C 89 -32.26 -6.89 20.78
N LYS C 90 -31.27 -6.40 20.04
CA LYS C 90 -30.37 -5.36 20.54
C LYS C 90 -30.42 -4.07 19.71
N LEU C 91 -30.50 -4.23 18.40
CA LEU C 91 -30.47 -3.09 17.49
C LEU C 91 -31.46 -3.23 16.34
N ALA C 92 -31.89 -2.11 15.80
CA ALA C 92 -32.72 -2.09 14.60
C ALA C 92 -32.34 -0.90 13.73
N ALA C 93 -32.52 -1.05 12.42
CA ALA C 93 -32.34 0.06 11.48
C ALA C 93 -33.45 0.02 10.44
N CYS C 94 -34.05 1.18 10.21
CA CYS C 94 -35.15 1.32 9.27
C CYS C 94 -34.73 2.13 8.06
N GLY C 95 -34.96 1.56 6.87
CA GLY C 95 -34.65 2.23 5.61
C GLY C 95 -35.92 2.75 4.96
N ARG C 96 -35.89 2.90 3.64
CA ARG C 96 -37.05 3.41 2.93
C ARG C 96 -38.22 2.41 2.94
N ASN C 97 -37.91 1.14 2.68
CA ASN C 97 -38.94 0.10 2.64
C ASN C 97 -38.53 -1.22 3.29
N HIS C 98 -37.48 -1.17 4.11
CA HIS C 98 -37.00 -2.38 4.79
C HIS C 98 -36.47 -2.08 6.19
N THR C 99 -36.28 -3.15 6.96
CA THR C 99 -35.81 -3.07 8.34
C THR C 99 -34.79 -4.18 8.61
N LEU C 100 -33.72 -3.82 9.31
CA LEU C 100 -32.73 -4.76 9.80
C LEU C 100 -32.78 -4.82 11.32
N VAL C 101 -32.53 -6.00 11.87
CA VAL C 101 -32.50 -6.19 13.33
C VAL C 101 -31.36 -7.13 13.70
N SER C 102 -30.68 -6.84 14.82
CA SER C 102 -29.62 -7.71 15.30
C SER C 102 -29.92 -8.21 16.71
N THR C 103 -29.55 -9.46 16.97
CA THR C 103 -29.83 -10.10 18.26
C THR C 103 -28.53 -10.49 18.99
N GLU C 104 -28.64 -10.63 20.31
CA GLU C 104 -27.50 -11.02 21.15
C GLU C 104 -26.82 -12.31 20.69
N GLY C 105 -27.64 -13.29 20.30
CA GLY C 105 -27.15 -14.63 19.95
C GLY C 105 -26.32 -14.74 18.67
N GLY C 106 -26.27 -13.66 17.90
CA GLY C 106 -25.46 -13.63 16.67
C GLY C 106 -26.25 -13.63 15.37
N ASN C 107 -27.58 -13.63 15.49
CA ASN C 107 -28.44 -13.56 14.32
C ASN C 107 -28.78 -12.12 13.92
N VAL C 108 -28.71 -11.85 12.62
CA VAL C 108 -29.18 -10.58 12.05
C VAL C 108 -30.36 -10.93 11.14
N TYR C 109 -31.46 -10.18 11.30
CA TYR C 109 -32.69 -10.43 10.54
C TYR C 109 -33.03 -9.25 9.63
N ALA C 110 -33.81 -9.52 8.59
CA ALA C 110 -34.29 -8.48 7.68
C ALA C 110 -35.70 -8.77 7.17
N THR C 111 -36.45 -7.71 6.90
CA THR C 111 -37.79 -7.82 6.32
C THR C 111 -38.11 -6.60 5.46
N GLY C 112 -39.01 -6.78 4.49
CA GLY C 112 -39.49 -5.69 3.67
C GLY C 112 -39.10 -5.77 2.20
N GLY C 113 -38.99 -4.60 1.57
CA GLY C 113 -38.59 -4.49 0.17
C GLY C 113 -37.21 -5.06 -0.08
N ASN C 114 -37.00 -5.58 -1.29
CA ASN C 114 -35.77 -6.30 -1.62
C ASN C 114 -35.35 -6.14 -3.08
N ASN C 115 -35.90 -5.12 -3.75
CA ASN C 115 -35.70 -4.95 -5.19
C ASN C 115 -34.25 -4.77 -5.60
N GLU C 116 -33.43 -4.25 -4.69
CA GLU C 116 -32.01 -4.05 -4.93
C GLU C 116 -31.14 -4.99 -4.10
N GLY C 117 -31.77 -5.94 -3.42
CA GLY C 117 -31.06 -6.89 -2.59
C GLY C 117 -30.78 -6.41 -1.17
N GLN C 118 -31.48 -5.36 -0.75
CA GLN C 118 -31.25 -4.71 0.55
C GLN C 118 -31.52 -5.59 1.77
N LEU C 119 -32.24 -6.70 1.60
CA LEU C 119 -32.46 -7.62 2.71
C LEU C 119 -31.25 -8.50 3.03
N GLY C 120 -30.34 -8.62 2.07
CA GLY C 120 -29.12 -9.40 2.26
C GLY C 120 -29.36 -10.89 2.34
N LEU C 121 -30.41 -11.35 1.67
CA LEU C 121 -30.87 -12.73 1.76
C LEU C 121 -30.49 -13.55 0.54
N GLY C 122 -29.77 -12.92 -0.39
CA GLY C 122 -29.25 -13.61 -1.57
C GLY C 122 -30.14 -13.57 -2.79
N ASP C 123 -31.31 -12.98 -2.66
CA ASP C 123 -32.22 -12.79 -3.80
C ASP C 123 -32.78 -11.36 -3.83
N THR C 124 -33.77 -11.12 -4.67
CA THR C 124 -34.45 -9.82 -4.72
C THR C 124 -35.94 -9.93 -4.41
N GLU C 125 -36.30 -10.99 -3.67
CA GLU C 125 -37.70 -11.24 -3.32
C GLU C 125 -38.07 -10.53 -2.03
N GLU C 126 -39.18 -9.79 -2.06
CA GLU C 126 -39.69 -9.10 -0.87
C GLU C 126 -40.11 -10.10 0.21
N ARG C 127 -39.94 -9.72 1.48
CA ARG C 127 -40.41 -10.51 2.61
C ARG C 127 -41.29 -9.64 3.50
N ASN C 128 -42.30 -10.22 4.13
CA ASN C 128 -43.11 -9.47 5.10
C ASN C 128 -43.01 -9.99 6.52
N THR C 129 -42.06 -10.89 6.75
CA THR C 129 -41.67 -11.33 8.09
C THR C 129 -40.14 -11.35 8.13
N PHE C 130 -39.59 -11.26 9.35
CA PHE C 130 -38.14 -11.25 9.52
C PHE C 130 -37.51 -12.59 9.16
N HIS C 131 -36.51 -12.54 8.27
CA HIS C 131 -35.75 -13.71 7.85
C HIS C 131 -34.29 -13.50 8.25
N VAL C 132 -33.63 -14.58 8.69
CA VAL C 132 -32.25 -14.49 9.12
C VAL C 132 -31.30 -14.33 7.93
N ILE C 133 -30.35 -13.42 8.07
CA ILE C 133 -29.26 -13.28 7.11
C ILE C 133 -28.18 -14.27 7.54
N SER C 134 -28.08 -15.38 6.80
CA SER C 134 -27.18 -16.49 7.16
C SER C 134 -25.70 -16.09 7.18
N PHE C 135 -25.35 -15.05 6.42
CA PHE C 135 -23.99 -14.51 6.38
C PHE C 135 -23.44 -14.19 7.77
N PHE C 136 -24.30 -13.63 8.63
CA PHE C 136 -23.88 -13.22 9.97
C PHE C 136 -24.05 -14.31 11.01
N THR C 137 -23.04 -14.42 11.87
CA THR C 137 -22.99 -15.44 12.92
C THR C 137 -22.56 -14.81 14.24
N SER C 138 -22.38 -15.63 15.26
CA SER C 138 -21.91 -15.17 16.57
C SER C 138 -20.50 -14.58 16.51
N GLU C 139 -19.78 -14.90 15.42
CA GLU C 139 -18.47 -14.31 15.13
C GLU C 139 -18.58 -12.81 14.85
N HIS C 140 -19.76 -12.37 14.41
CA HIS C 140 -20.01 -10.96 14.17
C HIS C 140 -20.81 -10.38 15.33
N LYS C 141 -20.13 -9.67 16.22
CA LYS C 141 -20.81 -8.94 17.29
C LYS C 141 -21.17 -7.57 16.75
N ILE C 142 -22.47 -7.35 16.52
CA ILE C 142 -22.94 -6.13 15.86
C ILE C 142 -22.98 -4.92 16.81
N LYS C 143 -22.22 -3.89 16.46
CA LYS C 143 -22.20 -2.63 17.20
C LYS C 143 -23.27 -1.68 16.68
N GLN C 144 -23.46 -1.65 15.37
CA GLN C 144 -24.36 -0.69 14.72
C GLN C 144 -24.97 -1.26 13.44
N LEU C 145 -26.22 -0.88 13.19
CA LEU C 145 -26.89 -1.15 11.91
C LEU C 145 -27.30 0.19 11.30
N SER C 146 -27.35 0.23 9.98
CA SER C 146 -27.90 1.40 9.29
C SER C 146 -28.62 0.96 8.03
N ALA C 147 -29.56 1.78 7.58
CA ALA C 147 -30.37 1.45 6.40
C ALA C 147 -30.82 2.73 5.71
N GLY C 148 -30.60 2.79 4.41
CA GLY C 148 -31.02 3.94 3.60
C GLY C 148 -32.07 3.54 2.59
N SER C 149 -32.05 4.21 1.44
CA SER C 149 -33.00 3.86 0.38
C SER C 149 -32.49 2.64 -0.38
N ASN C 150 -33.02 1.47 0.00
CA ASN C 150 -32.62 0.18 -0.57
C ASN C 150 -31.14 -0.14 -0.35
N THR C 151 -30.60 0.38 0.76
CA THR C 151 -29.23 0.10 1.17
C THR C 151 -29.21 -0.35 2.63
N SER C 152 -28.17 -1.11 2.98
CA SER C 152 -28.04 -1.70 4.30
C SER C 152 -26.59 -1.72 4.76
N ALA C 153 -26.39 -1.62 6.07
CA ALA C 153 -25.06 -1.72 6.65
C ALA C 153 -25.10 -2.38 8.03
N ALA C 154 -24.05 -3.13 8.32
CA ALA C 154 -23.84 -3.70 9.65
C ALA C 154 -22.39 -3.48 10.04
N LEU C 155 -22.18 -2.96 11.24
CA LEU C 155 -20.85 -2.69 11.76
C LEU C 155 -20.60 -3.55 12.99
N THR C 156 -19.49 -4.29 12.98
CA THR C 156 -19.18 -5.16 14.10
C THR C 156 -18.36 -4.44 15.17
N GLU C 157 -18.27 -5.05 16.36
CA GLU C 157 -17.55 -4.48 17.49
C GLU C 157 -16.05 -4.32 17.26
N ASP C 158 -15.46 -5.24 16.48
CA ASP C 158 -14.03 -5.12 16.15
C ASP C 158 -13.76 -4.24 14.93
N GLY C 159 -14.82 -3.61 14.41
CA GLY C 159 -14.68 -2.55 13.41
C GLY C 159 -14.79 -2.93 11.96
N ARG C 160 -15.35 -4.11 11.68
CA ARG C 160 -15.58 -4.52 10.29
C ARG C 160 -16.93 -4.02 9.83
N LEU C 161 -16.94 -3.38 8.67
CA LEU C 161 -18.14 -2.83 8.10
C LEU C 161 -18.59 -3.63 6.88
N PHE C 162 -19.86 -4.02 6.89
CA PHE C 162 -20.47 -4.76 5.80
C PHE C 162 -21.64 -3.97 5.24
N MET C 163 -21.75 -3.93 3.92
CA MET C 163 -22.84 -3.21 3.26
C MET C 163 -23.43 -4.03 2.13
N TRP C 164 -24.71 -3.78 1.84
CA TRP C 164 -25.39 -4.47 0.74
C TRP C 164 -26.58 -3.65 0.21
N GLY C 165 -27.18 -4.14 -0.88
CA GLY C 165 -28.27 -3.41 -1.54
C GLY C 165 -27.79 -2.63 -2.75
N ASP C 166 -28.40 -1.47 -2.97
CA ASP C 166 -28.17 -0.65 -4.17
C ASP C 166 -26.81 0.04 -4.16
N ASN C 167 -26.08 -0.08 -5.27
CA ASN C 167 -24.81 0.61 -5.48
C ASN C 167 -24.74 1.36 -6.82
N SER C 168 -25.90 1.65 -7.40
N SER C 168 -25.91 1.65 -7.40
CA SER C 168 -25.98 2.27 -8.73
CA SER C 168 -26.01 2.29 -8.72
C SER C 168 -25.32 3.65 -8.80
C SER C 168 -25.27 3.63 -8.79
N GLU C 169 -25.27 4.35 -7.66
CA GLU C 169 -24.61 5.65 -7.57
C GLU C 169 -23.39 5.60 -6.65
N GLY C 170 -23.01 4.38 -6.27
CA GLY C 170 -21.85 4.17 -5.39
C GLY C 170 -22.16 4.24 -3.90
N GLN C 171 -23.44 4.14 -3.54
CA GLN C 171 -23.93 4.36 -2.16
C GLN C 171 -23.41 3.37 -1.13
N ILE C 172 -22.97 2.20 -1.56
CA ILE C 172 -22.39 1.23 -0.63
C ILE C 172 -20.91 0.99 -0.90
N GLY C 173 -20.30 1.87 -1.69
CA GLY C 173 -18.85 1.91 -1.86
C GLY C 173 -18.22 0.72 -2.54
N LEU C 174 -18.99 0.04 -3.37
CA LEU C 174 -18.54 -1.18 -4.03
C LEU C 174 -18.19 -0.97 -5.51
N LYS C 175 -17.70 0.23 -5.81
CA LYS C 175 -17.19 0.58 -7.13
C LYS C 175 -18.24 0.42 -8.24
N ASN C 176 -17.93 -0.37 -9.28
CA ASN C 176 -18.81 -0.47 -10.44
C ASN C 176 -19.92 -1.52 -10.38
N VAL C 177 -19.95 -2.29 -9.29
CA VAL C 177 -21.06 -3.24 -9.06
C VAL C 177 -22.37 -2.46 -8.91
N SER C 178 -23.41 -2.92 -9.59
CA SER C 178 -24.70 -2.21 -9.62
C SER C 178 -25.46 -2.35 -8.30
N ASN C 179 -25.41 -3.55 -7.73
CA ASN C 179 -26.06 -3.87 -6.46
C ASN C 179 -25.56 -5.22 -5.97
N VAL C 180 -25.70 -5.49 -4.68
CA VAL C 180 -25.41 -6.83 -4.13
C VAL C 180 -26.53 -7.28 -3.19
N CYS C 181 -26.81 -8.58 -3.20
CA CYS C 181 -27.87 -9.12 -2.35
CA CYS C 181 -27.87 -9.17 -2.38
C CYS C 181 -27.30 -9.96 -1.21
N VAL C 182 -25.99 -9.89 -1.03
CA VAL C 182 -25.28 -10.57 0.05
C VAL C 182 -24.35 -9.53 0.68
N PRO C 183 -24.25 -9.49 2.03
CA PRO C 183 -23.35 -8.54 2.68
C PRO C 183 -21.92 -8.66 2.16
N GLN C 184 -21.28 -7.50 1.92
CA GLN C 184 -19.91 -7.44 1.45
C GLN C 184 -19.13 -6.43 2.29
N GLN C 185 -17.90 -6.77 2.65
CA GLN C 185 -17.09 -5.88 3.48
C GLN C 185 -16.66 -4.62 2.71
N VAL C 186 -16.86 -3.48 3.35
CA VAL C 186 -16.39 -2.19 2.83
C VAL C 186 -15.30 -1.68 3.76
N THR C 187 -14.10 -1.49 3.21
CA THR C 187 -12.95 -1.10 4.03
C THR C 187 -11.92 -0.30 3.24
N ILE C 188 -11.20 0.56 3.96
CA ILE C 188 -9.96 1.14 3.43
C ILE C 188 -8.75 0.76 4.32
N GLY C 189 -8.96 -0.25 5.16
CA GLY C 189 -7.88 -0.83 5.97
C GLY C 189 -7.94 -0.55 7.46
N LYS C 190 -8.84 0.35 7.87
CA LYS C 190 -8.91 0.78 9.26
C LYS C 190 -10.21 0.33 9.93
N PRO C 191 -10.16 0.04 11.26
CA PRO C 191 -11.38 -0.28 11.98
C PRO C 191 -12.38 0.89 11.91
N VAL C 192 -13.65 0.56 11.70
CA VAL C 192 -14.72 1.54 11.57
C VAL C 192 -15.48 1.65 12.90
N SER C 193 -15.79 2.87 13.31
CA SER C 193 -16.47 3.13 14.58
C SER C 193 -17.90 3.65 14.43
N TRP C 194 -18.26 4.11 13.23
CA TRP C 194 -19.58 4.67 12.98
C TRP C 194 -19.94 4.59 11.51
N ILE C 195 -21.20 4.26 11.22
CA ILE C 195 -21.71 4.29 9.83
C ILE C 195 -23.10 4.88 9.75
N SER C 196 -23.37 5.59 8.66
CA SER C 196 -24.71 6.08 8.36
C SER C 196 -25.03 5.93 6.88
N CYS C 197 -26.17 5.30 6.60
CA CYS C 197 -26.70 5.18 5.26
C CYS C 197 -27.78 6.23 5.05
N GLY C 198 -27.49 7.19 4.17
CA GLY C 198 -28.48 8.17 3.76
C GLY C 198 -29.30 7.64 2.60
N TYR C 199 -30.06 8.51 1.95
CA TYR C 199 -30.94 8.07 0.89
C TYR C 199 -30.16 7.54 -0.32
N TYR C 200 -29.23 8.35 -0.83
CA TYR C 200 -28.47 8.00 -2.03
C TYR C 200 -26.95 8.19 -1.81
N HIS C 201 -26.56 8.32 -0.55
CA HIS C 201 -25.15 8.37 -0.18
C HIS C 201 -24.96 7.80 1.23
N SER C 202 -23.73 7.40 1.53
CA SER C 202 -23.42 6.83 2.84
C SER C 202 -22.07 7.34 3.32
N ALA C 203 -21.77 7.11 4.60
CA ALA C 203 -20.50 7.55 5.18
C ALA C 203 -20.12 6.68 6.36
N PHE C 204 -18.83 6.60 6.62
CA PHE C 204 -18.36 5.96 7.84
C PHE C 204 -17.21 6.72 8.48
N VAL C 205 -17.05 6.49 9.79
CA VAL C 205 -16.00 7.12 10.58
C VAL C 205 -15.07 6.01 11.07
N THR C 206 -13.76 6.24 10.95
CA THR C 206 -12.77 5.28 11.46
C THR C 206 -12.50 5.53 12.94
N THR C 207 -11.93 4.53 13.61
CA THR C 207 -11.62 4.64 15.03
C THR C 207 -10.62 5.75 15.33
N ASP C 208 -9.77 6.08 14.34
CA ASP C 208 -8.83 7.20 14.51
C ASP C 208 -9.38 8.57 14.07
N GLY C 209 -10.69 8.61 13.78
CA GLY C 209 -11.39 9.88 13.59
C GLY C 209 -11.44 10.45 12.18
N GLU C 210 -11.26 9.60 11.18
CA GLU C 210 -11.35 10.01 9.78
C GLU C 210 -12.73 9.72 9.22
N LEU C 211 -13.23 10.64 8.40
CA LEU C 211 -14.54 10.52 7.76
C LEU C 211 -14.39 10.14 6.28
N TYR C 212 -15.11 9.10 5.89
CA TYR C 212 -15.15 8.65 4.50
C TYR C 212 -16.58 8.72 3.98
N VAL C 213 -16.76 9.30 2.80
CA VAL C 213 -18.09 9.48 2.20
C VAL C 213 -18.09 8.95 0.76
N PHE C 214 -19.26 8.50 0.31
CA PHE C 214 -19.41 7.85 -1.00
C PHE C 214 -20.88 7.77 -1.39
N GLY C 215 -21.14 7.77 -2.70
CA GLY C 215 -22.50 7.76 -3.20
C GLY C 215 -22.74 8.80 -4.28
N GLU C 216 -23.99 9.24 -4.41
CA GLU C 216 -24.38 10.14 -5.49
C GLU C 216 -23.68 11.49 -5.35
N PRO C 217 -22.90 11.89 -6.38
CA PRO C 217 -22.14 13.13 -6.30
C PRO C 217 -23.00 14.36 -6.65
N GLU C 218 -24.13 14.48 -5.98
CA GLU C 218 -25.06 15.57 -6.22
C GLU C 218 -25.27 16.45 -4.99
N ASN C 219 -25.51 17.73 -5.23
CA ASN C 219 -25.91 18.68 -4.18
C ASN C 219 -24.85 18.98 -3.13
N GLY C 220 -23.62 18.51 -3.34
CA GLY C 220 -22.52 18.75 -2.42
C GLY C 220 -22.55 17.89 -1.17
N LYS C 221 -23.42 16.88 -1.14
CA LYS C 221 -23.63 16.07 0.06
C LYS C 221 -22.48 15.12 0.42
N LEU C 222 -21.53 14.93 -0.51
CA LEU C 222 -20.36 14.12 -0.21
C LEU C 222 -19.29 14.90 0.55
N GLY C 223 -19.35 16.22 0.49
CA GLY C 223 -18.41 17.10 1.20
C GLY C 223 -16.99 17.03 0.65
N LEU C 224 -16.89 16.59 -0.60
CA LEU C 224 -15.60 16.39 -1.25
C LEU C 224 -15.32 17.50 -2.26
N PRO C 225 -14.03 17.84 -2.45
CA PRO C 225 -13.65 18.76 -3.52
C PRO C 225 -14.12 18.25 -4.87
N ASN C 226 -14.37 19.16 -5.81
CA ASN C 226 -14.87 18.82 -7.14
C ASN C 226 -14.06 17.74 -7.85
N GLN C 227 -12.74 17.78 -7.69
CA GLN C 227 -11.86 16.82 -8.36
C GLN C 227 -11.92 15.39 -7.82
N LEU C 228 -12.59 15.20 -6.68
CA LEU C 228 -12.75 13.86 -6.12
C LEU C 228 -14.11 13.26 -6.46
N LEU C 229 -15.02 14.07 -7.00
CA LEU C 229 -16.40 13.63 -7.26
C LEU C 229 -16.51 12.53 -8.31
N GLY C 230 -15.55 12.46 -9.23
CA GLY C 230 -15.51 11.38 -10.23
C GLY C 230 -15.29 10.00 -9.63
N ASN C 231 -14.69 9.97 -8.44
CA ASN C 231 -14.33 8.72 -7.77
C ASN C 231 -15.32 8.35 -6.66
N HIS C 232 -16.58 8.72 -6.86
CA HIS C 232 -17.62 8.66 -5.81
C HIS C 232 -18.11 7.25 -5.46
N ARG C 233 -17.71 6.26 -6.25
CA ARG C 233 -18.18 4.88 -6.06
C ARG C 233 -17.32 4.08 -5.09
N THR C 234 -16.29 4.72 -4.54
CA THR C 234 -15.42 4.12 -3.52
C THR C 234 -15.30 5.11 -2.35
N PRO C 235 -15.12 4.60 -1.12
CA PRO C 235 -15.01 5.54 0.02
C PRO C 235 -13.81 6.48 -0.10
N GLN C 236 -14.06 7.77 0.13
CA GLN C 236 -13.02 8.79 0.04
C GLN C 236 -12.96 9.67 1.28
N LEU C 237 -11.74 10.04 1.65
CA LEU C 237 -11.47 10.82 2.84
C LEU C 237 -11.93 12.27 2.72
N VAL C 238 -12.70 12.73 3.70
CA VAL C 238 -13.06 14.14 3.80
C VAL C 238 -11.94 14.89 4.49
N SER C 239 -11.20 15.67 3.70
CA SER C 239 -10.00 16.35 4.18
C SER C 239 -10.31 17.76 4.70
N GLU C 240 -11.50 18.26 4.40
CA GLU C 240 -11.87 19.64 4.71
C GLU C 240 -12.48 19.79 6.11
N ILE C 241 -12.41 18.71 6.90
CA ILE C 241 -12.69 18.77 8.34
C ILE C 241 -11.39 18.46 9.07
N PRO C 242 -10.77 19.49 9.67
CA PRO C 242 -9.45 19.34 10.30
C PRO C 242 -9.41 18.41 11.52
N GLU C 243 -10.46 18.45 12.34
CA GLU C 243 -10.49 17.71 13.61
C GLU C 243 -10.91 16.25 13.46
N LYS C 244 -10.75 15.48 14.53
CA LYS C 244 -11.19 14.09 14.60
C LYS C 244 -12.72 14.01 14.61
N VAL C 245 -13.24 13.15 13.74
CA VAL C 245 -14.69 12.95 13.61
C VAL C 245 -15.15 11.85 14.56
N ILE C 246 -16.34 12.04 15.15
CA ILE C 246 -16.90 11.06 16.07
C ILE C 246 -18.15 10.39 15.49
N GLN C 247 -19.05 11.19 14.91
CA GLN C 247 -20.31 10.68 14.38
C GLN C 247 -20.62 11.28 13.01
N VAL C 248 -21.39 10.55 12.21
CA VAL C 248 -21.90 11.07 10.95
C VAL C 248 -23.35 10.62 10.78
N ALA C 249 -24.17 11.48 10.18
CA ALA C 249 -25.57 11.16 9.89
C ALA C 249 -25.91 11.66 8.50
N CYS C 250 -26.33 10.75 7.63
CA CYS C 250 -26.66 11.09 6.24
C CYS C 250 -28.16 11.14 6.03
N GLY C 251 -28.63 12.19 5.38
CA GLY C 251 -30.06 12.40 5.14
C GLY C 251 -30.42 12.25 3.67
N GLY C 252 -31.47 12.95 3.26
CA GLY C 252 -31.93 12.90 1.88
C GLY C 252 -30.94 13.52 0.91
N GLU C 253 -30.58 14.79 1.15
CA GLU C 253 -29.62 15.49 0.32
C GLU C 253 -28.57 16.24 1.14
N HIS C 254 -28.48 15.89 2.42
CA HIS C 254 -27.52 16.54 3.33
C HIS C 254 -26.79 15.54 4.21
N THR C 255 -25.70 16.02 4.81
CA THR C 255 -24.90 15.22 5.72
C THR C 255 -24.57 16.06 6.95
N VAL C 256 -24.58 15.41 8.11
CA VAL C 256 -24.27 16.06 9.38
C VAL C 256 -23.12 15.30 10.02
N VAL C 257 -22.15 16.04 10.55
CA VAL C 257 -20.95 15.45 11.13
C VAL C 257 -20.70 16.03 12.52
N LEU C 258 -20.44 15.13 13.48
CA LEU C 258 -20.06 15.55 14.82
C LEU C 258 -18.57 15.31 15.06
N THR C 259 -17.89 16.36 15.53
CA THR C 259 -16.48 16.28 15.91
C THR C 259 -16.35 16.67 17.38
N GLU C 260 -15.13 16.64 17.91
CA GLU C 260 -14.86 16.99 19.30
C GLU C 260 -15.31 18.42 19.64
N ASN C 261 -15.15 19.33 18.69
CA ASN C 261 -15.40 20.76 18.92
C ASN C 261 -16.67 21.30 18.28
N ALA C 262 -17.06 20.74 17.13
CA ALA C 262 -18.12 21.35 16.33
C ALA C 262 -19.06 20.36 15.63
N VAL C 263 -20.18 20.88 15.15
CA VAL C 263 -21.06 20.18 14.23
C VAL C 263 -20.90 20.79 12.84
N TYR C 264 -20.64 19.94 11.85
CA TYR C 264 -20.51 20.36 10.46
C TYR C 264 -21.68 19.84 9.65
N THR C 265 -22.12 20.63 8.67
CA THR C 265 -23.09 20.17 7.69
C THR C 265 -22.65 20.48 6.27
N PHE C 266 -23.18 19.71 5.33
CA PHE C 266 -22.97 19.95 3.91
C PHE C 266 -24.05 19.30 3.06
N GLY C 267 -24.19 19.76 1.83
CA GLY C 267 -25.23 19.27 0.94
C GLY C 267 -26.27 20.33 0.63
N LEU C 268 -27.48 19.89 0.29
CA LEU C 268 -28.59 20.79 -0.03
C LEU C 268 -29.50 20.92 1.19
N GLY C 269 -29.75 22.16 1.60
CA GLY C 269 -30.65 22.45 2.72
C GLY C 269 -31.68 23.50 2.37
N GLN C 270 -32.52 23.20 1.38
CA GLN C 270 -33.55 24.13 0.92
C GLN C 270 -34.67 24.35 1.94
N PHE C 271 -34.80 23.41 2.88
CA PHE C 271 -35.78 23.51 3.96
C PHE C 271 -35.13 23.95 5.27
N GLY C 272 -33.83 24.16 5.25
CA GLY C 272 -33.10 24.60 6.43
C GLY C 272 -32.33 23.51 7.17
N GLN C 273 -32.29 22.32 6.58
CA GLN C 273 -31.69 21.16 7.26
C GLN C 273 -30.16 21.21 7.43
N LEU C 274 -29.52 22.22 6.83
CA LEU C 274 -28.09 22.45 7.06
C LEU C 274 -27.87 23.25 8.35
N GLY C 275 -28.88 24.04 8.73
CA GLY C 275 -28.83 24.83 9.95
C GLY C 275 -27.80 25.94 9.93
N LEU C 276 -27.50 26.41 8.71
CA LEU C 276 -26.45 27.40 8.52
C LEU C 276 -27.00 28.80 8.26
N GLY C 277 -28.30 28.98 8.53
CA GLY C 277 -28.96 30.27 8.31
C GLY C 277 -29.77 30.32 7.03
N THR C 278 -30.47 31.44 6.83
CA THR C 278 -31.37 31.60 5.70
C THR C 278 -30.65 31.91 4.38
N PHE C 279 -29.40 32.38 4.47
CA PHE C 279 -28.65 32.83 3.29
C PHE C 279 -28.14 31.71 2.38
N LEU C 280 -27.33 30.80 2.92
CA LEU C 280 -26.83 29.67 2.11
C LEU C 280 -27.67 28.40 2.25
N PHE C 281 -28.32 28.04 1.14
CA PHE C 281 -29.17 26.86 1.08
C PHE C 281 -28.37 25.62 0.71
N GLU C 282 -27.14 25.82 0.24
CA GLU C 282 -26.32 24.73 -0.27
C GLU C 282 -24.83 24.97 -0.06
N THR C 283 -24.11 23.92 0.33
CA THR C 283 -22.64 23.97 0.40
C THR C 283 -22.01 22.64 0.04
N SER C 284 -20.98 22.68 -0.79
CA SER C 284 -20.29 21.48 -1.23
C SER C 284 -19.13 21.12 -0.30
N GLU C 285 -18.72 22.08 0.53
CA GLU C 285 -17.69 21.84 1.54
C GLU C 285 -18.30 21.91 2.94
N PRO C 286 -17.79 21.09 3.87
CA PRO C 286 -18.30 21.08 5.24
C PRO C 286 -18.19 22.45 5.90
N LYS C 287 -19.27 22.86 6.56
CA LYS C 287 -19.31 24.14 7.27
C LYS C 287 -19.77 23.95 8.70
N VAL C 288 -19.17 24.69 9.62
CA VAL C 288 -19.52 24.62 11.04
C VAL C 288 -20.85 25.33 11.28
N ILE C 289 -21.70 24.71 12.09
CA ILE C 289 -22.88 25.40 12.60
C ILE C 289 -22.41 26.23 13.78
N GLU C 290 -22.14 27.51 13.52
CA GLU C 290 -21.58 28.40 14.52
C GLU C 290 -22.60 28.76 15.61
N ASN C 291 -23.88 28.63 15.27
CA ASN C 291 -24.99 28.92 16.17
C ASN C 291 -24.95 28.15 17.50
N ILE C 292 -24.51 26.89 17.48
CA ILE C 292 -24.42 26.10 18.72
C ILE C 292 -22.99 25.75 19.12
N ARG C 293 -22.03 26.58 18.71
CA ARG C 293 -20.62 26.40 19.04
C ARG C 293 -20.37 26.44 20.56
N ASP C 294 -21.22 27.15 21.29
CA ASP C 294 -21.15 27.24 22.75
C ASP C 294 -21.68 25.97 23.42
N GLN C 295 -22.46 25.20 22.68
CA GLN C 295 -23.11 23.99 23.18
C GLN C 295 -22.28 22.75 22.83
N THR C 296 -22.29 21.76 23.71
CA THR C 296 -21.64 20.48 23.45
C THR C 296 -22.69 19.46 23.00
N ILE C 297 -22.55 19.02 21.76
CA ILE C 297 -23.47 18.05 21.17
C ILE C 297 -22.94 16.64 21.38
N SER C 298 -23.80 15.76 21.88
CA SER C 298 -23.43 14.39 22.20
C SER C 298 -23.93 13.37 21.16
N TYR C 299 -24.98 13.74 20.43
CA TYR C 299 -25.58 12.84 19.45
C TYR C 299 -26.23 13.61 18.30
N ILE C 300 -26.08 13.10 17.09
CA ILE C 300 -26.70 13.69 15.91
C ILE C 300 -27.60 12.67 15.19
N SER C 301 -28.67 13.18 14.59
CA SER C 301 -29.62 12.36 13.85
C SER C 301 -30.15 13.18 12.68
N CYS C 302 -30.47 12.51 11.58
CA CYS C 302 -31.03 13.14 10.37
CA CYS C 302 -31.20 13.21 10.54
C CYS C 302 -32.20 12.33 9.82
N GLY C 303 -33.21 13.01 9.30
CA GLY C 303 -34.26 12.38 8.53
C GLY C 303 -34.01 12.80 7.10
N GLU C 304 -35.00 12.54 6.23
CA GLU C 304 -34.87 12.93 4.83
C GLU C 304 -34.57 14.42 4.71
N ASN C 305 -35.32 15.24 5.45
CA ASN C 305 -35.28 16.68 5.28
C ASN C 305 -35.18 17.49 6.56
N HIS C 306 -34.80 16.84 7.66
CA HIS C 306 -34.54 17.56 8.90
C HIS C 306 -33.43 16.92 9.74
N THR C 307 -33.01 17.64 10.78
CA THR C 307 -31.88 17.25 11.60
C THR C 307 -32.22 17.45 13.08
N ALA C 308 -31.72 16.55 13.93
CA ALA C 308 -31.86 16.67 15.38
C ALA C 308 -30.51 16.55 16.07
N LEU C 309 -30.32 17.36 17.11
CA LEU C 309 -29.08 17.31 17.90
C LEU C 309 -29.44 17.18 19.37
N ILE C 310 -28.79 16.25 20.07
CA ILE C 310 -28.94 16.13 21.52
C ILE C 310 -27.68 16.69 22.17
N THR C 311 -27.85 17.50 23.21
CA THR C 311 -26.69 18.07 23.91
C THR C 311 -26.29 17.19 25.09
N ASP C 312 -25.11 17.46 25.65
CA ASP C 312 -24.60 16.67 26.79
C ASP C 312 -25.47 16.73 28.05
N ILE C 313 -26.34 17.73 28.15
CA ILE C 313 -27.25 17.87 29.30
C ILE C 313 -28.71 17.52 28.96
N GLY C 314 -28.91 16.91 27.80
CA GLY C 314 -30.22 16.35 27.44
C GLY C 314 -31.21 17.31 26.81
N LEU C 315 -30.72 18.44 26.31
CA LEU C 315 -31.55 19.33 25.52
C LEU C 315 -31.50 18.91 24.06
N MET C 316 -32.53 19.25 23.29
CA MET C 316 -32.57 18.90 21.88
C MET C 316 -32.85 20.12 21.00
N TYR C 317 -32.12 20.19 19.88
CA TYR C 317 -32.31 21.21 18.87
C TYR C 317 -32.69 20.54 17.56
N THR C 318 -33.64 21.14 16.84
CA THR C 318 -34.00 20.63 15.53
C THR C 318 -34.01 21.73 14.48
N PHE C 319 -33.84 21.34 13.23
CA PHE C 319 -33.87 22.28 12.12
C PHE C 319 -34.18 21.56 10.82
N GLY C 320 -34.65 22.32 9.83
CA GLY C 320 -35.08 21.74 8.56
C GLY C 320 -36.56 21.87 8.31
N ASP C 321 -37.06 20.94 7.49
CA ASP C 321 -38.45 20.88 7.02
C ASP C 321 -39.43 20.72 8.19
N GLY C 322 -40.36 21.67 8.30
CA GLY C 322 -41.32 21.69 9.40
C GLY C 322 -42.62 20.95 9.13
N ARG C 323 -42.75 20.39 7.92
CA ARG C 323 -43.97 19.70 7.48
C ARG C 323 -44.44 18.66 8.51
N HIS C 324 -45.76 18.65 8.75
CA HIS C 324 -46.41 17.69 9.65
C HIS C 324 -46.07 17.86 11.14
N GLY C 325 -45.23 18.84 11.46
CA GLY C 325 -44.81 19.08 12.84
C GLY C 325 -43.69 18.17 13.29
N LYS C 326 -42.94 17.63 12.32
CA LYS C 326 -41.89 16.65 12.60
C LYS C 326 -40.65 17.20 13.31
N LEU C 327 -40.53 18.53 13.38
CA LEU C 327 -39.42 19.16 14.12
C LEU C 327 -39.62 19.08 15.63
N GLY C 328 -40.85 18.78 16.05
CA GLY C 328 -41.17 18.63 17.47
C GLY C 328 -40.96 19.90 18.27
N LEU C 329 -41.38 21.02 17.71
CA LEU C 329 -41.20 22.33 18.33
C LEU C 329 -42.51 22.87 18.88
N GLY C 330 -43.46 23.11 17.99
CA GLY C 330 -44.81 23.55 18.36
C GLY C 330 -45.86 22.75 17.64
N LEU C 331 -47.06 22.67 18.21
CA LEU C 331 -48.14 21.87 17.65
C LEU C 331 -48.67 22.46 16.33
N GLU C 332 -48.74 23.78 16.27
CA GLU C 332 -49.26 24.48 15.09
C GLU C 332 -48.13 25.12 14.29
N ASN C 333 -46.88 24.80 14.66
CA ASN C 333 -45.70 25.34 13.99
C ASN C 333 -45.17 24.39 12.91
N PHE C 334 -45.52 24.68 11.66
CA PHE C 334 -45.09 23.87 10.51
C PHE C 334 -44.02 24.56 9.66
N THR C 335 -43.55 25.71 10.11
CA THR C 335 -42.57 26.50 9.36
C THR C 335 -41.19 25.83 9.34
N ASN C 336 -40.44 26.09 8.27
CA ASN C 336 -39.07 25.59 8.15
C ASN C 336 -38.12 26.39 9.02
N HIS C 337 -37.16 25.69 9.64
CA HIS C 337 -36.17 26.32 10.50
C HIS C 337 -34.76 26.18 9.94
N PHE C 338 -34.14 27.31 9.63
CA PHE C 338 -32.83 27.35 9.01
C PHE C 338 -31.68 27.48 10.01
N ILE C 339 -32.03 27.65 11.28
CA ILE C 339 -31.05 27.64 12.37
C ILE C 339 -31.50 26.60 13.40
N PRO C 340 -30.55 25.92 14.07
CA PRO C 340 -30.94 24.97 15.11
C PRO C 340 -31.84 25.64 16.15
N THR C 341 -32.97 25.00 16.45
CA THR C 341 -34.00 25.60 17.27
C THR C 341 -34.27 24.71 18.48
N LEU C 342 -34.17 25.29 19.67
CA LEU C 342 -34.40 24.54 20.90
C LEU C 342 -35.81 23.96 20.95
N CYS C 343 -35.91 22.67 21.23
CA CYS C 343 -37.19 22.03 21.47
C CYS C 343 -37.61 22.35 22.90
N SER C 344 -38.20 23.53 23.09
CA SER C 344 -38.53 24.05 24.41
C SER C 344 -39.61 23.24 25.12
N ASN C 345 -40.40 22.51 24.35
CA ASN C 345 -41.40 21.60 24.90
C ASN C 345 -40.79 20.48 25.76
N PHE C 346 -39.49 20.24 25.57
CA PHE C 346 -38.76 19.24 26.35
C PHE C 346 -37.88 19.80 27.47
N LEU C 347 -38.05 21.08 27.80
CA LEU C 347 -37.19 21.73 28.81
C LEU C 347 -37.25 21.10 30.21
N ARG C 348 -38.37 20.46 30.54
CA ARG C 348 -38.53 19.77 31.82
C ARG C 348 -38.19 18.28 31.71
N PHE C 349 -37.50 17.93 30.63
CA PHE C 349 -37.12 16.55 30.35
C PHE C 349 -35.64 16.44 29.99
N ILE C 350 -35.11 15.24 30.14
CA ILE C 350 -33.81 14.88 29.57
C ILE C 350 -34.06 14.03 28.34
N VAL C 351 -33.70 14.54 27.17
CA VAL C 351 -33.83 13.78 25.93
C VAL C 351 -32.70 12.77 25.85
N LYS C 352 -33.06 11.50 25.69
CA LYS C 352 -32.10 10.41 25.77
C LYS C 352 -31.81 9.77 24.42
N LEU C 353 -32.85 9.63 23.60
CA LEU C 353 -32.73 9.01 22.28
C LEU C 353 -33.58 9.78 21.28
N VAL C 354 -33.11 9.84 20.04
CA VAL C 354 -33.89 10.41 18.95
C VAL C 354 -33.62 9.69 17.63
N ALA C 355 -34.66 9.55 16.83
CA ALA C 355 -34.52 9.06 15.46
C ALA C 355 -35.43 9.88 14.56
N CYS C 356 -34.94 10.16 13.36
CA CYS C 356 -35.66 11.00 12.40
C CYS C 356 -35.93 10.26 11.11
N GLY C 357 -37.18 10.34 10.64
CA GLY C 357 -37.58 9.65 9.42
C GLY C 357 -37.94 10.60 8.30
N GLY C 358 -38.71 10.12 7.34
CA GLY C 358 -39.13 10.92 6.19
C GLY C 358 -40.06 12.06 6.56
N CYS C 359 -41.07 11.72 7.35
CA CYS C 359 -42.15 12.64 7.66
C CYS C 359 -42.44 12.69 9.16
N HIS C 360 -41.53 12.12 9.95
CA HIS C 360 -41.78 11.94 11.38
C HIS C 360 -40.50 11.89 12.19
N MET C 361 -40.67 12.00 13.51
CA MET C 361 -39.55 11.92 14.46
C MET C 361 -40.02 11.20 15.73
N VAL C 362 -39.12 10.42 16.33
CA VAL C 362 -39.43 9.68 17.55
C VAL C 362 -38.39 10.05 18.60
N VAL C 363 -38.85 10.32 19.82
CA VAL C 363 -37.98 10.82 20.89
C VAL C 363 -38.24 10.04 22.18
N PHE C 364 -37.17 9.61 22.83
CA PHE C 364 -37.28 9.07 24.18
C PHE C 364 -36.74 10.10 25.17
N ALA C 365 -37.59 10.51 26.10
CA ALA C 365 -37.22 11.53 27.09
C ALA C 365 -37.73 11.15 28.48
N ALA C 366 -36.91 11.45 29.48
CA ALA C 366 -37.26 11.21 30.88
C ALA C 366 -37.39 12.55 31.62
N PRO C 367 -38.33 12.63 32.59
CA PRO C 367 -38.49 13.90 33.31
C PRO C 367 -37.21 14.33 34.02
N HIS C 368 -36.91 15.63 33.94
CA HIS C 368 -35.72 16.19 34.58
C HIS C 368 -36.02 16.67 35.99
N LEU D 7 30.01 -42.53 34.22
CA LEU D 7 29.32 -43.23 33.10
C LEU D 7 28.33 -42.29 32.41
N MET D 8 28.29 -42.35 31.08
CA MET D 8 27.36 -41.55 30.29
C MET D 8 25.92 -41.93 30.61
N PRO D 9 25.08 -40.94 30.96
CA PRO D 9 23.67 -41.20 31.25
C PRO D 9 22.93 -41.67 29.99
N ASP D 10 21.83 -42.39 30.18
CA ASP D 10 20.99 -42.84 29.07
C ASP D 10 20.50 -41.66 28.23
N SER D 11 20.28 -40.53 28.89
CA SER D 11 19.83 -39.29 28.24
C SER D 11 20.85 -38.74 27.24
N GLY D 12 22.12 -39.13 27.40
CA GLY D 12 23.14 -38.82 26.42
C GLY D 12 24.20 -37.84 26.90
N ALA D 13 24.88 -37.22 25.94
CA ALA D 13 25.98 -36.30 26.23
C ALA D 13 26.05 -35.19 25.21
N VAL D 14 26.74 -34.11 25.59
CA VAL D 14 27.06 -33.03 24.66
C VAL D 14 28.46 -33.29 24.12
N PHE D 15 28.56 -33.33 22.79
CA PHE D 15 29.83 -33.57 22.11
C PHE D 15 30.30 -32.27 21.45
N THR D 16 31.58 -31.96 21.64
CA THR D 16 32.16 -30.74 21.08
C THR D 16 33.19 -31.08 20.01
N PHE D 17 33.18 -30.30 18.94
CA PHE D 17 34.13 -30.46 17.84
C PHE D 17 34.73 -29.12 17.45
N GLY D 18 35.99 -29.14 16.99
CA GLY D 18 36.68 -27.92 16.57
C GLY D 18 37.29 -27.15 17.73
N LYS D 19 37.39 -25.84 17.57
CA LYS D 19 37.97 -24.96 18.59
C LYS D 19 36.91 -24.37 19.53
N SER D 20 36.39 -25.22 20.43
CA SER D 20 35.36 -24.80 21.38
C SER D 20 35.94 -24.43 22.75
N LYS D 21 37.26 -24.58 22.88
CA LYS D 21 37.99 -24.44 24.15
C LYS D 21 37.87 -25.69 25.05
N PHE D 22 36.89 -26.55 24.74
CA PHE D 22 36.70 -27.80 25.47
C PHE D 22 37.28 -28.97 24.69
N ASN D 26 41.04 -33.35 21.15
CA ASN D 26 40.23 -32.15 20.92
C ASN D 26 38.71 -32.40 20.93
N PRO D 27 38.22 -33.49 20.28
CA PRO D 27 36.78 -33.77 20.38
C PRO D 27 36.38 -34.14 21.80
N GLY D 28 35.53 -33.31 22.40
CA GLY D 28 35.18 -33.44 23.81
C GLY D 28 33.78 -33.94 24.07
N LYS D 29 33.52 -34.25 25.34
CA LYS D 29 32.27 -34.88 25.77
C LYS D 29 31.97 -34.50 27.21
N PHE D 30 30.74 -34.04 27.46
CA PHE D 30 30.29 -33.75 28.82
C PHE D 30 28.77 -33.94 29.01
N TRP D 31 28.37 -34.07 30.28
CA TRP D 31 26.96 -34.17 30.65
C TRP D 31 26.75 -33.60 32.05
N PHE D 32 25.48 -33.48 32.45
CA PHE D 32 25.13 -32.87 33.72
C PHE D 32 24.51 -33.89 34.67
N LYS D 33 24.61 -33.60 35.96
CA LYS D 33 24.02 -34.46 36.99
C LYS D 33 22.52 -34.23 37.08
N ASN D 34 21.75 -35.27 36.81
CA ASN D 34 20.28 -35.24 36.86
C ASN D 34 19.67 -34.03 36.14
N ASP D 35 20.23 -33.74 34.96
CA ASP D 35 19.84 -32.59 34.16
C ASP D 35 20.20 -32.86 32.71
N VAL D 36 19.34 -32.43 31.80
CA VAL D 36 19.49 -32.72 30.38
C VAL D 36 19.48 -31.43 29.56
N PRO D 37 20.38 -31.31 28.56
CA PRO D 37 20.33 -30.15 27.66
C PRO D 37 19.03 -30.10 26.87
N VAL D 38 18.48 -28.89 26.71
CA VAL D 38 17.25 -28.70 25.93
C VAL D 38 17.41 -27.69 24.79
N HIS D 39 18.48 -26.90 24.84
CA HIS D 39 18.76 -25.92 23.80
C HIS D 39 20.25 -25.66 23.68
N LEU D 40 20.75 -25.62 22.45
CA LEU D 40 22.14 -25.28 22.21
C LEU D 40 22.30 -24.12 21.23
N SER D 41 23.32 -23.30 21.48
CA SER D 41 23.65 -22.19 20.60
CA SER D 41 23.66 -22.22 20.56
C SER D 41 25.16 -21.99 20.52
N CYS D 42 25.65 -21.63 19.35
CA CYS D 42 27.06 -21.37 19.13
C CYS D 42 27.23 -20.03 18.42
N GLY D 43 28.18 -19.24 18.92
CA GLY D 43 28.56 -17.99 18.29
C GLY D 43 29.89 -18.19 17.61
N ASP D 44 30.57 -17.10 17.29
CA ASP D 44 31.83 -17.21 16.54
C ASP D 44 32.86 -18.03 17.32
N GLU D 45 33.02 -17.74 18.61
CA GLU D 45 34.03 -18.41 19.42
C GLU D 45 33.54 -18.86 20.79
N HIS D 46 32.22 -18.86 20.99
CA HIS D 46 31.66 -19.33 22.26
C HIS D 46 30.39 -20.14 22.05
N SER D 47 29.93 -20.77 23.14
CA SER D 47 28.77 -21.65 23.10
C SER D 47 27.91 -21.50 24.35
N ALA D 48 26.63 -21.85 24.21
CA ALA D 48 25.66 -21.81 25.29
C ALA D 48 24.85 -23.09 25.35
N VAL D 49 24.64 -23.58 26.56
CA VAL D 49 23.79 -24.75 26.78
C VAL D 49 22.73 -24.39 27.81
N VAL D 50 21.47 -24.52 27.41
CA VAL D 50 20.35 -24.39 28.33
C VAL D 50 19.90 -25.79 28.72
N THR D 51 19.70 -26.03 30.02
CA THR D 51 19.28 -27.35 30.50
C THR D 51 17.80 -27.37 30.89
N GLY D 52 17.28 -28.58 31.08
CA GLY D 52 15.88 -28.78 31.47
C GLY D 52 15.55 -28.30 32.87
N ASN D 53 16.56 -28.20 33.73
CA ASN D 53 16.41 -27.58 35.04
C ASN D 53 16.49 -26.05 34.96
N ASN D 54 16.40 -25.53 33.74
CA ASN D 54 16.35 -24.09 33.47
C ASN D 54 17.64 -23.35 33.82
N LYS D 55 18.77 -24.05 33.67
CA LYS D 55 20.08 -23.47 33.94
C LYS D 55 20.81 -23.15 32.64
N LEU D 56 21.67 -22.14 32.69
CA LEU D 56 22.51 -21.77 31.55
C LEU D 56 23.97 -22.10 31.83
N TYR D 57 24.60 -22.78 30.87
CA TYR D 57 26.03 -23.06 30.93
C TYR D 57 26.72 -22.41 29.74
N MET D 58 27.80 -21.70 30.00
CA MET D 58 28.56 -21.01 28.97
C MET D 58 30.00 -21.50 28.94
N PHE D 59 30.59 -21.48 27.76
CA PHE D 59 32.02 -21.76 27.58
C PHE D 59 32.55 -21.23 26.24
N GLY D 60 33.87 -21.02 26.20
CA GLY D 60 34.54 -20.50 25.01
C GLY D 60 35.25 -19.19 25.29
N SER D 61 35.46 -18.41 24.23
CA SER D 61 36.09 -17.10 24.35
CA SER D 61 36.10 -17.09 24.33
C SER D 61 35.23 -16.14 25.15
N ASN D 62 35.90 -15.27 25.92
CA ASN D 62 35.22 -14.30 26.78
C ASN D 62 35.87 -12.92 26.71
N ASN D 63 36.61 -12.67 25.63
CA ASN D 63 37.34 -11.40 25.47
C ASN D 63 36.45 -10.16 25.57
N TRP D 64 35.20 -10.29 25.13
CA TRP D 64 34.23 -9.19 25.18
C TRP D 64 33.23 -9.31 26.32
N GLY D 65 33.35 -10.37 27.10
CA GLY D 65 32.41 -10.64 28.19
C GLY D 65 31.16 -11.36 27.74
N GLN D 66 31.25 -12.06 26.61
CA GLN D 66 30.09 -12.75 26.03
C GLN D 66 29.59 -13.96 26.84
N LEU D 67 30.38 -14.45 27.79
CA LEU D 67 29.96 -15.57 28.62
C LEU D 67 29.13 -15.14 29.83
N GLY D 68 29.18 -13.84 30.14
CA GLY D 68 28.40 -13.28 31.25
C GLY D 68 28.89 -13.77 32.60
N LEU D 69 30.17 -14.12 32.67
CA LEU D 69 30.77 -14.67 33.89
C LEU D 69 31.91 -13.79 34.37
N GLY D 70 31.77 -12.49 34.14
CA GLY D 70 32.78 -11.51 34.53
C GLY D 70 33.96 -11.49 33.60
N SER D 71 35.07 -10.93 34.09
CA SER D 71 36.28 -10.82 33.29
C SER D 71 37.17 -12.07 33.37
N LYS D 72 37.69 -12.44 32.21
CA LYS D 72 38.77 -13.40 31.98
C LYS D 72 38.73 -13.72 30.50
N SER D 73 39.88 -14.09 29.94
CA SER D 73 40.03 -14.20 28.49
C SER D 73 39.12 -15.27 27.86
N ALA D 74 39.00 -16.40 28.55
CA ALA D 74 38.24 -17.54 28.06
C ALA D 74 37.90 -18.49 29.20
N ILE D 75 36.89 -19.34 28.97
CA ILE D 75 36.51 -20.39 29.91
C ILE D 75 36.40 -21.70 29.14
N SER D 76 37.23 -22.67 29.52
CA SER D 76 37.38 -23.91 28.76
C SER D 76 36.22 -24.87 28.94
N LYS D 77 35.70 -24.94 30.17
CA LYS D 77 34.67 -25.91 30.50
C LYS D 77 33.32 -25.24 30.75
N PRO D 78 32.22 -25.94 30.40
CA PRO D 78 30.87 -25.44 30.61
C PRO D 78 30.65 -25.00 32.04
N THR D 79 30.35 -23.72 32.23
CA THR D 79 30.24 -23.13 33.56
C THR D 79 28.87 -22.50 33.75
N CYS D 80 28.21 -22.87 34.85
CA CYS D 80 26.88 -22.36 35.16
C CYS D 80 26.90 -20.88 35.51
N VAL D 81 26.02 -20.12 34.86
CA VAL D 81 25.83 -18.71 35.19
C VAL D 81 24.92 -18.68 36.43
N LYS D 82 25.53 -18.69 37.61
CA LYS D 82 24.83 -18.72 38.89
C LYS D 82 23.94 -17.48 39.09
N ALA D 83 24.36 -16.36 38.52
CA ALA D 83 23.64 -15.09 38.62
C ALA D 83 22.21 -15.18 38.09
N LEU D 84 21.96 -16.13 37.20
CA LEU D 84 20.65 -16.32 36.59
C LEU D 84 19.81 -17.43 37.24
N LYS D 85 20.30 -17.98 38.36
CA LYS D 85 19.61 -19.09 39.05
C LYS D 85 18.21 -18.78 39.60
N PRO D 86 17.97 -17.52 40.06
CA PRO D 86 16.59 -17.21 40.47
C PRO D 86 15.62 -17.15 39.28
N GLU D 87 16.16 -17.14 38.06
CA GLU D 87 15.36 -17.11 36.84
C GLU D 87 15.34 -18.49 36.18
N LYS D 88 14.31 -18.74 35.39
CA LYS D 88 14.21 -19.97 34.62
C LYS D 88 14.62 -19.72 33.17
N VAL D 89 15.88 -20.02 32.85
CA VAL D 89 16.41 -19.82 31.50
C VAL D 89 15.77 -20.81 30.52
N LYS D 90 15.31 -20.29 29.38
CA LYS D 90 14.62 -21.10 28.37
C LYS D 90 15.37 -21.17 27.04
N LEU D 91 15.90 -20.02 26.58
CA LEU D 91 16.61 -19.95 25.30
C LEU D 91 17.85 -19.07 25.39
N ALA D 92 18.83 -19.36 24.54
CA ALA D 92 20.03 -18.54 24.38
C ALA D 92 20.40 -18.41 22.91
N ALA D 93 21.01 -17.28 22.56
CA ALA D 93 21.60 -17.12 21.23
C ALA D 93 22.97 -16.47 21.37
N CYS D 94 23.93 -16.99 20.62
CA CYS D 94 25.29 -16.49 20.67
C CYS D 94 25.66 -15.83 19.35
N GLY D 95 26.18 -14.62 19.42
CA GLY D 95 26.64 -13.90 18.24
C GLY D 95 28.15 -13.92 18.14
N ARG D 96 28.72 -12.94 17.44
CA ARG D 96 30.17 -12.84 17.33
C ARG D 96 30.83 -12.57 18.68
N ASN D 97 30.30 -11.60 19.42
CA ASN D 97 30.89 -11.22 20.70
C ASN D 97 29.86 -10.95 21.81
N HIS D 98 28.63 -11.44 21.63
CA HIS D 98 27.58 -11.23 22.60
C HIS D 98 26.63 -12.42 22.73
N THR D 99 25.82 -12.41 23.79
CA THR D 99 24.90 -13.51 24.06
C THR D 99 23.57 -12.94 24.56
N LEU D 100 22.48 -13.50 24.05
CA LEU D 100 21.14 -13.16 24.49
C LEU D 100 20.54 -14.34 25.23
N VAL D 101 19.73 -14.07 26.25
CA VAL D 101 19.07 -15.11 27.02
C VAL D 101 17.62 -14.70 27.32
N SER D 102 16.69 -15.65 27.18
CA SER D 102 15.30 -15.40 27.57
C SER D 102 14.89 -16.29 28.73
N THR D 103 14.07 -15.75 29.63
CA THR D 103 13.62 -16.49 30.82
C THR D 103 12.10 -16.59 30.86
N GLU D 104 11.60 -17.63 31.54
CA GLU D 104 10.15 -17.88 31.65
C GLU D 104 9.35 -16.71 32.22
N GLY D 105 9.96 -15.97 33.14
CA GLY D 105 9.29 -14.86 33.82
C GLY D 105 9.08 -13.61 32.99
N GLY D 106 9.64 -13.58 31.77
CA GLY D 106 9.46 -12.44 30.87
C GLY D 106 10.69 -11.57 30.68
N ASN D 107 11.74 -11.85 31.43
CA ASN D 107 12.98 -11.12 31.29
C ASN D 107 13.86 -11.69 30.17
N VAL D 108 14.37 -10.79 29.33
CA VAL D 108 15.38 -11.12 28.33
C VAL D 108 16.67 -10.40 28.72
N TYR D 109 17.79 -11.11 28.69
CA TYR D 109 19.08 -10.61 29.16
C TYR D 109 20.11 -10.60 28.04
N ALA D 110 21.12 -9.74 28.18
CA ALA D 110 22.22 -9.66 27.23
C ALA D 110 23.54 -9.37 27.92
N THR D 111 24.63 -9.86 27.33
CA THR D 111 25.98 -9.60 27.82
C THR D 111 26.97 -9.64 26.66
N GLY D 112 28.10 -8.94 26.82
CA GLY D 112 29.18 -9.00 25.84
C GLY D 112 29.45 -7.67 25.16
N GLY D 113 29.95 -7.75 23.93
CA GLY D 113 30.22 -6.57 23.11
C GLY D 113 28.96 -5.77 22.82
N ASN D 114 29.12 -4.46 22.63
CA ASN D 114 27.97 -3.57 22.49
C ASN D 114 28.26 -2.37 21.59
N ASN D 115 29.36 -2.43 20.85
CA ASN D 115 29.80 -1.30 20.01
C ASN D 115 28.73 -0.82 19.02
N GLU D 116 27.92 -1.76 18.54
CA GLU D 116 26.85 -1.44 17.59
C GLU D 116 25.47 -1.46 18.23
N GLY D 117 25.43 -1.59 19.56
CA GLY D 117 24.18 -1.57 20.31
C GLY D 117 23.49 -2.93 20.36
N GLN D 118 24.24 -3.98 20.06
CA GLN D 118 23.70 -5.34 19.97
C GLN D 118 23.15 -5.91 21.27
N LEU D 119 23.48 -5.30 22.40
CA LEU D 119 22.92 -5.74 23.68
C LEU D 119 21.49 -5.27 23.90
N GLY D 120 21.07 -4.23 23.18
CA GLY D 120 19.71 -3.71 23.27
C GLY D 120 19.41 -2.97 24.55
N LEU D 121 20.48 -2.47 25.19
CA LEU D 121 20.40 -1.87 26.52
C LEU D 121 20.26 -0.34 26.49
N GLY D 122 20.32 0.24 25.30
CA GLY D 122 20.16 1.69 25.15
C GLY D 122 21.46 2.48 25.15
N ASP D 123 22.58 1.77 25.25
CA ASP D 123 23.90 2.39 25.15
C ASP D 123 24.82 1.52 24.28
N THR D 124 26.10 1.88 24.22
CA THR D 124 27.09 1.10 23.47
C THR D 124 28.23 0.61 24.35
N GLU D 125 27.96 0.52 25.65
CA GLU D 125 28.96 0.04 26.62
C GLU D 125 28.92 -1.48 26.74
N GLU D 126 30.09 -2.11 26.66
CA GLU D 126 30.17 -3.56 26.83
C GLU D 126 29.77 -3.99 28.25
N ARG D 127 29.27 -5.21 28.37
CA ARG D 127 28.96 -5.80 29.68
C ARG D 127 29.64 -7.17 29.76
N ASN D 128 30.01 -7.59 30.97
CA ASN D 128 30.48 -8.96 31.17
C ASN D 128 29.64 -9.77 32.17
N THR D 129 28.47 -9.23 32.50
CA THR D 129 27.43 -9.99 33.21
C THR D 129 26.11 -9.72 32.49
N PHE D 130 25.15 -10.63 32.63
CA PHE D 130 23.85 -10.47 31.98
C PHE D 130 23.06 -9.30 32.56
N HIS D 131 22.61 -8.41 31.68
CA HIS D 131 21.77 -7.27 32.03
C HIS D 131 20.41 -7.38 31.36
N VAL D 132 19.35 -6.99 32.07
CA VAL D 132 17.99 -7.07 31.55
C VAL D 132 17.76 -6.05 30.43
N ILE D 133 17.20 -6.52 29.32
CA ILE D 133 16.73 -5.64 28.25
C ILE D 133 15.29 -5.25 28.61
N SER D 134 15.14 -4.04 29.15
CA SER D 134 13.86 -3.60 29.72
C SER D 134 12.69 -3.63 28.74
N PHE D 135 12.99 -3.51 27.44
CA PHE D 135 11.97 -3.58 26.38
C PHE D 135 11.04 -4.79 26.52
N PHE D 136 11.60 -5.94 26.85
CA PHE D 136 10.83 -7.18 26.91
C PHE D 136 10.21 -7.44 28.27
N THR D 137 8.94 -7.84 28.24
CA THR D 137 8.18 -8.09 29.45
C THR D 137 7.45 -9.44 29.34
N SER D 138 6.65 -9.77 30.34
CA SER D 138 5.82 -10.98 30.31
C SER D 138 4.83 -10.99 29.15
N GLU D 139 4.55 -9.80 28.60
CA GLU D 139 3.74 -9.63 27.39
C GLU D 139 4.38 -10.34 26.20
N HIS D 140 5.71 -10.36 26.17
CA HIS D 140 6.46 -11.01 25.10
C HIS D 140 6.87 -12.42 25.50
N LYS D 141 6.17 -13.42 24.97
CA LYS D 141 6.57 -14.81 25.16
C LYS D 141 7.54 -15.15 24.03
N ILE D 142 8.83 -15.27 24.36
CA ILE D 142 9.86 -15.45 23.35
C ILE D 142 9.89 -16.89 22.82
N LYS D 143 9.72 -17.01 21.50
CA LYS D 143 9.75 -18.30 20.80
C LYS D 143 11.16 -18.60 20.29
N GLN D 144 11.88 -17.57 19.86
CA GLN D 144 13.20 -17.75 19.26
C GLN D 144 14.09 -16.54 19.45
N LEU D 145 15.38 -16.79 19.70
CA LEU D 145 16.40 -15.75 19.70
C LEU D 145 17.42 -16.06 18.60
N SER D 146 18.01 -15.01 18.04
CA SER D 146 19.11 -15.19 17.09
C SER D 146 20.10 -14.05 17.27
N ALA D 147 21.34 -14.29 16.87
CA ALA D 147 22.41 -13.32 17.03
C ALA D 147 23.51 -13.55 16.01
N GLY D 148 23.88 -12.51 15.29
CA GLY D 148 24.95 -12.58 14.29
C GLY D 148 26.13 -11.74 14.71
N SER D 149 26.82 -11.16 13.73
CA SER D 149 27.94 -10.27 14.04
C SER D 149 27.43 -8.89 14.45
N ASN D 150 27.38 -8.68 15.76
CA ASN D 150 26.87 -7.43 16.36
C ASN D 150 25.42 -7.15 15.96
N THR D 151 24.66 -8.23 15.77
CA THR D 151 23.23 -8.17 15.49
C THR D 151 22.44 -9.07 16.44
N SER D 152 21.18 -8.73 16.67
CA SER D 152 20.32 -9.44 17.61
C SER D 152 18.88 -9.50 17.12
N ALA D 153 18.20 -10.60 17.45
CA ALA D 153 16.79 -10.78 17.09
C ALA D 153 16.03 -11.53 18.18
N ALA D 154 14.78 -11.16 18.37
CA ALA D 154 13.87 -11.89 19.24
C ALA D 154 12.52 -12.04 18.55
N LEU D 155 12.02 -13.26 18.53
CA LEU D 155 10.73 -13.56 17.92
C LEU D 155 9.77 -14.02 19.01
N THR D 156 8.61 -13.39 19.07
CA THR D 156 7.62 -13.73 20.09
C THR D 156 6.67 -14.83 19.59
N GLU D 157 5.96 -15.46 20.51
CA GLU D 157 5.07 -16.57 20.19
C GLU D 157 3.89 -16.17 19.29
N ASP D 158 3.50 -14.89 19.33
CA ASP D 158 2.42 -14.42 18.47
C ASP D 158 2.90 -13.82 17.13
N GLY D 159 4.19 -13.97 16.85
CA GLY D 159 4.73 -13.72 15.52
C GLY D 159 5.36 -12.36 15.25
N ARG D 160 5.66 -11.61 16.32
CA ARG D 160 6.31 -10.31 16.17
C ARG D 160 7.82 -10.46 16.27
N LEU D 161 8.51 -9.87 15.30
CA LEU D 161 9.97 -9.93 15.23
C LEU D 161 10.59 -8.60 15.63
N PHE D 162 11.57 -8.65 16.53
CA PHE D 162 12.29 -7.47 16.96
C PHE D 162 13.76 -7.68 16.68
N MET D 163 14.42 -6.67 16.15
CA MET D 163 15.84 -6.75 15.85
C MET D 163 16.56 -5.50 16.35
N TRP D 164 17.85 -5.65 16.62
CA TRP D 164 18.68 -4.51 17.04
C TRP D 164 20.15 -4.80 16.79
N GLY D 165 20.98 -3.76 16.94
CA GLY D 165 22.41 -3.85 16.64
C GLY D 165 22.77 -3.17 15.34
N ASP D 166 23.76 -3.73 14.65
CA ASP D 166 24.31 -3.14 13.44
C ASP D 166 23.35 -3.28 12.25
N ASN D 167 23.14 -2.17 11.54
CA ASN D 167 22.36 -2.18 10.30
C ASN D 167 23.15 -1.54 9.15
N SER D 168 24.48 -1.45 9.30
CA SER D 168 25.32 -0.76 8.33
C SER D 168 25.25 -1.34 6.92
N GLU D 169 24.95 -2.63 6.82
CA GLU D 169 24.76 -3.30 5.53
C GLU D 169 23.32 -3.72 5.28
N GLY D 170 22.41 -3.27 6.15
CA GLY D 170 20.99 -3.60 6.06
C GLY D 170 20.60 -4.90 6.73
N GLN D 171 21.52 -5.44 7.54
CA GLN D 171 21.38 -6.79 8.09
C GLN D 171 20.30 -6.96 9.18
N ILE D 172 19.71 -5.88 9.66
CA ILE D 172 18.53 -5.99 10.52
C ILE D 172 17.27 -5.36 9.90
N GLY D 173 17.36 -5.07 8.60
CA GLY D 173 16.20 -4.68 7.80
C GLY D 173 15.57 -3.34 8.10
N LEU D 174 16.34 -2.43 8.69
CA LEU D 174 15.84 -1.12 9.09
C LEU D 174 16.27 0.03 8.17
N LYS D 175 16.40 -0.29 6.88
CA LYS D 175 16.67 0.70 5.83
C LYS D 175 17.96 1.49 6.04
N ASN D 176 17.87 2.82 6.02
CA ASN D 176 19.07 3.67 6.06
C ASN D 176 19.64 3.95 7.45
N VAL D 177 18.94 3.51 8.50
CA VAL D 177 19.43 3.64 9.87
C VAL D 177 20.72 2.83 10.03
N SER D 178 21.73 3.45 10.63
CA SER D 178 23.05 2.86 10.75
C SER D 178 23.11 1.72 11.76
N ASN D 179 22.45 1.92 12.90
CA ASN D 179 22.35 0.92 13.96
C ASN D 179 21.30 1.33 14.98
N VAL D 180 20.85 0.37 15.79
CA VAL D 180 19.93 0.67 16.89
C VAL D 180 20.36 -0.06 18.16
N CYS D 181 20.22 0.61 19.31
CA CYS D 181 20.61 -0.02 20.57
CA CYS D 181 20.62 0.08 20.62
C CYS D 181 19.41 -0.32 21.46
N VAL D 182 18.22 -0.28 20.85
CA VAL D 182 16.97 -0.64 21.53
C VAL D 182 16.17 -1.49 20.54
N PRO D 183 15.57 -2.61 21.01
CA PRO D 183 14.80 -3.47 20.10
C PRO D 183 13.77 -2.70 19.25
N GLN D 184 13.76 -2.99 17.95
CA GLN D 184 12.86 -2.35 16.99
C GLN D 184 12.11 -3.45 16.26
N GLN D 185 10.81 -3.26 16.04
CA GLN D 185 10.05 -4.25 15.28
C GLN D 185 10.42 -4.24 13.80
N VAL D 186 10.64 -5.44 13.26
CA VAL D 186 10.91 -5.63 11.84
C VAL D 186 9.75 -6.45 11.27
N THR D 187 9.05 -5.85 10.31
CA THR D 187 7.85 -6.47 9.74
C THR D 187 7.61 -6.06 8.30
N ILE D 188 7.02 -6.96 7.53
CA ILE D 188 6.50 -6.65 6.20
C ILE D 188 4.97 -6.79 6.17
N GLY D 189 4.37 -6.95 7.35
CA GLY D 189 2.92 -7.01 7.50
C GLY D 189 2.35 -8.37 7.88
N LYS D 190 3.21 -9.37 8.02
CA LYS D 190 2.79 -10.74 8.29
C LYS D 190 3.43 -11.30 9.56
N PRO D 191 2.73 -12.22 10.25
CA PRO D 191 3.34 -12.92 11.39
C PRO D 191 4.57 -13.71 10.97
N VAL D 192 5.58 -13.71 11.82
CA VAL D 192 6.85 -14.36 11.54
C VAL D 192 6.94 -15.68 12.32
N SER D 193 7.46 -16.72 11.67
CA SER D 193 7.56 -18.06 12.26
C SER D 193 8.99 -18.50 12.56
N TRP D 194 9.98 -17.87 11.90
CA TRP D 194 11.39 -18.26 12.03
C TRP D 194 12.29 -17.07 11.70
N ILE D 195 13.40 -16.94 12.43
CA ILE D 195 14.38 -15.90 12.15
C ILE D 195 15.80 -16.45 12.28
N SER D 196 16.70 -15.97 11.44
CA SER D 196 18.11 -16.31 11.58
C SER D 196 19.00 -15.13 11.24
N CYS D 197 19.90 -14.80 12.17
CA CYS D 197 20.89 -13.76 11.96
C CYS D 197 22.22 -14.39 11.58
N GLY D 198 22.62 -14.18 10.33
CA GLY D 198 23.93 -14.61 9.87
C GLY D 198 24.98 -13.59 10.24
N TYR D 199 26.17 -13.69 9.65
CA TYR D 199 27.23 -12.78 10.02
C TYR D 199 26.92 -11.34 9.58
N TYR D 200 26.57 -11.18 8.31
CA TYR D 200 26.35 -9.85 7.74
C TYR D 200 25.04 -9.77 6.95
N HIS D 201 24.21 -10.81 7.10
CA HIS D 201 22.86 -10.83 6.53
C HIS D 201 21.94 -11.60 7.46
N SER D 202 20.64 -11.35 7.33
CA SER D 202 19.64 -12.05 8.12
C SER D 202 18.44 -12.42 7.27
N ALA D 203 17.58 -13.28 7.82
CA ALA D 203 16.39 -13.75 7.11
C ALA D 203 15.29 -14.10 8.08
N PHE D 204 14.04 -13.95 7.64
CA PHE D 204 12.93 -14.50 8.39
C PHE D 204 11.91 -15.21 7.49
N VAL D 205 11.12 -16.08 8.12
CA VAL D 205 10.09 -16.83 7.43
C VAL D 205 8.75 -16.39 8.01
N THR D 206 7.78 -16.10 7.15
CA THR D 206 6.44 -15.76 7.60
C THR D 206 5.64 -17.04 7.82
N THR D 207 4.52 -16.92 8.54
CA THR D 207 3.69 -18.09 8.85
C THR D 207 3.09 -18.75 7.60
N ASP D 208 2.96 -17.99 6.51
CA ASP D 208 2.48 -18.55 5.25
C ASP D 208 3.62 -19.10 4.36
N GLY D 209 4.82 -19.17 4.93
CA GLY D 209 5.95 -19.84 4.28
C GLY D 209 6.76 -19.03 3.29
N GLU D 210 6.66 -17.71 3.37
CA GLU D 210 7.48 -16.83 2.53
C GLU D 210 8.80 -16.51 3.22
N LEU D 211 9.87 -16.47 2.43
CA LEU D 211 11.22 -16.19 2.92
CA LEU D 211 11.21 -16.18 2.94
C LEU D 211 11.63 -14.77 2.57
N TYR D 212 12.00 -13.98 3.58
CA TYR D 212 12.51 -12.62 3.38
C TYR D 212 13.95 -12.52 3.82
N VAL D 213 14.77 -11.91 2.97
CA VAL D 213 16.21 -11.78 3.22
CA VAL D 213 16.21 -11.79 3.25
C VAL D 213 16.65 -10.32 3.09
N PHE D 214 17.69 -9.96 3.82
CA PHE D 214 18.19 -8.59 3.85
C PHE D 214 19.61 -8.60 4.43
N GLY D 215 20.39 -7.59 4.08
CA GLY D 215 21.77 -7.51 4.55
C GLY D 215 22.76 -7.30 3.41
N GLU D 216 24.01 -7.68 3.67
CA GLU D 216 25.11 -7.46 2.74
C GLU D 216 24.88 -8.19 1.41
N PRO D 217 24.80 -7.43 0.31
CA PRO D 217 24.48 -8.00 -1.00
C PRO D 217 25.71 -8.62 -1.69
N GLU D 218 26.41 -9.48 -0.97
CA GLU D 218 27.65 -10.09 -1.45
C GLU D 218 27.54 -11.60 -1.59
N ASN D 219 28.25 -12.14 -2.57
CA ASN D 219 28.43 -13.59 -2.73
C ASN D 219 27.18 -14.40 -3.05
N GLY D 220 26.08 -13.72 -3.38
CA GLY D 220 24.82 -14.37 -3.70
C GLY D 220 24.03 -14.90 -2.51
N LYS D 221 24.49 -14.59 -1.29
CA LYS D 221 23.90 -15.13 -0.06
C LYS D 221 22.48 -14.65 0.25
N LEU D 222 22.04 -13.57 -0.40
CA LEU D 222 20.66 -13.11 -0.21
C LEU D 222 19.67 -13.91 -1.06
N GLY D 223 20.18 -14.56 -2.10
CA GLY D 223 19.34 -15.42 -2.96
C GLY D 223 18.40 -14.63 -3.84
N LEU D 224 18.73 -13.36 -4.02
CA LEU D 224 17.92 -12.43 -4.82
C LEU D 224 18.59 -12.19 -6.16
N PRO D 225 17.78 -11.99 -7.22
CA PRO D 225 18.37 -11.67 -8.53
C PRO D 225 19.00 -10.27 -8.54
N ASN D 226 19.89 -10.03 -9.50
CA ASN D 226 20.70 -8.80 -9.57
C ASN D 226 19.91 -7.49 -9.42
N GLN D 227 18.74 -7.43 -10.04
CA GLN D 227 17.94 -6.20 -10.07
C GLN D 227 17.35 -5.81 -8.70
N LEU D 228 17.36 -6.75 -7.76
CA LEU D 228 16.82 -6.51 -6.42
C LEU D 228 17.89 -6.20 -5.37
N LEU D 229 19.16 -6.37 -5.73
CA LEU D 229 20.25 -6.22 -4.76
C LEU D 229 20.42 -4.80 -4.23
N GLY D 230 19.98 -3.80 -5.01
CA GLY D 230 20.03 -2.40 -4.59
C GLY D 230 19.20 -2.08 -3.36
N ASN D 231 18.14 -2.85 -3.12
CA ASN D 231 17.22 -2.62 -2.00
C ASN D 231 17.46 -3.58 -0.83
N HIS D 232 18.72 -3.91 -0.60
CA HIS D 232 19.11 -4.93 0.37
C HIS D 232 18.95 -4.53 1.84
N ARG D 233 18.60 -3.28 2.10
CA ARG D 233 18.43 -2.78 3.46
C ARG D 233 17.00 -2.92 3.97
N THR D 234 16.12 -3.40 3.09
CA THR D 234 14.73 -3.73 3.46
C THR D 234 14.51 -5.23 3.22
N PRO D 235 13.66 -5.88 4.05
CA PRO D 235 13.39 -7.29 3.78
C PRO D 235 12.72 -7.48 2.42
N GLN D 236 13.25 -8.40 1.62
CA GLN D 236 12.70 -8.71 0.30
C GLN D 236 12.44 -10.19 0.14
N LEU D 237 11.38 -10.51 -0.60
CA LEU D 237 10.95 -11.87 -0.82
C LEU D 237 11.88 -12.64 -1.76
N VAL D 238 12.27 -13.84 -1.34
CA VAL D 238 13.00 -14.77 -2.20
C VAL D 238 11.97 -15.57 -2.98
N SER D 239 11.65 -15.07 -4.17
CA SER D 239 10.60 -15.65 -5.00
C SER D 239 11.05 -16.90 -5.76
N GLU D 240 12.37 -17.12 -5.81
CA GLU D 240 12.94 -18.25 -6.54
C GLU D 240 12.89 -19.57 -5.75
N ILE D 241 12.23 -19.54 -4.59
CA ILE D 241 11.82 -20.75 -3.90
C ILE D 241 10.29 -20.72 -3.85
N PRO D 242 9.64 -21.46 -4.77
CA PRO D 242 8.18 -21.42 -4.91
C PRO D 242 7.45 -22.18 -3.80
N GLU D 243 8.12 -23.14 -3.18
CA GLU D 243 7.52 -23.96 -2.12
C GLU D 243 7.54 -23.19 -0.80
N LYS D 244 6.66 -23.58 0.11
CA LYS D 244 6.61 -22.94 1.43
C LYS D 244 7.88 -23.26 2.20
N VAL D 245 8.48 -22.21 2.77
CA VAL D 245 9.69 -22.34 3.58
C VAL D 245 9.28 -22.58 5.03
N ILE D 246 10.07 -23.40 5.74
CA ILE D 246 9.82 -23.75 7.13
C ILE D 246 10.91 -23.18 8.04
N GLN D 247 12.17 -23.40 7.66
CA GLN D 247 13.31 -22.89 8.43
C GLN D 247 14.33 -22.20 7.53
N VAL D 248 15.08 -21.28 8.13
CA VAL D 248 16.22 -20.67 7.45
C VAL D 248 17.37 -20.58 8.45
N ALA D 249 18.59 -20.79 7.95
CA ALA D 249 19.78 -20.65 8.77
C ALA D 249 20.79 -19.85 7.95
N CYS D 250 21.25 -18.74 8.51
CA CYS D 250 22.20 -17.87 7.81
C CYS D 250 23.60 -18.02 8.39
N GLY D 251 24.57 -18.16 7.50
CA GLY D 251 25.98 -18.38 7.88
C GLY D 251 26.87 -17.19 7.60
N GLY D 252 28.14 -17.46 7.32
CA GLY D 252 29.11 -16.40 7.05
C GLY D 252 28.89 -15.77 5.69
N GLU D 253 28.93 -16.59 4.64
CA GLU D 253 28.71 -16.14 3.28
C GLU D 253 27.70 -17.02 2.54
N HIS D 254 26.94 -17.81 3.29
CA HIS D 254 25.96 -18.71 2.71
C HIS D 254 24.66 -18.75 3.51
N THR D 255 23.63 -19.33 2.90
CA THR D 255 22.30 -19.44 3.50
C THR D 255 21.75 -20.83 3.22
N VAL D 256 21.07 -21.41 4.21
CA VAL D 256 20.45 -22.72 4.07
C VAL D 256 18.96 -22.60 4.38
N VAL D 257 18.14 -23.27 3.60
CA VAL D 257 16.69 -23.14 3.71
C VAL D 257 16.03 -24.51 3.73
N LEU D 258 15.12 -24.73 4.67
CA LEU D 258 14.36 -25.97 4.75
C LEU D 258 12.93 -25.78 4.26
N THR D 259 12.50 -26.66 3.35
CA THR D 259 11.10 -26.74 2.93
C THR D 259 10.55 -28.09 3.36
N GLU D 260 9.29 -28.36 3.03
CA GLU D 260 8.64 -29.61 3.43
C GLU D 260 9.39 -30.87 2.98
N ASN D 261 10.03 -30.81 1.82
CA ASN D 261 10.72 -31.99 1.27
C ASN D 261 12.06 -31.73 0.60
N ALA D 262 12.67 -30.57 0.89
CA ALA D 262 13.95 -30.21 0.28
C ALA D 262 14.77 -29.25 1.13
N VAL D 263 16.08 -29.29 0.91
CA VAL D 263 16.98 -28.28 1.46
C VAL D 263 17.56 -27.47 0.29
N TYR D 264 17.42 -26.15 0.38
CA TYR D 264 18.04 -25.22 -0.57
C TYR D 264 19.26 -24.57 0.07
N THR D 265 20.27 -24.31 -0.76
CA THR D 265 21.40 -23.48 -0.34
C THR D 265 21.73 -22.43 -1.39
N PHE D 266 22.32 -21.34 -0.93
CA PHE D 266 22.84 -20.30 -1.83
C PHE D 266 23.91 -19.48 -1.17
N GLY D 267 24.67 -18.74 -1.98
CA GLY D 267 25.78 -17.95 -1.49
C GLY D 267 27.10 -18.54 -1.92
N LEU D 268 28.11 -18.39 -1.07
CA LEU D 268 29.45 -18.88 -1.36
C LEU D 268 29.62 -20.32 -0.87
N GLY D 269 30.39 -21.11 -1.60
CA GLY D 269 30.62 -22.50 -1.24
C GLY D 269 32.04 -22.99 -1.52
N GLN D 270 33.02 -22.13 -1.25
CA GLN D 270 34.43 -22.44 -1.52
C GLN D 270 35.00 -23.53 -0.61
N PHE D 271 34.35 -23.74 0.54
CA PHE D 271 34.74 -24.80 1.47
C PHE D 271 33.83 -26.02 1.34
N GLY D 272 32.79 -25.91 0.52
CA GLY D 272 31.81 -26.98 0.35
C GLY D 272 30.53 -26.79 1.13
N GLN D 273 30.38 -25.62 1.75
CA GLN D 273 29.27 -25.36 2.67
C GLN D 273 27.89 -25.24 2.01
N LEU D 274 27.86 -25.21 0.68
CA LEU D 274 26.61 -25.27 -0.07
C LEU D 274 26.11 -26.71 -0.22
N GLY D 275 27.03 -27.67 -0.19
CA GLY D 275 26.70 -29.08 -0.31
C GLY D 275 26.22 -29.51 -1.68
N LEU D 276 26.57 -28.72 -2.70
CA LEU D 276 26.08 -28.93 -4.06
C LEU D 276 27.12 -29.60 -4.96
N GLY D 277 28.13 -30.21 -4.34
CA GLY D 277 29.15 -30.94 -5.09
C GLY D 277 30.42 -30.15 -5.32
N THR D 278 31.40 -30.78 -5.98
CA THR D 278 32.73 -30.21 -6.15
C THR D 278 32.85 -29.17 -7.26
N PHE D 279 31.81 -29.05 -8.09
CA PHE D 279 31.83 -28.14 -9.24
C PHE D 279 31.26 -26.75 -8.96
N LEU D 280 30.16 -26.69 -8.20
CA LEU D 280 29.55 -25.42 -7.83
C LEU D 280 30.21 -24.81 -6.60
N PHE D 281 30.92 -23.71 -6.80
CA PHE D 281 31.61 -23.03 -5.71
C PHE D 281 30.81 -21.83 -5.20
N GLU D 282 29.75 -21.46 -5.92
CA GLU D 282 28.87 -20.35 -5.56
C GLU D 282 27.60 -20.35 -6.39
N THR D 283 26.52 -19.83 -5.83
CA THR D 283 25.27 -19.61 -6.56
C THR D 283 24.47 -18.44 -5.97
N SER D 284 23.97 -17.55 -6.82
CA SER D 284 23.15 -16.44 -6.36
C SER D 284 21.67 -16.81 -6.42
N GLU D 285 21.36 -17.93 -7.08
CA GLU D 285 20.02 -18.50 -7.10
C GLU D 285 19.98 -19.68 -6.11
N PRO D 286 18.90 -19.79 -5.32
CA PRO D 286 18.73 -20.97 -4.47
C PRO D 286 18.74 -22.28 -5.27
N LYS D 287 19.48 -23.26 -4.75
CA LYS D 287 19.62 -24.56 -5.41
C LYS D 287 19.32 -25.67 -4.43
N VAL D 288 18.57 -26.68 -4.88
CA VAL D 288 18.26 -27.84 -4.04
C VAL D 288 19.47 -28.77 -3.94
N ILE D 289 19.73 -29.26 -2.73
CA ILE D 289 20.71 -30.32 -2.53
C ILE D 289 20.04 -31.64 -2.94
N GLU D 290 20.34 -32.08 -4.15
CA GLU D 290 19.70 -33.27 -4.72
C GLU D 290 20.21 -34.58 -4.13
N ASN D 291 21.41 -34.54 -3.55
CA ASN D 291 22.04 -35.72 -2.95
C ASN D 291 21.25 -36.33 -1.78
N ILE D 292 20.45 -35.50 -1.11
CA ILE D 292 19.74 -35.93 0.09
C ILE D 292 18.21 -35.85 -0.02
N ARG D 293 17.71 -35.76 -1.25
CA ARG D 293 16.25 -35.76 -1.49
C ARG D 293 15.56 -36.99 -0.93
N ASP D 294 16.31 -38.08 -0.82
CA ASP D 294 15.83 -39.33 -0.24
C ASP D 294 15.67 -39.25 1.29
N GLN D 295 16.46 -38.39 1.92
CA GLN D 295 16.39 -38.19 3.37
C GLN D 295 15.32 -37.17 3.71
N THR D 296 14.73 -37.30 4.89
CA THR D 296 13.82 -36.28 5.41
C THR D 296 14.58 -35.45 6.45
N ILE D 297 14.85 -34.19 6.11
CA ILE D 297 15.58 -33.31 7.01
C ILE D 297 14.62 -32.62 7.97
N SER D 298 14.93 -32.72 9.26
CA SER D 298 14.09 -32.19 10.33
C SER D 298 14.53 -30.80 10.79
N TYR D 299 15.85 -30.59 10.81
CA TYR D 299 16.42 -29.36 11.34
C TYR D 299 17.69 -28.98 10.58
N ILE D 300 17.88 -27.67 10.36
CA ILE D 300 19.08 -27.15 9.72
C ILE D 300 19.83 -26.20 10.63
N SER D 301 21.15 -26.17 10.48
CA SER D 301 22.02 -25.31 11.28
C SER D 301 23.19 -24.85 10.43
N CYS D 302 23.60 -23.59 10.61
CA CYS D 302 24.72 -23.00 9.87
C CYS D 302 25.77 -22.46 10.81
N GLY D 303 27.03 -22.72 10.49
CA GLY D 303 28.16 -22.03 11.11
C GLY D 303 28.68 -20.99 10.13
N GLU D 304 29.82 -20.39 10.44
CA GLU D 304 30.43 -19.42 9.54
C GLU D 304 30.69 -20.05 8.17
N ASN D 305 31.28 -21.24 8.18
CA ASN D 305 31.73 -21.89 6.95
C ASN D 305 31.39 -23.38 6.84
N HIS D 306 30.42 -23.83 7.63
CA HIS D 306 29.93 -25.20 7.50
C HIS D 306 28.44 -25.30 7.83
N THR D 307 27.87 -26.45 7.52
CA THR D 307 26.43 -26.67 7.66
C THR D 307 26.18 -28.04 8.28
N ALA D 308 25.13 -28.13 9.09
CA ALA D 308 24.69 -29.39 9.67
C ALA D 308 23.19 -29.61 9.45
N LEU D 309 22.83 -30.85 9.17
CA LEU D 309 21.43 -31.23 8.98
C LEU D 309 21.11 -32.42 9.88
N ILE D 310 19.98 -32.35 10.59
CA ILE D 310 19.50 -33.49 11.38
C ILE D 310 18.32 -34.10 10.64
N THR D 311 18.33 -35.42 10.46
CA THR D 311 17.23 -36.11 9.79
C THR D 311 16.13 -36.49 10.76
N ASP D 312 14.98 -36.93 10.22
CA ASP D 312 13.82 -37.27 11.05
C ASP D 312 13.99 -38.52 11.92
N ILE D 313 15.12 -39.21 11.79
CA ILE D 313 15.43 -40.33 12.69
C ILE D 313 16.70 -40.05 13.52
N GLY D 314 17.17 -38.82 13.47
CA GLY D 314 18.31 -38.40 14.28
C GLY D 314 19.67 -38.75 13.74
N LEU D 315 19.78 -38.95 12.43
CA LEU D 315 21.08 -38.99 11.77
C LEU D 315 21.52 -37.55 11.51
N MET D 316 22.84 -37.34 11.44
CA MET D 316 23.35 -36.00 11.14
C MET D 316 24.27 -36.02 9.92
N TYR D 317 24.08 -35.03 9.06
CA TYR D 317 24.95 -34.81 7.92
C TYR D 317 25.63 -33.46 8.08
N THR D 318 26.92 -33.39 7.77
CA THR D 318 27.62 -32.12 7.78
C THR D 318 28.37 -31.91 6.46
N PHE D 319 28.66 -30.65 6.16
CA PHE D 319 29.44 -30.28 4.98
C PHE D 319 30.05 -28.90 5.13
N GLY D 320 31.11 -28.66 4.37
CA GLY D 320 31.82 -27.39 4.40
C GLY D 320 33.24 -27.50 4.90
N ASP D 321 33.70 -26.40 5.50
CA ASP D 321 35.06 -26.24 6.03
C ASP D 321 35.38 -27.30 7.09
N GLY D 322 36.44 -28.06 6.85
CA GLY D 322 36.83 -29.16 7.72
C GLY D 322 37.87 -28.82 8.78
N ARG D 323 38.37 -27.58 8.74
CA ARG D 323 39.41 -27.14 9.67
C ARG D 323 39.04 -27.35 11.14
N HIS D 324 40.02 -27.82 11.90
CA HIS D 324 39.90 -28.07 13.35
C HIS D 324 39.04 -29.29 13.71
N GLY D 325 38.47 -29.95 12.71
CA GLY D 325 37.62 -31.11 12.93
C GLY D 325 36.17 -30.73 13.25
N LYS D 326 35.80 -29.51 12.90
CA LYS D 326 34.48 -28.96 13.25
C LYS D 326 33.30 -29.61 12.52
N LEU D 327 33.58 -30.43 11.50
CA LEU D 327 32.52 -31.16 10.81
C LEU D 327 32.03 -32.37 11.61
N GLY D 328 32.82 -32.77 12.61
CA GLY D 328 32.46 -33.88 13.49
C GLY D 328 32.40 -35.22 12.78
N LEU D 329 33.35 -35.45 11.88
CA LEU D 329 33.36 -36.68 11.09
C LEU D 329 34.39 -37.71 11.62
N GLY D 330 35.21 -37.27 12.58
CA GLY D 330 36.21 -38.15 13.18
C GLY D 330 37.63 -37.78 12.79
N LEU D 331 38.59 -38.57 13.26
CA LEU D 331 40.02 -38.40 12.92
C LEU D 331 40.53 -37.00 13.36
N GLU D 332 41.60 -36.39 12.81
CA GLU D 332 42.46 -36.79 11.67
C GLU D 332 41.83 -36.66 10.27
N ASN D 333 40.68 -35.98 10.20
CA ASN D 333 39.98 -35.71 8.94
C ASN D 333 39.57 -34.24 8.90
N PHE D 334 40.49 -33.41 8.40
CA PHE D 334 40.28 -31.96 8.36
C PHE D 334 39.95 -31.47 6.95
N THR D 335 39.69 -32.41 6.04
CA THR D 335 39.40 -32.05 4.65
C THR D 335 38.01 -31.45 4.50
N ASN D 336 37.86 -30.59 3.50
CA ASN D 336 36.57 -30.00 3.17
C ASN D 336 35.64 -31.02 2.52
N HIS D 337 34.36 -30.93 2.84
CA HIS D 337 33.37 -31.81 2.23
C HIS D 337 32.33 -31.00 1.47
N PHE D 338 32.21 -31.30 0.17
CA PHE D 338 31.37 -30.53 -0.75
C PHE D 338 29.98 -31.15 -0.95
N ILE D 339 29.75 -32.29 -0.30
CA ILE D 339 28.43 -32.93 -0.29
C ILE D 339 28.04 -33.27 1.16
N PRO D 340 26.73 -33.29 1.47
CA PRO D 340 26.36 -33.70 2.82
C PRO D 340 26.93 -35.07 3.16
N THR D 341 27.65 -35.13 4.27
CA THR D 341 28.41 -36.31 4.65
C THR D 341 27.88 -36.83 5.99
N LEU D 342 27.49 -38.10 6.00
CA LEU D 342 26.94 -38.73 7.20
C LEU D 342 27.96 -38.78 8.33
N CYS D 343 27.55 -38.33 9.51
CA CYS D 343 28.40 -38.41 10.69
C CYS D 343 28.32 -39.84 11.23
N SER D 344 29.13 -40.72 10.65
CA SER D 344 29.09 -42.14 10.96
C SER D 344 29.50 -42.44 12.41
N ASN D 345 30.21 -41.51 13.03
CA ASN D 345 30.59 -41.60 14.45
C ASN D 345 29.39 -41.59 15.40
N PHE D 346 28.25 -41.09 14.92
CA PHE D 346 27.03 -41.01 15.73
C PHE D 346 25.95 -42.06 15.39
N LEU D 347 26.31 -43.08 14.62
CA LEU D 347 25.29 -44.03 14.11
C LEU D 347 24.60 -44.89 15.17
N ARG D 348 25.23 -45.07 16.33
CA ARG D 348 24.56 -45.77 17.43
C ARG D 348 23.87 -44.77 18.37
N PHE D 349 23.74 -43.52 17.91
CA PHE D 349 23.13 -42.43 18.68
C PHE D 349 21.97 -41.79 17.93
N ILE D 350 21.08 -41.15 18.68
CA ILE D 350 20.08 -40.25 18.11
C ILE D 350 20.56 -38.83 18.37
N VAL D 351 20.82 -38.08 17.29
CA VAL D 351 21.22 -36.68 17.39
C VAL D 351 19.95 -35.85 17.64
N LYS D 352 19.94 -35.14 18.77
CA LYS D 352 18.76 -34.42 19.24
C LYS D 352 18.85 -32.93 18.92
N LEU D 353 20.03 -32.36 19.17
CA LEU D 353 20.29 -30.94 18.99
C LEU D 353 21.66 -30.70 18.36
N VAL D 354 21.76 -29.63 17.58
CA VAL D 354 23.04 -29.22 17.01
C VAL D 354 23.12 -27.70 16.90
N ALA D 355 24.32 -27.16 17.11
CA ALA D 355 24.58 -25.75 16.85
C ALA D 355 25.98 -25.61 16.27
N CYS D 356 26.14 -24.70 15.31
CA CYS D 356 27.39 -24.53 14.60
C CYS D 356 27.92 -23.11 14.78
N GLY D 357 29.21 -23.00 15.09
CA GLY D 357 29.85 -21.71 15.31
C GLY D 357 30.88 -21.38 14.26
N GLY D 358 31.81 -20.50 14.62
CA GLY D 358 32.87 -20.06 13.70
C GLY D 358 33.90 -21.13 13.42
N CYS D 359 34.43 -21.74 14.46
CA CYS D 359 35.47 -22.77 14.32
C CYS D 359 35.11 -24.04 15.08
N HIS D 360 33.84 -24.17 15.46
CA HIS D 360 33.40 -25.27 16.30
C HIS D 360 31.95 -25.66 16.06
N MET D 361 31.57 -26.79 16.66
CA MET D 361 30.21 -27.31 16.58
C MET D 361 29.91 -28.08 17.86
N VAL D 362 28.67 -27.96 18.33
CA VAL D 362 28.24 -28.63 19.55
C VAL D 362 26.99 -29.46 19.25
N VAL D 363 26.99 -30.71 19.71
CA VAL D 363 25.91 -31.65 19.39
C VAL D 363 25.47 -32.39 20.63
N PHE D 364 24.15 -32.47 20.83
CA PHE D 364 23.59 -33.29 21.89
C PHE D 364 23.01 -34.56 21.28
N ALA D 365 23.51 -35.71 21.73
CA ALA D 365 23.11 -37.00 21.18
C ALA D 365 22.92 -38.03 22.28
N ALA D 366 21.92 -38.89 22.10
CA ALA D 366 21.60 -39.93 23.08
C ALA D 366 21.81 -41.31 22.47
N PRO D 367 22.44 -42.23 23.22
CA PRO D 367 22.70 -43.55 22.68
C PRO D 367 21.45 -44.41 22.60
N HIS D 368 21.45 -45.37 21.66
CA HIS D 368 20.44 -46.42 21.65
C HIS D 368 20.60 -47.28 22.90
N ARG D 369 19.50 -47.58 23.58
CA ARG D 369 19.53 -48.40 24.78
C ARG D 369 18.54 -49.57 24.71
#